data_6EBN
#
_entry.id   6EBN
#
_cell.length_a   238.723
_cell.length_b   143.570
_cell.length_c   71.408
_cell.angle_alpha   90.000
_cell.angle_beta   92.775
_cell.angle_gamma   90.000
#
_symmetry.space_group_name_H-M   'C 1 2 1'
#
loop_
_entity.id
_entity.type
_entity.pdbx_description
1 polymer 'non canonical aromatic amino acid decarboxylase'
2 non-polymer GLYCEROL
3 non-polymer 'FORMIC ACID'
4 non-polymer 'SODIUM ION'
5 water water
#
_entity_poly.entity_id   1
_entity_poly.type   'polypeptide(L)'
_entity_poly.pdbx_seq_one_letter_code
;MPSSHPHITHRYRVPSSDDHERISALFLGPKAENAAFLQQWLTTVVAQQKAARDAYFPDDNAFITTDMQTSPAFAQTTKV
IASNLTELLTALGERSIPFFSPRYSGHMSVDQSLPAILGFLSTTFYNPNNVAFEASPFTTLIEEEVGLQLSEMLGYNRLN
NTEKPLAWGHIASGGTVANLEAMWAARNLKFYPLSLRDASAEGAEMEFIRDTFSVKTCVGDKKLLKDCSPWELLNLHVST
ILDMPDRLHDEYNISPQFLEKVMRKYIIQSTNKDTLMQRWGLTQQPVVLSPSTNHYSWPKAAAVLGIGSDNLRNVPVDIQ
AHMDINELDRMLKICLDEETPVYQVVAVIGTTEEGGVDRITEILKLRQKYEALGLSFAIHADAAWGGYFATMLPKDTLGR
NRTRLPKEDTTSGFVPHVGLREESALQLSHIKYADSITIDPH(LLP)AGYVPYPAGALCYRDGRMRYLLTWSAPYLAQGN
EGQSIGIYGIEGSKPGAAASAVFMAHETIGLTPSGYGNLLGQAMFTCRRYAAHWSAMSTDTTSFTVTPFNPIPADIDPNA
DPAKVEEQKQFIRDRILFKSNEEIYNDSEAMELLHQLGSDLNINVFACNFRDRDNNLNTDVEEANWLNNRIFQRFSVTSA
EENPLETPFFLSSTTLKQSEYGVCATEVKRRMGLVGDQDVIVLRNVVMSPFTTTNDFVGTLANTFQKIVEEEVEYARIRN
DMKPSIHTFLLHGSGEQYYLVHTPTIHMASGRRQIILSVNVEGQVRQAIHAHERVEAVIVHNTVPLRLDEIVDGGSFDGI
LTIGKRKTSFKVKISNIKVVKKRSLMTEDLESAYPSLMPFYFYGTQGHAHLDHVITVVPNIHLSAGEIQYKFDDEVSSED
LAKGLIVVAENVHEASMQPFPLMKDFKITNQFFFSSGQILRVKVYRDPYPASTMDPIPLHDIKNQPVVTQGTITLVGNIY
VDSDALNVASEPTADEDAAHVPHARNMYGEMTAGTIKGWQNAVRHFHNKLETVAPTK
;
_entity_poly.pdbx_strand_id   A,B
#
loop_
_chem_comp.id
_chem_comp.type
_chem_comp.name
_chem_comp.formula
FMT non-polymer 'FORMIC ACID' 'C H2 O2'
GOL non-polymer GLYCEROL 'C3 H8 O3'
NA non-polymer 'SODIUM ION' 'Na 1'
#
# COMPACT_ATOMS: atom_id res chain seq x y z
N VAL A 14 -9.41 31.63 38.75
CA VAL A 14 -8.56 30.55 39.26
C VAL A 14 -8.53 29.38 38.28
N PRO A 15 -7.35 29.07 37.76
CA PRO A 15 -7.27 28.05 36.72
C PRO A 15 -7.47 26.65 37.27
N SER A 16 -8.14 25.81 36.47
CA SER A 16 -8.49 24.45 36.85
C SER A 16 -7.47 23.46 36.30
N SER A 17 -7.10 22.48 37.13
CA SER A 17 -6.20 21.42 36.72
C SER A 17 -6.93 20.24 36.07
N ASP A 18 -8.27 20.25 36.08
CA ASP A 18 -9.02 19.06 35.69
C ASP A 18 -8.74 18.64 34.25
N ASP A 19 -8.76 19.58 33.31
CA ASP A 19 -8.61 19.15 31.91
C ASP A 19 -7.24 18.55 31.65
N HIS A 20 -6.19 19.01 32.34
CA HIS A 20 -4.89 18.37 32.15
C HIS A 20 -4.85 17.02 32.83
N GLU A 21 -5.42 16.93 34.03
CA GLU A 21 -5.48 15.63 34.72
C GLU A 21 -6.24 14.61 33.89
N ARG A 22 -7.26 15.06 33.14
CA ARG A 22 -8.07 14.12 32.38
C ARG A 22 -7.24 13.44 31.30
N ILE A 23 -6.34 14.18 30.64
CA ILE A 23 -5.60 13.56 29.56
C ILE A 23 -4.28 12.95 30.04
N SER A 24 -3.83 13.31 31.25
CA SER A 24 -2.61 12.71 31.78
C SER A 24 -2.74 11.20 31.99
N ALA A 25 -3.97 10.70 32.20
CA ALA A 25 -4.21 9.27 32.42
C ALA A 25 -4.21 8.46 31.13
N LEU A 26 -4.07 9.11 29.99
CA LEU A 26 -4.14 8.46 28.68
C LEU A 26 -2.81 7.91 28.20
N PHE A 27 -1.71 8.23 28.90
CA PHE A 27 -0.36 7.91 28.42
C PHE A 27 0.41 7.20 29.52
N LEU A 28 1.33 6.33 29.09
CA LEU A 28 2.21 5.70 30.07
C LEU A 28 3.02 6.77 30.80
N GLY A 29 3.45 7.81 30.10
CA GLY A 29 4.00 8.97 30.76
C GLY A 29 5.49 9.15 30.52
N PRO A 30 5.97 10.40 30.61
CA PRO A 30 7.39 10.68 30.39
C PRO A 30 8.31 9.84 31.25
N LYS A 31 7.88 9.52 32.47
CA LYS A 31 8.62 8.64 33.36
C LYS A 31 7.85 7.37 33.67
N ALA A 32 6.95 6.95 32.78
CA ALA A 32 6.11 5.78 33.03
C ALA A 32 5.35 5.92 34.36
N GLU A 33 4.95 7.15 34.68
CA GLU A 33 4.28 7.36 35.96
C GLU A 33 3.05 6.47 36.10
N ASN A 34 2.43 6.07 34.99
CA ASN A 34 1.18 5.32 35.03
C ASN A 34 1.39 3.81 34.86
N ALA A 35 2.60 3.30 35.15
CA ALA A 35 2.88 1.89 34.90
C ALA A 35 1.99 0.95 35.72
N ALA A 36 1.63 1.30 36.95
CA ALA A 36 0.74 0.41 37.73
C ALA A 36 -0.65 0.31 37.09
N PHE A 37 -1.18 1.41 36.54
CA PHE A 37 -2.45 1.31 35.81
C PHE A 37 -2.32 0.39 34.60
N LEU A 38 -1.26 0.56 33.82
CA LEU A 38 -1.05 -0.30 32.67
C LEU A 38 -0.95 -1.76 33.08
N GLN A 39 -0.22 -2.04 34.17
CA GLN A 39 -0.10 -3.42 34.64
C GLN A 39 -1.46 -4.03 34.95
N GLN A 40 -2.34 -3.27 35.59
N GLN A 40 -2.33 -3.27 35.61
CA GLN A 40 -3.66 -3.85 35.87
CA GLN A 40 -3.69 -3.72 35.88
C GLN A 40 -4.46 -4.07 34.58
C GLN A 40 -4.42 -4.05 34.59
N TRP A 41 -4.36 -3.14 33.61
CA TRP A 41 -5.10 -3.35 32.37
C TRP A 41 -4.58 -4.56 31.60
N LEU A 42 -3.26 -4.75 31.57
CA LEU A 42 -2.70 -5.94 30.91
C LEU A 42 -3.16 -7.21 31.62
N THR A 43 -3.18 -7.19 32.95
CA THR A 43 -3.70 -8.36 33.68
C THR A 43 -5.13 -8.65 33.28
N THR A 44 -5.96 -7.60 33.16
CA THR A 44 -7.34 -7.79 32.69
C THR A 44 -7.38 -8.38 31.27
N VAL A 45 -6.50 -7.91 30.38
CA VAL A 45 -6.45 -8.49 29.04
C VAL A 45 -6.22 -10.00 29.11
N VAL A 46 -5.25 -10.43 29.93
CA VAL A 46 -4.94 -11.87 30.00
C VAL A 46 -6.12 -12.65 30.57
N ALA A 47 -6.71 -12.13 31.62
CA ALA A 47 -7.82 -12.79 32.25
C ALA A 47 -8.96 -12.97 31.29
N GLN A 48 -9.23 -11.96 30.48
CA GLN A 48 -10.31 -12.05 29.54
C GLN A 48 -10.01 -12.98 28.37
N GLN A 49 -8.78 -13.01 27.92
CA GLN A 49 -8.41 -13.99 26.89
C GLN A 49 -8.67 -15.41 27.40
N LYS A 50 -8.29 -15.69 28.66
CA LYS A 50 -8.57 -17.00 29.22
C LYS A 50 -10.07 -17.28 29.34
N ALA A 51 -10.82 -16.35 29.89
CA ALA A 51 -12.27 -16.55 30.00
C ALA A 51 -12.88 -16.82 28.63
N ALA A 52 -12.44 -16.08 27.61
CA ALA A 52 -12.98 -16.24 26.26
C ALA A 52 -12.64 -17.60 25.66
N ARG A 53 -11.36 -18.03 25.78
CA ARG A 53 -11.01 -19.33 25.20
C ARG A 53 -11.64 -20.49 25.98
N ASP A 54 -11.85 -20.33 27.29
CA ASP A 54 -12.62 -21.32 28.05
C ASP A 54 -14.08 -21.38 27.58
N ALA A 55 -14.68 -20.23 27.28
CA ALA A 55 -16.10 -20.19 26.92
C ALA A 55 -16.41 -20.85 25.58
N TYR A 56 -15.44 -20.95 24.68
CA TYR A 56 -15.68 -21.61 23.40
C TYR A 56 -15.55 -23.12 23.59
N PHE A 57 -16.66 -23.84 23.48
CA PHE A 57 -16.80 -25.27 23.77
C PHE A 57 -16.15 -25.59 25.11
N PRO A 58 -16.84 -25.24 26.21
CA PRO A 58 -16.25 -25.43 27.54
C PRO A 58 -15.88 -26.87 27.86
N ASP A 59 -16.49 -27.86 27.22
CA ASP A 59 -16.17 -29.25 27.56
C ASP A 59 -14.91 -29.76 26.87
N ASP A 60 -14.37 -29.02 25.90
CA ASP A 60 -13.06 -29.36 25.35
C ASP A 60 -12.04 -29.31 26.46
N ASN A 61 -11.18 -30.32 26.53
CA ASN A 61 -10.11 -30.33 27.51
C ASN A 61 -8.87 -29.64 26.95
N ALA A 62 -7.89 -29.47 27.82
CA ALA A 62 -6.63 -28.82 27.44
C ALA A 62 -5.94 -29.60 26.32
N PHE A 63 -5.32 -28.86 25.41
CA PHE A 63 -4.38 -29.43 24.46
C PHE A 63 -2.94 -29.35 24.95
N ILE A 64 -2.63 -28.36 25.79
CA ILE A 64 -1.30 -28.15 26.38
C ILE A 64 -1.44 -28.47 27.86
N THR A 65 -0.93 -29.62 28.28
CA THR A 65 -1.10 -30.08 29.65
C THR A 65 0.03 -29.61 30.56
N THR A 66 -0.17 -29.82 31.87
CA THR A 66 0.84 -29.46 32.86
C THR A 66 2.13 -30.26 32.64
N ASP A 67 2.01 -31.53 32.28
CA ASP A 67 3.23 -32.30 32.04
C ASP A 67 3.99 -31.77 30.83
N MET A 68 3.27 -31.31 29.81
CA MET A 68 3.97 -30.68 28.69
C MET A 68 4.69 -29.41 29.14
N GLN A 69 4.03 -28.60 29.99
CA GLN A 69 4.57 -27.29 30.38
C GLN A 69 5.80 -27.38 31.26
N THR A 70 5.99 -28.49 31.96
CA THR A 70 7.16 -28.67 32.79
C THR A 70 8.19 -29.58 32.14
N SER A 71 8.01 -29.95 30.86
CA SER A 71 8.98 -30.81 30.20
C SER A 71 10.22 -29.99 29.83
N PRO A 72 11.38 -30.63 29.68
CA PRO A 72 12.58 -29.82 29.41
C PRO A 72 12.52 -29.05 28.10
N ALA A 73 11.92 -29.58 27.05
CA ALA A 73 11.85 -28.82 25.80
C ALA A 73 10.94 -27.60 25.92
N PHE A 74 9.80 -27.76 26.61
CA PHE A 74 8.91 -26.62 26.82
C PHE A 74 9.62 -25.54 27.64
N ALA A 75 10.26 -25.94 28.75
CA ALA A 75 10.96 -24.97 29.59
C ALA A 75 12.06 -24.29 28.80
N GLN A 76 12.73 -25.01 27.91
N GLN A 76 12.74 -25.02 27.93
CA GLN A 76 13.77 -24.36 27.11
CA GLN A 76 13.76 -24.42 27.08
C GLN A 76 13.18 -23.31 26.18
C GLN A 76 13.16 -23.33 26.20
N THR A 77 12.03 -23.61 25.55
CA THR A 77 11.40 -22.60 24.72
C THR A 77 11.00 -21.38 25.57
N THR A 78 10.49 -21.59 26.79
CA THR A 78 10.07 -20.41 27.55
C THR A 78 11.28 -19.58 27.95
N LYS A 79 12.41 -20.24 28.27
CA LYS A 79 13.63 -19.51 28.58
C LYS A 79 14.13 -18.72 27.39
N VAL A 80 14.01 -19.28 26.18
CA VAL A 80 14.40 -18.55 24.98
C VAL A 80 13.50 -17.33 24.77
N ILE A 81 12.19 -17.49 24.95
CA ILE A 81 11.27 -16.35 24.83
C ILE A 81 11.66 -15.27 25.82
N ALA A 82 11.84 -15.63 27.10
CA ALA A 82 12.18 -14.66 28.13
C ALA A 82 13.50 -13.94 27.81
N SER A 83 14.49 -14.69 27.33
CA SER A 83 15.80 -14.13 27.02
C SER A 83 15.73 -13.16 25.84
N ASN A 84 15.06 -13.56 24.77
CA ASN A 84 14.89 -12.69 23.62
C ASN A 84 14.08 -11.45 23.98
N LEU A 85 13.06 -11.62 24.81
CA LEU A 85 12.23 -10.49 25.20
C LEU A 85 13.04 -9.47 25.99
N THR A 86 13.78 -9.92 27.02
CA THR A 86 14.59 -8.98 27.78
C THR A 86 15.66 -8.32 26.91
N GLU A 87 16.28 -9.09 26.01
CA GLU A 87 17.25 -8.45 25.13
C GLU A 87 16.59 -7.38 24.27
N LEU A 88 15.43 -7.69 23.69
CA LEU A 88 14.73 -6.69 22.87
C LEU A 88 14.39 -5.46 23.69
N LEU A 89 13.86 -5.64 24.88
CA LEU A 89 13.42 -4.49 25.68
C LEU A 89 14.60 -3.61 26.08
N THR A 90 15.70 -4.24 26.51
CA THR A 90 16.92 -3.52 26.86
C THR A 90 17.43 -2.73 25.67
N ALA A 91 17.50 -3.37 24.50
CA ALA A 91 17.99 -2.67 23.32
C ALA A 91 17.03 -1.55 22.90
N LEU A 92 15.71 -1.78 22.93
CA LEU A 92 14.77 -0.73 22.57
C LEU A 92 14.99 0.49 23.46
N GLY A 93 15.14 0.24 24.77
CA GLY A 93 15.33 1.33 25.71
C GLY A 93 16.63 2.10 25.51
N GLU A 94 17.71 1.40 25.14
CA GLU A 94 19.00 2.06 24.96
C GLU A 94 19.18 2.67 23.57
N ARG A 95 18.43 2.22 22.57
CA ARG A 95 18.74 2.58 21.19
C ARG A 95 17.63 3.29 20.44
N SER A 96 16.42 3.41 20.98
CA SER A 96 15.34 4.10 20.29
C SER A 96 15.30 5.58 20.68
N ILE A 97 14.64 6.37 19.83
CA ILE A 97 14.37 7.77 20.16
C ILE A 97 13.34 7.83 21.28
N PRO A 98 13.58 8.58 22.34
CA PRO A 98 12.60 8.67 23.45
C PRO A 98 11.46 9.64 23.17
N PHE A 99 10.59 9.24 22.21
CA PHE A 99 9.41 10.04 21.90
C PHE A 99 8.56 10.29 23.14
N PHE A 100 8.67 9.42 24.16
CA PHE A 100 7.84 9.50 25.34
C PHE A 100 8.18 10.72 26.19
N SER A 101 9.37 11.28 26.01
CA SER A 101 9.78 12.41 26.82
C SER A 101 9.39 13.73 26.14
N PRO A 102 8.96 14.74 26.91
CA PRO A 102 8.74 16.06 26.31
C PRO A 102 10.02 16.70 25.81
N ARG A 103 11.20 16.17 26.17
CA ARG A 103 12.42 16.61 25.50
C ARG A 103 12.35 16.34 24.00
N TYR A 104 11.49 15.43 23.55
CA TYR A 104 11.35 15.17 22.12
C TYR A 104 10.32 16.11 21.52
N SER A 105 10.70 16.84 20.48
CA SER A 105 9.72 17.69 19.80
C SER A 105 10.15 17.93 18.36
N GLY A 106 10.42 16.85 17.63
CA GLY A 106 10.96 17.00 16.29
C GLY A 106 9.97 16.67 15.20
N HIS A 107 9.79 15.37 14.95
CA HIS A 107 8.83 14.89 13.97
C HIS A 107 7.48 14.67 14.64
N MET A 108 6.55 14.11 13.86
CA MET A 108 5.20 13.82 14.36
C MET A 108 5.22 12.51 15.14
N SER A 109 5.90 12.55 16.29
CA SER A 109 6.08 11.38 17.16
C SER A 109 5.96 11.84 18.60
N VAL A 110 5.40 10.96 19.43
CA VAL A 110 5.02 11.31 20.80
C VAL A 110 4.60 10.02 21.48
N ASP A 111 4.53 10.04 22.81
CA ASP A 111 3.93 8.93 23.57
C ASP A 111 2.51 8.70 23.05
N GLN A 112 2.19 7.44 22.74
CA GLN A 112 0.90 7.08 22.14
C GLN A 112 -0.14 6.78 23.22
N SER A 113 -1.43 6.84 22.86
CA SER A 113 -2.46 6.64 23.87
C SER A 113 -2.55 5.18 24.32
N LEU A 114 -2.67 4.98 25.64
CA LEU A 114 -2.85 3.62 26.16
C LEU A 114 -4.15 2.95 25.69
N PRO A 115 -5.28 3.65 25.56
CA PRO A 115 -6.48 2.98 25.01
C PRO A 115 -6.22 2.37 23.65
N ALA A 116 -5.47 3.04 22.78
CA ALA A 116 -5.15 2.52 21.46
C ALA A 116 -4.25 1.30 21.55
N ILE A 117 -3.17 1.41 22.32
CA ILE A 117 -2.25 0.27 22.49
C ILE A 117 -3.03 -0.93 23.02
N LEU A 118 -3.94 -0.70 23.97
CA LEU A 118 -4.69 -1.81 24.57
C LEU A 118 -5.73 -2.39 23.61
N GLY A 119 -6.37 -1.55 22.79
CA GLY A 119 -7.28 -2.09 21.77
C GLY A 119 -6.56 -2.98 20.76
N PHE A 120 -5.41 -2.52 20.29
CA PHE A 120 -4.62 -3.35 19.38
C PHE A 120 -4.20 -4.66 20.03
N LEU A 121 -3.62 -4.59 21.24
CA LEU A 121 -3.18 -5.81 21.90
C LEU A 121 -4.34 -6.77 22.14
N SER A 122 -5.44 -6.27 22.71
CA SER A 122 -6.60 -7.09 22.98
C SER A 122 -7.04 -7.84 21.72
N THR A 123 -6.95 -7.17 20.56
CA THR A 123 -7.47 -7.77 19.35
C THR A 123 -6.49 -8.72 18.66
N THR A 124 -5.16 -8.49 18.79
CA THR A 124 -4.23 -9.38 18.08
C THR A 124 -4.30 -10.81 18.59
N PHE A 125 -4.75 -11.04 19.83
CA PHE A 125 -4.92 -12.42 20.27
C PHE A 125 -5.98 -13.15 19.46
N TYR A 126 -6.93 -12.42 18.87
CA TYR A 126 -7.89 -12.99 17.95
C TYR A 126 -7.46 -12.88 16.49
N ASN A 127 -6.46 -12.03 16.18
CA ASN A 127 -5.88 -11.79 14.86
C ASN A 127 -6.94 -11.74 13.74
N PRO A 128 -8.01 -10.96 13.89
CA PRO A 128 -9.00 -10.90 12.82
C PRO A 128 -8.43 -10.25 11.57
N ASN A 129 -8.92 -10.68 10.42
CA ASN A 129 -8.42 -10.22 9.11
C ASN A 129 -9.56 -9.48 8.40
N ASN A 130 -9.46 -8.15 8.33
CA ASN A 130 -10.58 -7.34 7.82
C ASN A 130 -10.71 -7.37 6.29
N VAL A 131 -9.94 -8.19 5.58
CA VAL A 131 -10.16 -8.33 4.14
C VAL A 131 -11.50 -8.98 3.84
N ALA A 132 -12.00 -9.82 4.75
CA ALA A 132 -13.21 -10.57 4.48
C ALA A 132 -14.01 -10.68 5.77
N PHE A 133 -15.33 -10.48 5.65
CA PHE A 133 -16.20 -10.52 6.82
C PHE A 133 -16.08 -11.86 7.57
N GLU A 134 -16.02 -12.96 6.84
CA GLU A 134 -16.02 -14.24 7.52
C GLU A 134 -14.74 -14.47 8.30
N ALA A 135 -13.72 -13.62 8.12
CA ALA A 135 -12.53 -13.67 8.94
C ALA A 135 -12.52 -12.56 9.99
N SER A 136 -13.57 -11.78 10.05
CA SER A 136 -13.57 -10.63 10.94
C SER A 136 -14.98 -10.12 11.17
N PRO A 137 -15.91 -10.98 11.60
CA PRO A 137 -17.31 -10.57 11.73
C PRO A 137 -17.52 -9.43 12.70
N PHE A 138 -16.63 -9.26 13.67
CA PHE A 138 -16.74 -8.16 14.62
C PHE A 138 -15.90 -6.96 14.20
N THR A 139 -14.62 -7.15 13.85
CA THR A 139 -13.82 -5.97 13.59
C THR A 139 -14.09 -5.35 12.22
N THR A 140 -14.78 -6.03 11.29
CA THR A 140 -15.28 -5.34 10.10
C THR A 140 -16.30 -4.27 10.49
N LEU A 141 -17.20 -4.62 11.41
CA LEU A 141 -18.18 -3.63 11.88
C LEU A 141 -17.50 -2.50 12.62
N ILE A 142 -16.48 -2.82 13.43
CA ILE A 142 -15.72 -1.78 14.13
C ILE A 142 -15.09 -0.84 13.12
N GLU A 143 -14.43 -1.39 12.08
CA GLU A 143 -13.78 -0.54 11.11
C GLU A 143 -14.77 0.34 10.34
N GLU A 144 -15.92 -0.21 9.94
CA GLU A 144 -16.94 0.63 9.31
C GLU A 144 -17.37 1.75 10.24
N GLU A 145 -17.60 1.43 11.51
CA GLU A 145 -18.00 2.47 12.46
C GLU A 145 -16.91 3.51 12.63
N VAL A 146 -15.64 3.11 12.63
CA VAL A 146 -14.55 4.08 12.73
C VAL A 146 -14.56 4.99 11.50
N GLY A 147 -14.77 4.42 10.32
CA GLY A 147 -14.84 5.26 9.12
C GLY A 147 -15.93 6.31 9.21
N LEU A 148 -17.10 5.91 9.72
CA LEU A 148 -18.21 6.87 9.84
C LEU A 148 -17.97 7.88 10.96
N GLN A 149 -17.28 7.47 12.02
CA GLN A 149 -16.88 8.40 13.08
C GLN A 149 -15.97 9.49 12.53
N LEU A 150 -14.92 9.08 11.81
CA LEU A 150 -14.05 10.06 11.17
C LEU A 150 -14.83 10.96 10.22
N SER A 151 -15.67 10.35 9.37
CA SER A 151 -16.47 11.13 8.42
C SER A 151 -17.29 12.19 9.12
N GLU A 152 -18.02 11.80 10.17
CA GLU A 152 -18.88 12.76 10.87
C GLU A 152 -18.03 13.83 11.55
N MET A 153 -16.91 13.45 12.15
CA MET A 153 -16.06 14.44 12.79
C MET A 153 -15.59 15.49 11.78
N LEU A 154 -15.21 15.05 10.57
CA LEU A 154 -14.75 15.94 9.51
C LEU A 154 -15.88 16.76 8.86
N GLY A 155 -17.15 16.52 9.21
CA GLY A 155 -18.28 17.27 8.70
C GLY A 155 -19.07 16.55 7.61
N TYR A 156 -18.64 15.36 7.22
CA TYR A 156 -19.42 14.57 6.27
C TYR A 156 -20.70 14.05 6.93
N ASN A 157 -21.58 13.47 6.12
CA ASN A 157 -22.85 12.92 6.59
C ASN A 157 -22.77 11.39 6.71
N ARG A 158 -23.17 10.88 7.89
CA ARG A 158 -23.21 9.44 8.11
C ARG A 158 -24.64 8.90 8.21
N LEU A 159 -25.65 9.73 8.03
CA LEU A 159 -27.04 9.29 8.12
C LEU A 159 -27.55 8.77 6.78
N ASN A 160 -28.27 7.66 6.85
CA ASN A 160 -28.95 7.13 5.69
C ASN A 160 -30.22 7.92 5.41
N ASN A 161 -30.74 7.71 4.20
CA ASN A 161 -32.04 8.26 3.80
C ASN A 161 -32.14 9.74 4.15
N THR A 162 -31.16 10.51 3.72
CA THR A 162 -31.27 11.96 3.73
C THR A 162 -30.95 12.46 2.35
N GLU A 163 -30.92 13.79 2.20
CA GLU A 163 -30.55 14.38 0.92
C GLU A 163 -29.04 14.46 0.74
N LYS A 164 -28.29 14.38 1.83
CA LYS A 164 -26.86 14.43 1.68
C LYS A 164 -26.30 13.07 1.24
N PRO A 165 -25.21 13.07 0.49
CA PRO A 165 -24.56 11.80 0.17
C PRO A 165 -24.15 11.07 1.44
N LEU A 166 -24.08 9.74 1.35
CA LEU A 166 -23.71 8.93 2.50
C LEU A 166 -22.21 8.69 2.43
N ALA A 167 -21.48 9.20 3.42
CA ALA A 167 -20.03 9.04 3.41
C ALA A 167 -19.63 7.61 3.73
N TRP A 168 -18.36 7.30 3.45
CA TRP A 168 -17.80 6.00 3.83
C TRP A 168 -16.32 6.19 4.12
N GLY A 169 -15.79 5.49 5.10
CA GLY A 169 -14.39 5.57 5.42
C GLY A 169 -13.81 4.23 5.81
N HIS A 170 -12.49 4.10 5.69
CA HIS A 170 -11.80 2.89 6.08
C HIS A 170 -10.39 3.16 6.56
N ILE A 171 -9.78 2.18 7.15
CA ILE A 171 -8.45 2.27 7.67
C ILE A 171 -7.48 1.72 6.64
N ALA A 172 -6.38 2.40 6.44
CA ALA A 172 -5.33 1.90 5.56
C ALA A 172 -4.03 1.88 6.34
N SER A 173 -2.98 1.36 5.71
CA SER A 173 -1.72 1.28 6.44
C SER A 173 -1.18 2.65 6.79
N GLY A 174 -1.61 3.71 6.10
CA GLY A 174 -1.06 5.04 6.35
C GLY A 174 -1.65 6.02 5.36
N GLY A 175 -1.30 7.29 5.54
CA GLY A 175 -1.80 8.31 4.64
C GLY A 175 -1.22 8.24 3.23
N THR A 176 -0.06 7.59 3.06
CA THR A 176 0.50 7.42 1.71
C THR A 176 -0.43 6.56 0.85
N VAL A 177 -0.87 5.42 1.40
CA VAL A 177 -1.83 4.58 0.69
C VAL A 177 -3.20 5.24 0.62
N ALA A 178 -3.62 6.00 1.64
CA ALA A 178 -4.89 6.73 1.49
C ALA A 178 -4.84 7.73 0.31
N ASN A 179 -3.74 8.48 0.19
CA ASN A 179 -3.62 9.42 -0.94
C ASN A 179 -3.58 8.68 -2.26
N LEU A 180 -2.88 7.53 -2.29
CA LEU A 180 -2.84 6.70 -3.49
C LEU A 180 -4.24 6.23 -3.89
N GLU A 181 -5.05 5.76 -2.93
CA GLU A 181 -6.42 5.35 -3.25
C GLU A 181 -7.25 6.54 -3.74
N ALA A 182 -7.13 7.68 -3.11
CA ALA A 182 -7.90 8.84 -3.57
C ALA A 182 -7.54 9.22 -4.99
N MET A 183 -6.26 9.14 -5.35
CA MET A 183 -5.87 9.49 -6.72
C MET A 183 -6.31 8.41 -7.71
N TRP A 184 -6.22 7.14 -7.29
CA TRP A 184 -6.71 6.03 -8.10
C TRP A 184 -8.22 6.16 -8.39
N ALA A 185 -9.01 6.48 -7.35
CA ALA A 185 -10.44 6.73 -7.52
C ALA A 185 -10.66 7.89 -8.47
N ALA A 186 -9.89 8.98 -8.34
CA ALA A 186 -10.08 10.14 -9.22
C ALA A 186 -9.72 9.82 -10.67
N ARG A 187 -8.65 9.04 -10.87
CA ARG A 187 -8.26 8.59 -12.21
C ARG A 187 -9.39 7.79 -12.86
N ASN A 188 -9.91 6.75 -12.14
CA ASN A 188 -10.99 5.93 -12.74
C ASN A 188 -12.31 6.69 -12.88
N LEU A 189 -12.58 7.62 -11.96
CA LEU A 189 -13.78 8.44 -12.05
C LEU A 189 -13.77 9.23 -13.35
N LYS A 190 -12.63 9.88 -13.64
CA LYS A 190 -12.53 10.75 -14.82
C LYS A 190 -12.91 10.02 -16.10
N PHE A 191 -12.55 8.73 -16.21
CA PHE A 191 -12.78 8.02 -17.47
C PHE A 191 -14.06 7.19 -17.49
N TYR A 192 -14.74 7.02 -16.35
CA TYR A 192 -15.97 6.24 -16.35
C TYR A 192 -16.97 6.66 -17.42
N PRO A 193 -17.29 7.95 -17.61
CA PRO A 193 -18.33 8.30 -18.59
C PRO A 193 -17.94 7.95 -20.01
N LEU A 194 -16.64 8.02 -20.33
CA LEU A 194 -16.21 7.57 -21.65
C LEU A 194 -16.40 6.08 -21.81
N SER A 195 -16.10 5.31 -20.75
CA SER A 195 -16.33 3.89 -20.81
C SER A 195 -17.80 3.56 -21.00
N LEU A 196 -18.70 4.29 -20.27
CA LEU A 196 -20.12 4.00 -20.40
C LEU A 196 -20.63 4.38 -21.79
N ARG A 197 -20.08 5.49 -22.34
CA ARG A 197 -20.43 5.86 -23.71
C ARG A 197 -20.02 4.75 -24.67
N ASP A 198 -18.84 4.17 -24.45
CA ASP A 198 -18.41 3.05 -25.30
C ASP A 198 -19.33 1.85 -25.15
N ALA A 199 -19.74 1.57 -23.90
CA ALA A 199 -20.57 0.41 -23.63
C ALA A 199 -21.97 0.58 -24.16
N SER A 200 -22.36 1.82 -24.53
CA SER A 200 -23.67 2.07 -25.10
C SER A 200 -23.58 2.53 -26.56
N ALA A 201 -22.44 2.33 -27.20
CA ALA A 201 -22.30 2.64 -28.60
C ALA A 201 -23.05 1.61 -29.46
N GLU A 202 -23.28 1.95 -30.73
CA GLU A 202 -23.95 1.02 -31.63
C GLU A 202 -23.20 -0.31 -31.68
N GLY A 203 -23.94 -1.40 -31.50
CA GLY A 203 -23.37 -2.73 -31.45
C GLY A 203 -22.94 -3.18 -30.07
N ALA A 204 -22.92 -2.29 -29.08
CA ALA A 204 -22.46 -2.64 -27.76
C ALA A 204 -23.64 -3.08 -26.87
N GLU A 205 -23.32 -3.63 -25.69
CA GLU A 205 -24.36 -4.31 -24.92
C GLU A 205 -25.43 -3.36 -24.36
N MET A 206 -25.14 -2.08 -24.19
CA MET A 206 -26.16 -1.14 -23.70
C MET A 206 -26.56 -0.13 -24.80
N GLU A 207 -26.41 -0.54 -26.06
CA GLU A 207 -26.86 0.33 -27.15
C GLU A 207 -28.29 0.82 -26.93
N PHE A 208 -29.14 -0.01 -26.32
CA PHE A 208 -30.56 0.33 -26.20
C PHE A 208 -30.83 1.50 -25.29
N ILE A 209 -29.84 1.96 -24.51
CA ILE A 209 -30.08 3.15 -23.70
C ILE A 209 -29.70 4.43 -24.43
N ARG A 210 -28.99 4.35 -25.55
CA ARG A 210 -28.24 5.54 -26.01
C ARG A 210 -29.15 6.65 -26.51
N ASP A 211 -30.36 6.33 -26.95
CA ASP A 211 -31.25 7.39 -27.46
C ASP A 211 -32.05 8.08 -26.37
N THR A 212 -31.94 7.65 -25.12
CA THR A 212 -32.70 8.26 -24.04
C THR A 212 -31.85 8.61 -22.81
N PHE A 213 -30.64 8.08 -22.68
CA PHE A 213 -29.87 8.30 -21.46
C PHE A 213 -29.11 9.61 -21.54
N SER A 214 -29.48 10.55 -20.68
CA SER A 214 -28.93 11.90 -20.66
C SER A 214 -28.09 12.13 -19.41
N VAL A 215 -27.23 13.15 -19.50
CA VAL A 215 -26.49 13.66 -18.37
C VAL A 215 -26.57 15.18 -18.40
N LYS A 216 -26.30 15.78 -17.24
CA LYS A 216 -26.03 17.20 -17.15
C LYS A 216 -24.54 17.41 -17.41
N THR A 217 -24.22 18.22 -18.42
CA THR A 217 -22.83 18.59 -18.63
C THR A 217 -22.36 19.50 -17.51
N CYS A 218 -21.05 19.77 -17.53
CA CYS A 218 -20.43 20.56 -16.47
C CYS A 218 -21.15 21.89 -16.25
N VAL A 219 -21.51 22.60 -17.33
CA VAL A 219 -22.19 23.88 -17.17
C VAL A 219 -23.68 23.71 -16.89
N GLY A 220 -24.21 22.50 -16.94
CA GLY A 220 -25.60 22.25 -16.54
C GLY A 220 -26.59 21.93 -17.65
N ASP A 221 -26.17 21.79 -18.89
CA ASP A 221 -27.11 21.48 -19.97
C ASP A 221 -27.41 19.98 -20.02
N LYS A 222 -28.68 19.65 -20.28
CA LYS A 222 -29.08 18.25 -20.37
C LYS A 222 -28.85 17.76 -21.79
N LYS A 223 -28.01 16.75 -21.96
CA LYS A 223 -27.69 16.19 -23.27
C LYS A 223 -27.67 14.67 -23.18
N LEU A 224 -28.07 13.99 -24.25
CA LEU A 224 -27.77 12.55 -24.33
C LEU A 224 -26.28 12.33 -24.13
N LEU A 225 -25.92 11.30 -23.35
CA LEU A 225 -24.52 10.93 -23.17
C LEU A 225 -23.82 10.74 -24.51
N LYS A 226 -24.54 10.18 -25.49
CA LYS A 226 -23.94 9.90 -26.79
C LYS A 226 -23.69 11.17 -27.59
N ASP A 227 -24.29 12.30 -27.21
CA ASP A 227 -24.12 13.56 -27.93
C ASP A 227 -23.07 14.48 -27.32
N CYS A 228 -22.53 14.14 -26.15
CA CYS A 228 -21.48 14.94 -25.53
C CYS A 228 -20.18 14.79 -26.29
N SER A 229 -19.44 15.89 -26.40
CA SER A 229 -18.08 15.86 -26.91
C SER A 229 -17.18 15.14 -25.91
N PRO A 230 -16.00 14.67 -26.35
CA PRO A 230 -15.11 14.04 -25.37
C PRO A 230 -14.74 14.98 -24.25
N TRP A 231 -14.51 16.26 -24.55
CA TRP A 231 -14.21 17.24 -23.49
C TRP A 231 -15.35 17.33 -22.48
N GLU A 232 -16.60 17.39 -22.96
CA GLU A 232 -17.74 17.42 -22.03
C GLU A 232 -17.77 16.17 -21.16
N LEU A 233 -17.51 14.99 -21.75
CA LEU A 233 -17.55 13.78 -20.94
C LEU A 233 -16.44 13.79 -19.90
N LEU A 234 -15.30 14.41 -20.22
CA LEU A 234 -14.17 14.54 -19.28
C LEU A 234 -14.39 15.63 -18.24
N ASN A 235 -15.53 16.30 -18.22
CA ASN A 235 -15.73 17.31 -17.17
C ASN A 235 -17.09 17.18 -16.49
N LEU A 236 -17.67 15.99 -16.49
CA LEU A 236 -18.89 15.81 -15.70
C LEU A 236 -18.55 15.94 -14.22
N HIS A 237 -19.51 16.45 -13.44
CA HIS A 237 -19.29 16.60 -11.99
C HIS A 237 -19.22 15.24 -11.32
N VAL A 238 -18.53 15.21 -10.17
CA VAL A 238 -18.41 13.98 -9.39
C VAL A 238 -19.78 13.33 -9.18
N SER A 239 -20.75 14.09 -8.68
CA SER A 239 -22.06 13.49 -8.38
C SER A 239 -22.74 12.95 -9.63
N THR A 240 -22.58 13.67 -10.77
CA THR A 240 -23.13 13.19 -12.05
C THR A 240 -22.63 11.80 -12.37
N ILE A 241 -21.33 11.55 -12.14
CA ILE A 241 -20.73 10.28 -12.50
C ILE A 241 -21.12 9.20 -11.50
N LEU A 242 -21.01 9.50 -10.20
CA LEU A 242 -21.32 8.50 -9.18
C LEU A 242 -22.78 8.04 -9.25
N ASP A 243 -23.68 8.90 -9.77
CA ASP A 243 -25.09 8.55 -9.88
C ASP A 243 -25.38 7.56 -10.99
N MET A 244 -24.44 7.32 -11.91
CA MET A 244 -24.76 6.59 -13.13
C MET A 244 -25.27 5.18 -12.87
N PRO A 245 -24.63 4.34 -12.04
CA PRO A 245 -25.19 2.98 -11.81
C PRO A 245 -26.59 2.99 -11.24
N ASP A 246 -26.84 3.81 -10.21
CA ASP A 246 -28.20 3.91 -9.69
C ASP A 246 -29.17 4.37 -10.76
N ARG A 247 -28.77 5.31 -11.59
CA ARG A 247 -29.66 5.82 -12.61
C ARG A 247 -30.00 4.77 -13.62
N LEU A 248 -29.01 4.03 -14.05
CA LEU A 248 -29.28 2.95 -15.01
C LEU A 248 -30.25 1.94 -14.43
N HIS A 249 -30.09 1.60 -13.15
CA HIS A 249 -31.04 0.67 -12.54
C HIS A 249 -32.44 1.29 -12.46
N ASP A 250 -32.53 2.53 -11.98
CA ASP A 250 -33.85 3.15 -11.83
C ASP A 250 -34.53 3.36 -13.17
N GLU A 251 -33.77 3.70 -14.22
CA GLU A 251 -34.41 4.13 -15.46
C GLU A 251 -34.57 3.02 -16.49
N TYR A 252 -33.75 1.95 -16.46
CA TYR A 252 -33.91 0.84 -17.38
C TYR A 252 -34.03 -0.50 -16.67
N ASN A 253 -34.07 -0.50 -15.34
CA ASN A 253 -34.09 -1.74 -14.54
C ASN A 253 -32.84 -2.58 -14.80
N ILE A 254 -31.74 -1.94 -15.22
CA ILE A 254 -30.50 -2.66 -15.43
C ILE A 254 -29.93 -3.12 -14.09
N SER A 255 -29.50 -4.39 -14.02
CA SER A 255 -28.98 -4.93 -12.79
C SER A 255 -27.51 -4.54 -12.57
N PRO A 256 -27.08 -4.43 -11.30
CA PRO A 256 -25.66 -4.19 -11.05
C PRO A 256 -24.78 -5.32 -11.58
N GLN A 257 -25.26 -6.56 -11.53
CA GLN A 257 -24.46 -7.67 -12.06
C GLN A 257 -24.17 -7.50 -13.54
N PHE A 258 -25.22 -7.22 -14.32
CA PHE A 258 -25.03 -7.00 -15.75
C PHE A 258 -24.13 -5.79 -15.99
N LEU A 259 -24.39 -4.70 -15.28
CA LEU A 259 -23.59 -3.49 -15.51
C LEU A 259 -22.11 -3.77 -15.25
N GLU A 260 -21.78 -4.42 -14.13
CA GLU A 260 -20.40 -4.76 -13.83
C GLU A 260 -19.79 -5.60 -14.93
N LYS A 261 -20.50 -6.65 -15.33
CA LYS A 261 -19.92 -7.58 -16.30
C LYS A 261 -19.66 -6.86 -17.61
N VAL A 262 -20.64 -6.10 -18.09
CA VAL A 262 -20.48 -5.41 -19.37
C VAL A 262 -19.36 -4.37 -19.29
N MET A 263 -19.33 -3.61 -18.20
CA MET A 263 -18.36 -2.52 -18.12
C MET A 263 -16.93 -3.00 -17.95
N ARG A 264 -16.73 -4.24 -17.46
CA ARG A 264 -15.35 -4.73 -17.27
C ARG A 264 -14.50 -4.53 -18.52
N LYS A 265 -15.06 -4.75 -19.69
CA LYS A 265 -14.21 -4.64 -20.86
C LYS A 265 -13.96 -3.20 -21.31
N TYR A 266 -14.66 -2.20 -20.75
CA TYR A 266 -14.53 -0.83 -21.23
C TYR A 266 -13.84 0.11 -20.26
N ILE A 267 -13.68 -0.27 -18.99
CA ILE A 267 -13.13 0.63 -17.98
C ILE A 267 -11.62 0.52 -17.95
N ILE A 268 -10.99 1.59 -17.48
CA ILE A 268 -9.53 1.66 -17.58
C ILE A 268 -8.84 0.76 -16.55
N GLN A 269 -9.54 0.29 -15.51
CA GLN A 269 -8.99 -0.80 -14.69
C GLN A 269 -8.50 -1.93 -15.56
N SER A 270 -9.28 -2.24 -16.61
CA SER A 270 -8.99 -3.30 -17.57
C SER A 270 -8.09 -2.84 -18.72
N THR A 271 -8.43 -1.73 -19.40
CA THR A 271 -7.69 -1.39 -20.61
C THR A 271 -6.52 -0.45 -20.37
N ASN A 272 -6.47 0.20 -19.21
CA ASN A 272 -5.61 1.34 -18.91
C ASN A 272 -6.05 2.57 -19.69
N LYS A 273 -5.78 3.75 -19.13
CA LYS A 273 -6.33 4.99 -19.68
C LYS A 273 -5.74 5.33 -21.02
N ASP A 274 -4.55 4.83 -21.31
CA ASP A 274 -3.90 5.34 -22.50
C ASP A 274 -4.39 4.64 -23.76
N THR A 275 -4.76 3.36 -23.67
CA THR A 275 -5.41 2.76 -24.84
C THR A 275 -6.78 3.37 -25.06
N LEU A 276 -7.52 3.66 -23.99
CA LEU A 276 -8.80 4.33 -24.16
C LEU A 276 -8.60 5.70 -24.80
N MET A 277 -7.66 6.48 -24.27
CA MET A 277 -7.39 7.80 -24.83
C MET A 277 -7.06 7.73 -26.31
N GLN A 278 -6.20 6.78 -26.71
CA GLN A 278 -5.86 6.66 -28.13
C GLN A 278 -7.10 6.31 -28.95
N ARG A 279 -7.93 5.40 -28.47
CA ARG A 279 -9.16 5.11 -29.21
C ARG A 279 -10.04 6.35 -29.37
N TRP A 280 -10.05 7.24 -28.37
CA TRP A 280 -10.85 8.46 -28.47
C TRP A 280 -10.11 9.62 -29.14
N GLY A 281 -8.88 9.42 -29.58
CA GLY A 281 -8.15 10.53 -30.18
C GLY A 281 -7.75 11.60 -29.18
N LEU A 282 -7.61 11.25 -27.91
CA LEU A 282 -7.25 12.21 -26.88
C LEU A 282 -5.74 12.27 -26.72
N THR A 283 -5.19 13.48 -26.63
CA THR A 283 -3.74 13.65 -26.52
C THR A 283 -3.27 14.39 -25.28
N GLN A 284 -4.16 15.03 -24.52
CA GLN A 284 -3.78 15.74 -23.30
C GLN A 284 -3.91 14.80 -22.11
N GLN A 285 -2.79 14.49 -21.47
CA GLN A 285 -2.84 13.73 -20.23
C GLN A 285 -3.58 14.53 -19.17
N PRO A 286 -4.62 13.99 -18.53
CA PRO A 286 -5.20 14.66 -17.37
C PRO A 286 -4.17 14.82 -16.27
N VAL A 287 -4.37 15.84 -15.42
CA VAL A 287 -3.41 16.24 -14.43
C VAL A 287 -4.03 16.25 -13.06
N VAL A 288 -3.15 16.18 -12.06
CA VAL A 288 -3.46 16.48 -10.67
C VAL A 288 -2.77 17.80 -10.37
N LEU A 289 -3.50 18.72 -9.73
CA LEU A 289 -2.91 19.98 -9.32
C LEU A 289 -2.70 19.94 -7.84
N SER A 290 -1.50 20.27 -7.40
CA SER A 290 -1.15 20.07 -6.00
C SER A 290 -0.07 21.05 -5.60
N PRO A 291 -0.06 21.55 -4.37
CA PRO A 291 0.95 22.56 -4.02
C PRO A 291 2.38 22.03 -4.13
N SER A 292 3.28 22.95 -4.47
CA SER A 292 4.68 22.63 -4.76
C SER A 292 5.38 21.92 -3.63
N THR A 293 4.83 22.04 -2.43
CA THR A 293 5.41 21.48 -1.24
C THR A 293 4.66 20.24 -0.76
N ASN A 294 3.84 19.63 -1.61
CA ASN A 294 3.03 18.51 -1.18
C ASN A 294 3.93 17.37 -0.71
N HIS A 295 3.40 16.53 0.18
CA HIS A 295 4.10 15.33 0.64
C HIS A 295 4.49 14.44 -0.55
N TYR A 296 5.64 13.76 -0.41
N TYR A 296 5.63 13.77 -0.45
CA TYR A 296 6.18 12.85 -1.44
CA TYR A 296 6.09 12.99 -1.58
C TYR A 296 5.15 11.82 -1.91
C TYR A 296 5.15 11.83 -1.94
N SER A 297 4.20 11.47 -1.06
CA SER A 297 3.16 10.52 -1.47
C SER A 297 2.36 10.98 -2.71
N TRP A 298 2.35 12.28 -3.02
CA TRP A 298 1.58 12.73 -4.19
C TRP A 298 2.28 12.42 -5.54
N PRO A 299 3.51 12.89 -5.74
CA PRO A 299 4.24 12.50 -6.95
C PRO A 299 4.45 11.01 -7.02
N LYS A 300 4.62 10.36 -5.86
CA LYS A 300 4.76 8.91 -5.92
C LYS A 300 3.45 8.25 -6.38
N ALA A 301 2.29 8.70 -5.90
CA ALA A 301 1.06 8.10 -6.40
C ALA A 301 0.91 8.30 -7.90
N ALA A 302 1.22 9.50 -8.39
CA ALA A 302 1.11 9.71 -9.83
C ALA A 302 2.00 8.74 -10.58
N ALA A 303 3.23 8.55 -10.11
CA ALA A 303 4.15 7.61 -10.76
C ALA A 303 3.59 6.19 -10.70
N VAL A 304 3.09 5.78 -9.52
CA VAL A 304 2.53 4.43 -9.37
C VAL A 304 1.38 4.23 -10.36
N LEU A 305 0.45 5.19 -10.41
CA LEU A 305 -0.80 5.02 -11.15
C LEU A 305 -0.64 5.13 -12.66
N GLY A 306 0.57 5.34 -13.19
CA GLY A 306 0.73 5.46 -14.62
C GLY A 306 0.25 6.79 -15.16
N ILE A 307 -0.04 7.74 -14.27
CA ILE A 307 -0.25 9.14 -14.63
C ILE A 307 1.09 9.80 -14.94
N GLY A 308 2.10 9.50 -14.12
CA GLY A 308 3.45 10.04 -14.26
C GLY A 308 3.55 11.33 -13.47
N SER A 309 4.63 11.50 -12.69
CA SER A 309 4.76 12.72 -11.88
C SER A 309 4.87 13.97 -12.74
N ASP A 310 5.24 13.87 -14.02
CA ASP A 310 5.14 15.07 -14.87
C ASP A 310 3.72 15.61 -14.95
N ASN A 311 2.73 14.77 -14.70
CA ASN A 311 1.34 15.21 -14.82
C ASN A 311 0.73 15.48 -13.46
N LEU A 312 1.53 15.44 -12.40
CA LEU A 312 1.23 16.12 -11.16
C LEU A 312 1.80 17.53 -11.31
N ARG A 313 0.95 18.49 -11.63
CA ARG A 313 1.35 19.88 -11.86
C ARG A 313 1.38 20.62 -10.52
N ASN A 314 2.55 21.12 -10.15
CA ASN A 314 2.74 21.69 -8.82
C ASN A 314 2.41 23.16 -8.83
N VAL A 315 1.59 23.58 -7.88
CA VAL A 315 1.14 24.95 -7.76
C VAL A 315 2.08 25.66 -6.79
N PRO A 316 2.70 26.76 -7.19
CA PRO A 316 3.59 27.50 -6.28
C PRO A 316 2.83 27.98 -5.04
N VAL A 317 3.60 28.24 -3.98
CA VAL A 317 3.06 28.64 -2.70
C VAL A 317 3.34 30.13 -2.47
N ASP A 318 2.61 30.70 -1.51
CA ASP A 318 2.82 32.09 -1.16
C ASP A 318 3.83 32.17 0.00
N ILE A 319 4.08 33.38 0.50
CA ILE A 319 5.18 33.49 1.45
C ILE A 319 4.93 32.78 2.77
N GLN A 320 3.73 32.31 3.05
CA GLN A 320 3.49 31.49 4.22
C GLN A 320 3.24 30.04 3.85
N ALA A 321 3.71 29.62 2.68
CA ALA A 321 3.70 28.23 2.26
C ALA A 321 2.30 27.70 2.01
N HIS A 322 1.33 28.59 1.76
CA HIS A 322 0.02 28.16 1.32
C HIS A 322 -0.01 28.12 -0.20
N MET A 323 -0.73 27.14 -0.75
CA MET A 323 -0.96 27.14 -2.18
C MET A 323 -1.45 28.51 -2.64
N ASP A 324 -0.74 29.10 -3.60
CA ASP A 324 -1.10 30.41 -4.12
C ASP A 324 -2.36 30.29 -4.98
N ILE A 325 -3.48 30.85 -4.52
CA ILE A 325 -4.77 30.68 -5.17
C ILE A 325 -4.80 31.34 -6.55
N ASN A 326 -4.16 32.50 -6.70
CA ASN A 326 -4.09 33.15 -8.01
C ASN A 326 -3.31 32.30 -9.00
N GLU A 327 -2.24 31.62 -8.54
CA GLU A 327 -1.50 30.72 -9.41
C GLU A 327 -2.32 29.50 -9.78
N LEU A 328 -3.06 28.93 -8.84
CA LEU A 328 -3.98 27.86 -9.20
C LEU A 328 -4.97 28.33 -10.25
N ASP A 329 -5.53 29.53 -10.07
CA ASP A 329 -6.44 30.10 -11.07
C ASP A 329 -5.78 30.13 -12.46
N ARG A 330 -4.57 30.69 -12.53
N ARG A 330 -4.57 30.67 -12.54
CA ARG A 330 -3.85 30.76 -13.80
CA ARG A 330 -3.89 30.75 -13.84
C ARG A 330 -3.62 29.38 -14.41
C ARG A 330 -3.64 29.36 -14.42
N MET A 331 -3.29 28.39 -13.56
CA MET A 331 -3.03 27.03 -14.08
C MET A 331 -4.30 26.31 -14.50
N LEU A 332 -5.43 26.54 -13.81
CA LEU A 332 -6.71 26.00 -14.27
C LEU A 332 -7.11 26.64 -15.59
N LYS A 333 -6.84 27.94 -15.76
CA LYS A 333 -7.14 28.59 -17.04
C LYS A 333 -6.32 27.94 -18.16
N ILE A 334 -5.05 27.69 -17.90
CA ILE A 334 -4.25 26.98 -18.90
C ILE A 334 -4.90 25.63 -19.23
N CYS A 335 -5.31 24.88 -18.20
CA CYS A 335 -5.92 23.58 -18.47
C CYS A 335 -7.16 23.72 -19.32
N LEU A 336 -8.02 24.68 -18.96
CA LEU A 336 -9.23 24.93 -19.72
C LEU A 336 -8.92 25.23 -21.18
N ASP A 337 -7.98 26.15 -21.42
CA ASP A 337 -7.71 26.58 -22.79
C ASP A 337 -7.11 25.47 -23.64
N GLU A 338 -6.31 24.60 -23.05
CA GLU A 338 -5.65 23.54 -23.77
C GLU A 338 -6.46 22.24 -23.75
N GLU A 339 -7.68 22.27 -23.20
CA GLU A 339 -8.48 21.05 -22.98
C GLU A 339 -7.66 19.94 -22.35
N THR A 340 -7.01 20.26 -21.21
CA THR A 340 -6.37 19.25 -20.37
C THR A 340 -7.29 18.95 -19.19
N PRO A 341 -7.86 17.76 -19.09
CA PRO A 341 -8.76 17.46 -17.96
C PRO A 341 -8.01 17.53 -16.65
N VAL A 342 -8.72 17.80 -15.58
CA VAL A 342 -8.12 17.82 -14.22
C VAL A 342 -8.78 16.70 -13.41
N TYR A 343 -8.00 15.67 -13.04
CA TYR A 343 -8.49 14.63 -12.12
C TYR A 343 -8.91 15.24 -10.80
N GLN A 344 -8.07 16.11 -10.27
CA GLN A 344 -8.06 16.31 -8.84
C GLN A 344 -7.27 17.55 -8.51
N VAL A 345 -7.77 18.30 -7.54
CA VAL A 345 -7.01 19.38 -6.92
C VAL A 345 -6.84 19.01 -5.45
N VAL A 346 -5.61 19.08 -4.98
CA VAL A 346 -5.28 18.68 -3.63
C VAL A 346 -5.14 19.93 -2.80
N ALA A 347 -5.93 20.03 -1.74
CA ALA A 347 -5.78 21.04 -0.71
C ALA A 347 -5.07 20.41 0.48
N VAL A 348 -3.90 20.94 0.87
CA VAL A 348 -3.16 20.36 2.00
C VAL A 348 -3.61 21.06 3.27
N ILE A 349 -4.22 20.30 4.18
CA ILE A 349 -4.77 20.83 5.41
C ILE A 349 -3.85 20.42 6.56
N GLY A 350 -2.82 21.23 6.81
CA GLY A 350 -1.78 20.88 7.75
C GLY A 350 -0.57 20.37 7.01
N THR A 351 0.24 21.28 6.44
CA THR A 351 1.38 20.87 5.63
C THR A 351 2.40 20.13 6.50
N THR A 352 3.10 19.15 5.88
CA THR A 352 4.04 18.35 6.67
C THR A 352 5.13 19.22 7.29
N GLU A 353 5.69 20.13 6.50
N GLU A 353 5.71 20.11 6.48
CA GLU A 353 6.81 20.95 6.94
CA GLU A 353 6.83 20.94 6.94
C GLU A 353 6.53 22.13 7.86
C GLU A 353 6.53 22.13 7.86
N GLU A 354 5.42 22.81 7.64
CA GLU A 354 5.09 24.01 8.43
C GLU A 354 3.76 23.93 9.18
N GLY A 355 2.99 22.86 9.02
CA GLY A 355 1.65 22.80 9.64
C GLY A 355 0.70 23.85 9.12
N GLY A 356 0.90 24.31 7.88
CA GLY A 356 0.02 25.31 7.34
C GLY A 356 -1.25 24.72 6.75
N VAL A 357 -2.25 25.58 6.56
CA VAL A 357 -3.54 25.18 6.04
C VAL A 357 -3.78 25.94 4.74
N ASP A 358 -3.90 25.20 3.63
CA ASP A 358 -4.33 25.77 2.36
C ASP A 358 -5.74 26.32 2.48
N ARG A 359 -6.05 27.33 1.71
CA ARG A 359 -7.36 27.95 1.75
C ARG A 359 -8.34 27.22 0.86
N ILE A 360 -8.89 26.13 1.36
CA ILE A 360 -9.86 25.35 0.57
C ILE A 360 -11.14 26.15 0.31
N THR A 361 -11.47 27.15 1.13
CA THR A 361 -12.58 28.01 0.76
C THR A 361 -12.36 28.62 -0.63
N GLU A 362 -11.13 29.09 -0.90
CA GLU A 362 -10.87 29.74 -2.20
C GLU A 362 -10.84 28.71 -3.31
N ILE A 363 -10.40 27.49 -3.00
CA ILE A 363 -10.41 26.43 -4.01
C ILE A 363 -11.85 26.08 -4.40
N LEU A 364 -12.75 26.02 -3.42
CA LEU A 364 -14.16 25.78 -3.74
C LEU A 364 -14.73 26.89 -4.61
N LYS A 365 -14.36 28.15 -4.30
CA LYS A 365 -14.79 29.24 -5.18
C LYS A 365 -14.25 29.07 -6.60
N LEU A 366 -13.01 28.67 -6.73
CA LEU A 366 -12.45 28.45 -8.04
C LEU A 366 -13.20 27.34 -8.77
N ARG A 367 -13.64 26.34 -8.06
CA ARG A 367 -14.36 25.26 -8.66
C ARG A 367 -15.65 25.79 -9.23
N GLN A 368 -16.37 26.59 -8.47
CA GLN A 368 -17.60 27.17 -9.01
C GLN A 368 -17.30 27.96 -10.28
N LYS A 369 -16.23 28.77 -10.24
CA LYS A 369 -15.87 29.58 -11.40
C LYS A 369 -15.65 28.70 -12.63
N TYR A 370 -14.86 27.64 -12.49
CA TYR A 370 -14.47 26.86 -13.67
C TYR A 370 -15.60 25.93 -14.13
N GLU A 371 -16.45 25.47 -13.22
CA GLU A 371 -17.60 24.69 -13.67
C GLU A 371 -18.48 25.53 -14.58
N ALA A 372 -18.66 26.83 -14.26
CA ALA A 372 -19.42 27.66 -15.17
C ALA A 372 -18.77 27.78 -16.55
N LEU A 373 -17.49 27.49 -16.65
CA LEU A 373 -16.74 27.54 -17.91
C LEU A 373 -16.54 26.16 -18.54
N GLY A 374 -17.01 25.09 -17.89
CA GLY A 374 -16.96 23.75 -18.47
C GLY A 374 -15.79 22.90 -18.01
N LEU A 375 -15.06 23.31 -16.97
CA LEU A 375 -13.95 22.54 -16.42
C LEU A 375 -14.34 22.09 -15.01
N SER A 376 -14.18 20.80 -14.72
CA SER A 376 -14.58 20.24 -13.43
C SER A 376 -13.45 19.36 -12.90
N PHE A 377 -13.40 19.19 -11.59
CA PHE A 377 -12.35 18.37 -10.99
C PHE A 377 -12.79 17.91 -9.61
N ALA A 378 -12.31 16.75 -9.20
CA ALA A 378 -12.53 16.35 -7.82
C ALA A 378 -11.66 17.19 -6.89
N ILE A 379 -12.06 17.32 -5.64
CA ILE A 379 -11.23 17.96 -4.64
C ILE A 379 -10.92 16.96 -3.53
N HIS A 380 -9.63 16.86 -3.21
CA HIS A 380 -9.16 15.99 -2.12
C HIS A 380 -8.45 16.85 -1.08
N ALA A 381 -8.79 16.65 0.18
CA ALA A 381 -8.13 17.34 1.28
C ALA A 381 -7.12 16.37 1.90
N ASP A 382 -5.84 16.67 1.75
CA ASP A 382 -4.79 15.92 2.42
C ASP A 382 -4.71 16.44 3.85
N ALA A 383 -5.56 15.88 4.70
CA ALA A 383 -5.57 16.22 6.10
C ALA A 383 -4.88 15.15 6.95
N ALA A 384 -3.90 14.43 6.37
CA ALA A 384 -3.17 13.41 7.12
C ALA A 384 -2.77 13.93 8.49
N TRP A 385 -2.20 15.14 8.54
CA TRP A 385 -1.85 15.76 9.81
C TRP A 385 -3.00 16.58 10.38
N GLY A 386 -3.64 17.41 9.55
CA GLY A 386 -4.56 18.41 10.09
C GLY A 386 -5.90 17.87 10.53
N GLY A 387 -6.26 16.66 10.08
CA GLY A 387 -7.65 16.21 10.22
C GLY A 387 -8.15 16.22 11.64
N TYR A 388 -7.38 15.63 12.58
CA TYR A 388 -7.87 15.54 13.96
C TYR A 388 -8.06 16.90 14.62
N PHE A 389 -7.44 17.95 14.08
CA PHE A 389 -7.69 19.29 14.63
C PHE A 389 -9.12 19.77 14.38
N ALA A 390 -9.87 19.12 13.48
CA ALA A 390 -11.27 19.49 13.36
C ALA A 390 -12.05 19.17 14.62
N THR A 391 -11.50 18.34 15.53
CA THR A 391 -12.17 18.15 16.81
C THR A 391 -12.17 19.39 17.66
N MET A 392 -11.36 20.40 17.31
CA MET A 392 -11.36 21.64 18.07
C MET A 392 -12.38 22.64 17.57
N LEU A 393 -13.14 22.32 16.51
CA LEU A 393 -14.17 23.24 16.02
C LEU A 393 -15.30 23.37 17.02
N PRO A 394 -15.86 24.56 17.20
CA PRO A 394 -16.92 24.72 18.20
C PRO A 394 -18.14 23.91 17.82
N LYS A 395 -18.82 23.38 18.84
CA LYS A 395 -20.02 22.60 18.65
C LYS A 395 -21.13 23.12 19.54
N ASP A 396 -22.35 23.02 19.05
CA ASP A 396 -23.50 23.43 19.84
C ASP A 396 -23.57 22.65 21.15
N THR A 397 -23.44 23.35 22.27
CA THR A 397 -23.55 22.77 23.61
C THR A 397 -24.94 22.90 24.21
N LEU A 398 -25.88 23.57 23.52
CA LEU A 398 -27.22 23.72 24.05
C LEU A 398 -28.02 22.42 24.04
N GLY A 399 -27.42 21.31 23.60
CA GLY A 399 -28.07 20.02 23.66
C GLY A 399 -27.83 19.26 24.96
N ARG A 400 -26.83 19.67 25.73
CA ARG A 400 -26.46 19.00 26.98
C ARG A 400 -27.04 19.76 28.18
N ASN A 401 -27.81 19.04 29.01
CA ASN A 401 -28.48 19.58 30.19
C ASN A 401 -28.29 18.75 31.44
N ARG A 402 -27.38 17.77 31.43
CA ARG A 402 -27.19 16.88 32.57
C ARG A 402 -26.13 17.41 33.52
N THR A 403 -26.15 16.87 34.74
CA THR A 403 -25.19 17.25 35.76
C THR A 403 -23.76 16.99 35.30
N ARG A 404 -22.87 17.90 35.66
CA ARG A 404 -21.45 17.82 35.31
C ARG A 404 -20.65 17.81 36.60
N LEU A 405 -19.84 16.78 36.77
CA LEU A 405 -18.97 16.72 37.94
C LEU A 405 -18.05 17.95 37.95
N PRO A 406 -17.89 18.61 39.09
CA PRO A 406 -17.24 19.93 39.09
C PRO A 406 -15.78 19.87 38.66
N LYS A 407 -15.33 20.99 38.07
CA LYS A 407 -13.93 21.22 37.73
C LYS A 407 -13.38 22.21 38.76
N GLU A 408 -12.97 21.66 39.90
CA GLU A 408 -12.52 22.51 41.01
C GLU A 408 -11.16 22.07 41.54
N ASP A 409 -10.40 21.31 40.77
CA ASP A 409 -9.08 20.90 41.23
C ASP A 409 -8.09 22.00 40.90
N THR A 410 -7.22 22.31 41.85
CA THR A 410 -6.18 23.29 41.63
C THR A 410 -4.81 22.74 42.06
N THR A 411 -4.65 21.41 42.06
CA THR A 411 -3.35 20.84 42.39
C THR A 411 -2.31 21.26 41.36
N SER A 412 -1.05 21.30 41.80
CA SER A 412 0.04 21.59 40.87
C SER A 412 -0.12 20.75 39.61
N GLY A 413 -0.10 21.42 38.47
CA GLY A 413 -0.32 20.72 37.22
C GLY A 413 -1.39 21.36 36.36
N PHE A 414 -1.37 22.67 36.27
CA PHE A 414 -2.29 23.39 35.40
C PHE A 414 -1.66 23.53 34.01
N VAL A 415 -2.35 23.01 33.02
CA VAL A 415 -2.00 23.26 31.62
C VAL A 415 -3.29 23.61 30.88
N PRO A 416 -3.43 24.83 30.39
CA PRO A 416 -4.66 25.18 29.66
C PRO A 416 -4.67 24.65 28.25
N HIS A 417 -5.88 24.44 27.72
CA HIS A 417 -6.05 24.32 26.30
C HIS A 417 -6.34 25.69 25.71
N VAL A 418 -6.03 25.85 24.43
CA VAL A 418 -6.37 27.04 23.68
C VAL A 418 -7.04 26.56 22.40
N GLY A 419 -7.66 27.49 21.69
CA GLY A 419 -8.44 27.18 20.51
C GLY A 419 -7.70 27.45 19.21
N LEU A 420 -8.31 27.00 18.12
CA LEU A 420 -7.78 27.21 16.77
C LEU A 420 -7.68 28.68 16.44
N ARG A 421 -6.72 29.00 15.58
CA ARG A 421 -6.75 30.31 14.94
C ARG A 421 -7.95 30.39 14.00
N GLU A 422 -8.46 31.61 13.85
CA GLU A 422 -9.69 31.81 13.06
C GLU A 422 -9.55 31.25 11.65
N GLU A 423 -8.42 31.54 10.99
CA GLU A 423 -8.21 31.01 9.64
C GLU A 423 -8.15 29.48 9.63
N SER A 424 -7.50 28.88 10.64
CA SER A 424 -7.47 27.42 10.70
C SER A 424 -8.87 26.85 10.85
N ALA A 425 -9.69 27.46 11.72
CA ALA A 425 -11.06 27.01 11.94
C ALA A 425 -11.88 27.11 10.67
N LEU A 426 -11.72 28.22 9.94
CA LEU A 426 -12.48 28.41 8.71
C LEU A 426 -12.18 27.29 7.71
N GLN A 427 -10.89 27.00 7.52
CA GLN A 427 -10.56 25.97 6.54
C GLN A 427 -10.99 24.58 7.03
N LEU A 428 -10.77 24.29 8.32
CA LEU A 428 -11.16 22.99 8.85
C LEU A 428 -12.66 22.78 8.72
N SER A 429 -13.45 23.84 8.91
CA SER A 429 -14.89 23.66 8.81
C SER A 429 -15.37 23.55 7.38
N HIS A 430 -14.50 23.84 6.38
CA HIS A 430 -14.91 23.64 4.99
C HIS A 430 -14.31 22.40 4.33
N ILE A 431 -13.46 21.65 5.02
CA ILE A 431 -12.99 20.45 4.34
C ILE A 431 -14.12 19.47 4.08
N LYS A 432 -15.25 19.63 4.77
CA LYS A 432 -16.36 18.71 4.48
C LYS A 432 -16.88 18.83 3.05
N TYR A 433 -16.43 19.84 2.29
CA TYR A 433 -16.83 19.98 0.89
C TYR A 433 -15.85 19.31 -0.07
N ALA A 434 -14.72 18.81 0.41
CA ALA A 434 -13.85 18.01 -0.44
C ALA A 434 -14.54 16.70 -0.78
N ASP A 435 -14.22 16.16 -1.95
CA ASP A 435 -14.80 14.87 -2.32
C ASP A 435 -14.16 13.72 -1.56
N SER A 436 -12.94 13.92 -1.07
CA SER A 436 -12.36 12.89 -0.22
C SER A 436 -11.38 13.55 0.74
N ILE A 437 -11.13 12.86 1.86
CA ILE A 437 -10.25 13.39 2.90
C ILE A 437 -9.34 12.28 3.42
N THR A 438 -8.03 12.52 3.40
CA THR A 438 -7.06 11.64 4.06
C THR A 438 -6.82 12.16 5.46
N ILE A 439 -6.79 11.25 6.43
CA ILE A 439 -6.51 11.64 7.82
C ILE A 439 -5.81 10.47 8.51
N ASP A 440 -4.78 10.79 9.33
CA ASP A 440 -3.96 9.74 9.96
C ASP A 440 -4.24 9.68 11.45
N PRO A 441 -4.99 8.67 11.94
CA PRO A 441 -4.96 8.39 13.38
C PRO A 441 -3.55 8.26 13.92
N HIS A 442 -2.60 7.73 13.15
CA HIS A 442 -1.27 7.53 13.70
C HIS A 442 -0.41 8.77 13.57
N1 LLP A 443 0.29 13.98 3.66
C2 LLP A 443 0.71 14.73 4.67
C2' LLP A 443 0.36 16.24 4.78
C3 LLP A 443 1.52 14.14 5.68
O3 LLP A 443 2.01 14.94 6.73
C4 LLP A 443 1.85 12.80 5.63
C4' LLP A 443 2.78 12.25 6.83
C5 LLP A 443 1.42 12.02 4.59
C6 LLP A 443 0.62 12.60 3.59
C5' LLP A 443 1.79 10.48 4.49
OP4 LLP A 443 1.24 9.80 5.60
P LLP A 443 1.89 8.47 6.07
OP1 LLP A 443 2.00 7.46 4.90
OP2 LLP A 443 3.24 8.82 6.48
OP3 LLP A 443 0.95 8.02 7.16
N LLP A 443 -0.99 9.90 13.16
CA LLP A 443 -0.34 11.22 13.36
CB LLP A 443 -0.43 12.06 12.11
CG LLP A 443 0.67 11.62 11.15
CD LLP A 443 0.61 12.51 9.88
CE LLP A 443 1.98 12.42 9.15
NZ LLP A 443 1.83 11.80 7.83
C LLP A 443 -0.99 11.85 14.54
O LLP A 443 -0.68 11.47 15.64
N ALA A 444 -1.96 12.74 14.35
CA ALA A 444 -2.52 13.49 15.49
C ALA A 444 -3.67 12.78 16.22
N GLY A 445 -3.93 11.51 15.90
CA GLY A 445 -4.89 10.71 16.66
C GLY A 445 -4.33 10.01 17.89
N TYR A 446 -3.01 10.07 18.08
CA TYR A 446 -2.29 9.40 19.17
C TYR A 446 -2.53 7.90 19.16
N VAL A 447 -2.70 7.33 17.97
CA VAL A 447 -2.79 5.88 17.76
C VAL A 447 -1.46 5.40 17.19
N PRO A 448 -0.88 4.30 17.71
CA PRO A 448 0.40 3.83 17.15
C PRO A 448 0.28 3.40 15.69
N TYR A 449 1.43 3.44 14.98
CA TYR A 449 1.45 2.86 13.65
C TYR A 449 1.06 1.39 13.75
N PRO A 450 0.37 0.85 12.73
CA PRO A 450 -0.09 1.49 11.51
C PRO A 450 -1.57 1.85 11.59
N ALA A 451 -1.95 3.08 11.22
CA ALA A 451 -3.33 3.53 11.20
C ALA A 451 -3.49 4.82 10.41
N GLY A 452 -3.72 4.67 9.10
CA GLY A 452 -4.11 5.78 8.25
C GLY A 452 -5.60 5.63 7.91
N ALA A 453 -6.15 6.65 7.25
CA ALA A 453 -7.57 6.51 6.93
C ALA A 453 -7.93 7.38 5.73
N LEU A 454 -8.93 6.91 4.99
CA LEU A 454 -9.48 7.66 3.88
C LEU A 454 -11.00 7.71 4.03
N CYS A 455 -11.59 8.90 3.86
CA CYS A 455 -13.04 9.06 3.89
C CYS A 455 -13.50 9.65 2.57
N TYR A 456 -14.56 9.08 2.01
CA TYR A 456 -15.22 9.63 0.83
C TYR A 456 -16.48 10.37 1.24
N ARG A 457 -16.66 11.58 0.69
CA ARG A 457 -17.89 12.34 0.93
C ARG A 457 -19.11 11.54 0.49
N ASP A 458 -19.00 10.93 -0.67
CA ASP A 458 -20.01 10.03 -1.21
C ASP A 458 -19.35 8.64 -1.27
N GLY A 459 -19.75 7.74 -0.35
CA GLY A 459 -19.12 6.43 -0.26
C GLY A 459 -19.14 5.63 -1.55
N ARG A 460 -20.08 5.94 -2.47
CA ARG A 460 -20.14 5.21 -3.73
C ARG A 460 -18.85 5.35 -4.52
N MET A 461 -18.10 6.41 -4.28
CA MET A 461 -16.82 6.56 -4.98
C MET A 461 -15.92 5.34 -4.81
N ARG A 462 -16.04 4.63 -3.67
CA ARG A 462 -15.12 3.52 -3.46
C ARG A 462 -15.30 2.43 -4.50
N TYR A 463 -16.49 2.34 -5.11
CA TYR A 463 -16.64 1.28 -6.11
C TYR A 463 -15.79 1.51 -7.33
N LEU A 464 -15.23 2.71 -7.50
CA LEU A 464 -14.32 2.91 -8.62
C LEU A 464 -13.01 2.15 -8.44
N LEU A 465 -12.72 1.70 -7.22
CA LEU A 465 -11.45 0.99 -7.03
C LEU A 465 -11.56 -0.47 -7.40
N THR A 466 -12.65 -0.83 -8.08
CA THR A 466 -13.00 -2.21 -8.32
C THR A 466 -13.55 -2.39 -9.74
N TRP A 467 -13.80 -3.64 -10.10
CA TRP A 467 -14.59 -3.97 -11.28
C TRP A 467 -16.07 -4.20 -10.94
N SER A 468 -16.51 -3.75 -9.76
CA SER A 468 -17.85 -4.01 -9.25
C SER A 468 -18.71 -2.75 -9.26
N ALA A 469 -20.03 -2.96 -9.23
CA ALA A 469 -21.13 -2.05 -9.04
C ALA A 469 -21.77 -2.37 -7.71
N PRO A 470 -22.21 -1.36 -6.95
CA PRO A 470 -22.82 -1.63 -5.63
C PRO A 470 -24.05 -2.52 -5.76
N TYR A 471 -24.11 -3.56 -4.91
CA TYR A 471 -25.29 -4.40 -4.76
C TYR A 471 -26.11 -3.96 -3.55
N LEU A 472 -27.39 -4.33 -3.55
CA LEU A 472 -28.22 -4.19 -2.37
C LEU A 472 -27.79 -5.20 -1.30
N ALA A 473 -27.50 -4.70 -0.10
CA ALA A 473 -27.04 -5.57 0.99
C ALA A 473 -28.17 -6.46 1.50
N GLN A 474 -27.79 -7.65 1.97
CA GLN A 474 -28.70 -8.60 2.59
C GLN A 474 -28.25 -8.88 4.02
N GLY A 475 -29.24 -9.09 4.89
CA GLY A 475 -28.95 -9.30 6.30
C GLY A 475 -28.22 -10.59 6.59
N ASN A 476 -28.46 -11.64 5.82
CA ASN A 476 -27.85 -12.94 6.06
C ASN A 476 -26.44 -13.06 5.48
N GLU A 477 -25.84 -11.96 5.00
CA GLU A 477 -24.47 -12.01 4.48
C GLU A 477 -23.73 -10.73 4.84
N GLY A 478 -22.72 -10.84 5.69
CA GLY A 478 -21.92 -9.68 6.05
C GLY A 478 -21.08 -9.20 4.88
N GLN A 479 -21.04 -7.89 4.71
CA GLN A 479 -20.35 -7.24 3.60
C GLN A 479 -18.88 -7.04 3.96
N SER A 480 -18.00 -7.47 3.06
CA SER A 480 -16.56 -7.34 3.28
C SER A 480 -16.14 -5.90 2.98
N ILE A 481 -15.38 -5.31 3.90
CA ILE A 481 -14.92 -3.92 3.81
C ILE A 481 -13.49 -3.81 3.30
N GLY A 482 -12.94 -4.89 2.76
CA GLY A 482 -11.53 -4.91 2.43
C GLY A 482 -11.25 -5.10 0.97
N ILE A 483 -12.25 -4.88 0.13
CA ILE A 483 -12.08 -5.01 -1.30
C ILE A 483 -12.22 -3.65 -1.98
N TYR A 484 -12.06 -2.55 -1.22
CA TYR A 484 -12.23 -1.19 -1.69
C TYR A 484 -10.96 -0.39 -1.49
N GLY A 485 -9.79 -0.99 -1.68
CA GLY A 485 -8.60 -0.22 -1.52
C GLY A 485 -7.39 -0.91 -2.11
N ILE A 486 -6.22 -0.41 -1.73
CA ILE A 486 -4.98 -0.98 -2.25
C ILE A 486 -4.71 -2.34 -1.60
N GLU A 487 -5.01 -2.48 -0.32
CA GLU A 487 -4.46 -3.57 0.46
C GLU A 487 -5.33 -4.83 0.40
N GLY A 488 -4.78 -5.94 0.94
CA GLY A 488 -5.50 -7.21 1.03
C GLY A 488 -5.75 -7.54 2.49
N SER A 489 -5.11 -8.62 3.01
CA SER A 489 -5.11 -8.85 4.45
C SER A 489 -4.82 -7.56 5.20
N LYS A 490 -5.53 -7.33 6.28
N LYS A 490 -5.52 -7.35 6.29
CA LYS A 490 -5.35 -6.17 7.13
CA LYS A 490 -5.34 -6.18 7.12
C LYS A 490 -5.76 -6.47 8.57
C LYS A 490 -5.77 -6.44 8.56
N PRO A 491 -5.12 -5.80 9.51
CA PRO A 491 -5.37 -6.12 10.92
C PRO A 491 -6.68 -5.50 11.42
N GLY A 492 -7.65 -6.35 11.78
CA GLY A 492 -8.78 -5.79 12.54
C GLY A 492 -8.33 -5.10 13.81
N ALA A 493 -7.15 -5.49 14.33
CA ALA A 493 -6.59 -4.86 15.54
C ALA A 493 -6.38 -3.36 15.39
N ALA A 494 -6.00 -2.89 14.18
CA ALA A 494 -5.85 -1.45 13.96
C ALA A 494 -7.17 -0.71 14.12
N ALA A 495 -8.26 -1.30 13.62
CA ALA A 495 -9.57 -0.69 13.81
C ALA A 495 -9.94 -0.65 15.28
N SER A 496 -9.67 -1.75 16.02
CA SER A 496 -9.93 -1.72 17.46
C SER A 496 -9.10 -0.63 18.15
N ALA A 497 -7.82 -0.49 17.76
CA ALA A 497 -6.99 0.58 18.34
C ALA A 497 -7.64 1.94 18.11
N VAL A 498 -8.03 2.25 16.87
CA VAL A 498 -8.61 3.58 16.62
C VAL A 498 -9.94 3.71 17.33
N PHE A 499 -10.73 2.64 17.33
CA PHE A 499 -12.04 2.69 17.96
C PHE A 499 -11.91 3.01 19.44
N MET A 500 -10.97 2.33 20.12
CA MET A 500 -10.72 2.59 21.54
C MET A 500 -10.25 4.02 21.78
N ALA A 501 -9.31 4.51 20.98
CA ALA A 501 -8.89 5.90 21.16
C ALA A 501 -10.06 6.86 21.01
N HIS A 502 -10.91 6.66 19.99
CA HIS A 502 -12.06 7.53 19.76
C HIS A 502 -13.03 7.50 20.92
N GLU A 503 -13.38 6.29 21.40
N GLU A 503 -13.36 6.30 21.42
CA GLU A 503 -14.37 6.21 22.47
CA GLU A 503 -14.39 6.23 22.46
C GLU A 503 -13.81 6.81 23.75
C GLU A 503 -13.86 6.52 23.86
N THR A 504 -12.54 6.56 24.05
CA THR A 504 -11.95 6.94 25.32
C THR A 504 -11.58 8.41 25.37
N ILE A 505 -10.94 8.89 24.32
CA ILE A 505 -10.53 10.29 24.29
C ILE A 505 -11.71 11.18 23.91
N GLY A 506 -12.50 10.78 22.92
CA GLY A 506 -13.72 11.50 22.55
C GLY A 506 -13.54 12.45 21.37
N LEU A 507 -14.28 12.24 20.28
CA LEU A 507 -14.12 13.08 19.08
C LEU A 507 -14.94 14.36 19.20
N THR A 508 -14.57 15.17 20.20
CA THR A 508 -15.34 16.33 20.60
C THR A 508 -14.37 17.39 21.09
N PRO A 509 -14.84 18.64 21.21
CA PRO A 509 -14.00 19.70 21.79
C PRO A 509 -13.53 19.38 23.20
N SER A 510 -14.30 18.65 23.99
CA SER A 510 -13.89 18.35 25.35
C SER A 510 -12.98 17.13 25.45
N GLY A 511 -12.84 16.36 24.36
CA GLY A 511 -12.00 15.18 24.38
C GLY A 511 -10.72 15.42 23.62
N TYR A 512 -10.68 15.01 22.35
CA TYR A 512 -9.52 15.31 21.52
C TYR A 512 -9.24 16.81 21.46
N GLY A 513 -10.30 17.62 21.43
CA GLY A 513 -10.11 19.05 21.41
C GLY A 513 -9.30 19.53 22.60
N ASN A 514 -9.57 18.97 23.77
CA ASN A 514 -8.81 19.30 24.98
C ASN A 514 -7.34 18.87 24.86
N LEU A 515 -7.08 17.62 24.43
CA LEU A 515 -5.71 17.15 24.30
C LEU A 515 -4.93 17.99 23.29
N LEU A 516 -5.49 18.17 22.10
CA LEU A 516 -4.81 18.94 21.07
C LEU A 516 -4.73 20.42 21.44
N GLY A 517 -5.70 20.96 22.18
CA GLY A 517 -5.59 22.34 22.62
C GLY A 517 -4.47 22.52 23.63
N GLN A 518 -4.19 21.51 24.46
CA GLN A 518 -3.02 21.59 25.33
C GLN A 518 -1.73 21.51 24.55
N ALA A 519 -1.65 20.60 23.59
CA ALA A 519 -0.50 20.57 22.69
C ALA A 519 -0.33 21.91 21.96
N MET A 520 -1.43 22.56 21.59
CA MET A 520 -1.31 23.81 20.85
C MET A 520 -0.85 24.95 21.75
N PHE A 521 -1.34 24.99 22.98
CA PHE A 521 -0.79 25.93 23.97
C PHE A 521 0.72 25.72 24.14
N THR A 522 1.14 24.46 24.21
CA THR A 522 2.56 24.13 24.33
C THR A 522 3.34 24.61 23.10
N CYS A 523 2.74 24.41 21.92
CA CYS A 523 3.36 24.87 20.67
C CYS A 523 3.58 26.38 20.70
N ARG A 524 2.59 27.14 21.18
CA ARG A 524 2.75 28.58 21.23
C ARG A 524 3.77 28.99 22.28
N ARG A 525 3.86 28.23 23.37
CA ARG A 525 4.88 28.55 24.36
C ARG A 525 6.28 28.36 23.79
N TYR A 526 6.48 27.32 22.98
CA TYR A 526 7.73 27.15 22.24
C TYR A 526 7.97 28.32 21.28
N ALA A 527 6.94 28.66 20.51
CA ALA A 527 7.06 29.70 19.49
C ALA A 527 7.43 31.04 20.12
N ALA A 528 6.98 31.29 21.33
CA ALA A 528 7.38 32.51 22.02
C ALA A 528 8.91 32.58 22.16
N HIS A 529 9.54 31.45 22.51
CA HIS A 529 11.02 31.40 22.59
C HIS A 529 11.64 31.57 21.21
N TRP A 530 11.17 30.82 20.20
CA TRP A 530 11.74 31.01 18.86
C TRP A 530 11.60 32.46 18.38
N SER A 531 10.55 33.15 18.81
CA SER A 531 10.22 34.49 18.33
C SER A 531 10.95 35.59 19.09
N ALA A 532 11.44 35.35 20.29
CA ALA A 532 12.02 36.44 21.06
C ALA A 532 13.38 36.15 21.68
N MET A 533 13.95 34.96 21.42
CA MET A 533 15.16 34.54 22.14
C MET A 533 16.36 35.40 21.78
N SER A 534 16.54 35.70 20.50
CA SER A 534 17.74 36.42 20.08
C SER A 534 17.54 37.92 20.22
N THR A 535 18.64 38.62 20.43
CA THR A 535 18.63 40.07 20.63
C THR A 535 19.52 40.72 19.56
N ASP A 536 19.76 42.01 19.73
CA ASP A 536 20.68 42.74 18.85
C ASP A 536 22.13 42.39 19.11
N THR A 537 22.46 41.80 20.27
CA THR A 537 23.83 41.57 20.68
C THR A 537 24.17 40.12 21.04
N THR A 538 23.23 39.18 20.95
CA THR A 538 23.57 37.76 21.04
C THR A 538 24.44 37.39 19.85
N SER A 539 25.25 36.34 20.01
CA SER A 539 26.09 35.90 18.90
C SER A 539 25.27 35.24 17.79
N PHE A 540 24.03 34.85 18.08
CA PHE A 540 23.16 34.16 17.16
C PHE A 540 21.87 34.97 17.00
N THR A 541 21.13 34.68 15.92
CA THR A 541 19.76 35.14 15.78
C THR A 541 18.90 33.92 15.52
N VAL A 542 17.66 33.97 16.01
CA VAL A 542 16.63 32.96 15.71
C VAL A 542 15.48 33.66 15.03
N THR A 543 15.06 33.17 13.86
CA THR A 543 14.02 33.80 13.07
C THR A 543 12.88 32.82 12.83
N PRO A 544 11.68 33.09 13.33
CA PRO A 544 10.56 32.18 13.12
C PRO A 544 9.99 32.32 11.72
N PHE A 545 9.52 31.19 11.20
CA PHE A 545 8.86 31.16 9.90
C PHE A 545 7.56 31.98 9.90
N ASN A 546 6.83 31.97 11.01
CA ASN A 546 5.63 32.78 11.18
C ASN A 546 5.97 34.03 11.99
N PRO A 547 6.02 35.22 11.38
CA PRO A 547 6.43 36.41 12.12
C PRO A 547 5.46 36.74 13.24
N ILE A 548 5.96 37.46 14.24
CA ILE A 548 5.10 37.92 15.31
C ILE A 548 4.20 39.01 14.74
N PRO A 549 3.04 39.25 15.34
CA PRO A 549 2.07 40.15 14.72
C PRO A 549 2.65 41.50 14.26
N ALA A 550 3.41 42.18 15.12
CA ALA A 550 3.92 43.48 14.75
C ALA A 550 4.96 43.41 13.64
N ASP A 551 5.43 42.20 13.30
CA ASP A 551 6.49 41.97 12.33
C ASP A 551 5.97 41.46 10.99
N ILE A 552 4.66 41.20 10.85
CA ILE A 552 4.15 40.66 9.60
C ILE A 552 4.39 41.65 8.48
N ASP A 553 4.10 42.90 8.72
CA ASP A 553 4.37 43.95 7.75
C ASP A 553 5.86 44.05 7.54
N PRO A 554 6.38 43.78 6.33
CA PRO A 554 7.82 43.90 6.11
C PRO A 554 8.35 45.33 6.27
N ASN A 555 7.48 46.34 6.23
CA ASN A 555 7.93 47.70 6.46
C ASN A 555 7.49 48.21 7.82
N ALA A 556 7.20 47.31 8.76
CA ALA A 556 6.75 47.73 10.07
C ALA A 556 7.84 48.57 10.75
N ASP A 557 7.41 49.48 11.63
CA ASP A 557 8.34 50.22 12.48
C ASP A 557 9.17 49.27 13.35
N PRO A 558 10.49 49.20 13.15
CA PRO A 558 11.28 48.26 13.97
C PRO A 558 11.17 48.52 15.47
N ALA A 559 10.85 49.75 15.90
CA ALA A 559 10.61 50.01 17.31
C ALA A 559 9.42 49.18 17.81
N LYS A 560 8.35 49.09 17.02
CA LYS A 560 7.19 48.29 17.42
C LYS A 560 7.52 46.79 17.48
N VAL A 561 8.32 46.30 16.53
CA VAL A 561 8.73 44.89 16.55
C VAL A 561 9.56 44.61 17.79
N GLU A 562 10.56 45.44 18.06
CA GLU A 562 11.39 45.20 19.24
C GLU A 562 10.56 45.31 20.51
N GLU A 563 9.61 46.25 20.55
CA GLU A 563 8.74 46.38 21.70
C GLU A 563 7.92 45.11 21.93
N GLN A 564 7.43 44.46 20.86
CA GLN A 564 6.66 43.23 21.05
C GLN A 564 7.56 42.06 21.48
N LYS A 565 8.78 41.98 20.93
CA LYS A 565 9.71 40.97 21.43
C LYS A 565 10.00 41.18 22.91
N GLN A 566 10.19 42.44 23.33
CA GLN A 566 10.46 42.68 24.73
C GLN A 566 9.25 42.36 25.59
N PHE A 567 8.05 42.62 25.07
CA PHE A 567 6.84 42.18 25.77
C PHE A 567 6.85 40.68 25.96
N ILE A 568 7.20 39.92 24.92
CA ILE A 568 7.25 38.48 25.06
C ILE A 568 8.26 38.08 26.14
N ARG A 569 9.44 38.72 26.16
CA ARG A 569 10.42 38.36 27.18
C ARG A 569 9.89 38.66 28.58
N ASP A 570 9.18 39.78 28.73
CA ASP A 570 8.75 40.24 30.04
C ASP A 570 7.49 39.57 30.55
N ARG A 571 6.62 39.09 29.67
CA ARG A 571 5.30 38.66 30.06
C ARG A 571 4.99 37.20 29.78
N ILE A 572 5.81 36.52 29.00
CA ILE A 572 5.52 35.14 28.63
C ILE A 572 6.69 34.24 29.01
N LEU A 573 7.90 34.52 28.50
CA LEU A 573 9.01 33.58 28.64
C LEU A 573 9.33 33.27 30.10
N PHE A 574 9.48 31.99 30.42
CA PHE A 574 9.93 31.54 31.73
C PHE A 574 8.93 31.85 32.83
N LYS A 575 7.68 32.19 32.49
CA LYS A 575 6.62 32.36 33.47
C LYS A 575 5.87 31.05 33.64
N SER A 576 5.15 30.93 34.75
CA SER A 576 4.29 29.77 34.96
C SER A 576 3.01 29.87 34.12
N ASN A 577 2.42 28.71 33.83
CA ASN A 577 1.15 28.70 33.11
C ASN A 577 0.11 29.55 33.81
N GLU A 578 0.09 29.52 35.15
CA GLU A 578 -0.91 30.30 35.90
C GLU A 578 -0.73 31.80 35.69
N GLU A 579 0.51 32.31 35.76
CA GLU A 579 0.72 33.74 35.54
C GLU A 579 0.34 34.14 34.13
N ILE A 580 0.73 33.35 33.14
CA ILE A 580 0.40 33.70 31.77
C ILE A 580 -1.10 33.70 31.58
N TYR A 581 -1.78 32.66 32.06
CA TYR A 581 -3.20 32.54 31.80
C TYR A 581 -3.98 33.69 32.41
N ASN A 582 -3.52 34.23 33.54
CA ASN A 582 -4.17 35.35 34.17
C ASN A 582 -3.84 36.68 33.50
N ASP A 583 -3.00 36.68 32.48
CA ASP A 583 -2.55 37.89 31.83
C ASP A 583 -3.22 37.95 30.46
N SER A 584 -4.35 38.67 30.39
CA SER A 584 -5.17 38.68 29.17
C SER A 584 -4.37 39.12 27.96
N GLU A 585 -3.62 40.22 28.10
CA GLU A 585 -2.83 40.73 26.99
C GLU A 585 -1.80 39.70 26.53
N ALA A 586 -1.15 39.04 27.50
CA ALA A 586 -0.19 37.99 27.18
C ALA A 586 -0.83 36.84 26.43
N MET A 587 -2.03 36.43 26.87
CA MET A 587 -2.69 35.32 26.19
C MET A 587 -3.08 35.70 24.77
N GLU A 588 -3.60 36.93 24.60
CA GLU A 588 -3.96 37.39 23.26
C GLU A 588 -2.75 37.37 22.33
N LEU A 589 -1.59 37.82 22.80
CA LEU A 589 -0.42 37.76 21.95
C LEU A 589 0.02 36.32 21.70
N LEU A 590 0.12 35.51 22.75
CA LEU A 590 0.56 34.13 22.59
C LEU A 590 -0.30 33.41 21.56
N HIS A 591 -1.60 33.71 21.53
CA HIS A 591 -2.51 33.07 20.59
C HIS A 591 -2.05 33.21 19.16
N GLN A 592 -1.25 34.23 18.86
CA GLN A 592 -0.88 34.55 17.48
C GLN A 592 0.53 34.09 17.12
N LEU A 593 1.20 33.32 17.97
CA LEU A 593 2.60 32.98 17.73
C LEU A 593 2.73 31.59 17.13
N GLY A 594 3.63 31.45 16.17
CA GLY A 594 3.95 30.14 15.69
C GLY A 594 3.03 29.62 14.61
N SER A 595 3.05 28.30 14.49
CA SER A 595 2.41 27.57 13.41
C SER A 595 0.89 27.67 13.52
N ASP A 596 0.21 27.48 12.38
CA ASP A 596 -1.25 27.30 12.45
C ASP A 596 -1.63 26.02 13.19
N LEU A 597 -0.99 24.89 12.86
CA LEU A 597 -1.37 23.60 13.42
C LEU A 597 -0.15 22.87 13.96
N ASN A 598 0.53 23.49 14.93
CA ASN A 598 1.43 22.79 15.86
C ASN A 598 2.74 22.34 15.24
N ILE A 599 3.23 22.99 14.18
CA ILE A 599 4.52 22.64 13.59
C ILE A 599 5.30 23.95 13.40
N ASN A 600 6.10 24.32 14.40
CA ASN A 600 6.86 25.57 14.33
C ASN A 600 8.08 25.39 13.44
N VAL A 601 8.29 26.32 12.53
CA VAL A 601 9.51 26.33 11.74
C VAL A 601 10.30 27.59 12.08
N PHE A 602 11.62 27.44 12.17
CA PHE A 602 12.47 28.58 12.52
C PHE A 602 13.88 28.27 12.07
N ALA A 603 14.73 29.28 12.04
CA ALA A 603 16.10 29.03 11.62
C ALA A 603 17.04 30.03 12.26
N CYS A 604 18.29 29.60 12.44
CA CYS A 604 19.28 30.41 13.11
C CYS A 604 20.22 31.06 12.11
N ASN A 605 20.79 32.18 12.50
CA ASN A 605 21.89 32.83 11.80
C ASN A 605 22.91 33.25 12.84
N PHE A 606 24.07 33.76 12.40
CA PHE A 606 25.10 34.12 13.37
C PHE A 606 25.72 35.46 12.98
N ARG A 607 26.42 36.06 13.95
CA ARG A 607 27.18 37.28 13.77
C ARG A 607 28.64 37.02 14.07
N ASP A 608 29.52 37.83 13.48
CA ASP A 608 30.93 37.74 13.83
C ASP A 608 31.16 38.38 15.22
N ARG A 609 32.44 38.42 15.64
N ARG A 609 32.43 38.42 15.65
CA ARG A 609 32.77 38.91 16.98
CA ARG A 609 32.72 38.92 16.98
C ARG A 609 32.67 40.44 17.09
C ARG A 609 32.47 40.42 17.08
N ASP A 610 32.57 41.15 15.97
CA ASP A 610 32.22 42.56 15.94
C ASP A 610 30.72 42.78 15.69
N ASN A 611 29.92 41.72 15.78
CA ASN A 611 28.47 41.82 15.73
C ASN A 611 27.94 42.13 14.33
N ASN A 612 28.67 41.70 13.31
CA ASN A 612 28.22 41.82 11.93
C ASN A 612 27.49 40.55 11.52
N LEU A 613 26.32 40.72 10.94
CA LEU A 613 25.49 39.58 10.61
C LEU A 613 26.05 38.86 9.38
N ASN A 614 26.11 37.53 9.46
CA ASN A 614 26.41 36.74 8.28
C ASN A 614 25.29 36.86 7.26
N THR A 615 25.66 36.98 5.98
CA THR A 615 24.68 37.02 4.90
C THR A 615 24.84 35.85 3.93
N ASP A 616 25.75 34.94 4.21
CA ASP A 616 26.05 33.82 3.34
C ASP A 616 25.10 32.65 3.65
N VAL A 617 24.28 32.28 2.67
CA VAL A 617 23.27 31.24 2.90
C VAL A 617 23.93 29.92 3.26
N GLU A 618 25.07 29.60 2.65
CA GLU A 618 25.67 28.30 2.94
C GLU A 618 26.30 28.26 4.34
N GLU A 619 26.73 29.40 4.87
CA GLU A 619 27.23 29.38 6.25
C GLU A 619 26.08 29.31 7.24
N ALA A 620 24.96 29.98 6.94
CA ALA A 620 23.77 29.77 7.75
C ALA A 620 23.35 28.30 7.70
N ASN A 621 23.39 27.67 6.52
CA ASN A 621 23.06 26.25 6.40
C ASN A 621 24.02 25.39 7.21
N TRP A 622 25.32 25.68 7.15
CA TRP A 622 26.28 24.97 7.98
C TRP A 622 25.84 25.02 9.44
N LEU A 623 25.49 26.22 9.91
CA LEU A 623 25.11 26.37 11.31
C LEU A 623 23.85 25.58 11.63
N ASN A 624 22.80 25.71 10.80
CA ASN A 624 21.54 25.06 11.15
C ASN A 624 21.65 23.55 11.03
N ASN A 625 22.41 23.05 10.05
CA ASN A 625 22.59 21.61 9.98
C ASN A 625 23.33 21.08 11.21
N ARG A 626 24.34 21.81 11.69
CA ARG A 626 25.05 21.34 12.89
C ARG A 626 24.14 21.39 14.12
N ILE A 627 23.31 22.42 14.25
CA ILE A 627 22.37 22.48 15.37
C ILE A 627 21.42 21.29 15.32
N PHE A 628 20.87 21.02 14.13
CA PHE A 628 20.04 19.85 13.94
C PHE A 628 20.76 18.58 14.41
N GLN A 629 22.00 18.40 13.96
CA GLN A 629 22.75 17.21 14.37
C GLN A 629 22.84 17.11 15.90
N ARG A 630 23.09 18.25 16.55
CA ARG A 630 23.17 18.25 18.01
C ARG A 630 21.84 17.81 18.63
N PHE A 631 20.71 18.05 17.92
CA PHE A 631 19.40 17.74 18.48
C PHE A 631 18.70 16.65 17.68
N SER A 632 19.42 15.59 17.37
CA SER A 632 18.85 14.51 16.59
C SER A 632 19.80 13.32 16.64
N VAL A 633 19.29 12.18 16.20
CA VAL A 633 20.06 10.97 16.05
C VAL A 633 20.00 10.60 14.58
N THR A 634 21.14 10.69 13.89
CA THR A 634 21.15 10.35 12.48
C THR A 634 22.13 9.24 12.17
N SER A 635 22.77 8.64 13.16
CA SER A 635 23.66 7.53 12.90
C SER A 635 23.52 6.51 14.03
N ALA A 636 23.94 5.27 13.73
CA ALA A 636 23.95 4.22 14.74
C ALA A 636 25.06 4.39 15.79
N GLU A 637 26.03 5.28 15.55
CA GLU A 637 27.13 5.46 16.50
C GLU A 637 26.69 6.20 17.76
N GLU A 638 25.74 7.11 17.67
CA GLU A 638 25.29 7.94 18.78
C GLU A 638 24.58 7.14 19.85
N ASN A 639 24.73 7.60 21.08
CA ASN A 639 23.86 7.15 22.15
C ASN A 639 22.66 8.07 22.19
N PRO A 640 21.46 7.64 21.77
CA PRO A 640 20.34 8.59 21.72
C PRO A 640 19.95 9.11 23.09
N LEU A 641 20.29 8.40 24.18
CA LEU A 641 19.91 8.90 25.48
C LEU A 641 20.72 10.12 25.92
N GLU A 642 21.81 10.48 25.20
CA GLU A 642 22.59 11.66 25.53
C GLU A 642 22.08 12.92 24.81
N THR A 643 21.13 12.80 23.90
CA THR A 643 20.56 13.97 23.25
C THR A 643 19.49 14.58 24.15
N PRO A 644 19.62 15.84 24.55
CA PRO A 644 18.72 16.40 25.57
C PRO A 644 17.44 17.03 25.01
N PHE A 645 17.34 17.13 23.69
CA PHE A 645 16.27 17.85 23.01
C PHE A 645 16.32 17.43 21.55
N PHE A 646 15.15 17.21 20.95
CA PHE A 646 15.05 16.68 19.59
C PHE A 646 14.26 17.65 18.73
N LEU A 647 14.87 18.05 17.62
CA LEU A 647 14.23 18.81 16.56
C LEU A 647 14.30 17.99 15.28
N SER A 648 13.54 18.41 14.27
CA SER A 648 13.77 17.90 12.93
C SER A 648 14.25 19.07 12.07
N SER A 649 14.39 18.81 10.78
CA SER A 649 14.97 19.81 9.90
C SER A 649 14.51 19.59 8.47
N THR A 650 14.48 20.65 7.70
CA THR A 650 14.17 20.46 6.29
C THR A 650 14.91 21.52 5.47
N THR A 651 15.02 21.27 4.16
CA THR A 651 15.60 22.22 3.23
C THR A 651 14.47 22.82 2.39
N LEU A 652 14.33 24.14 2.43
CA LEU A 652 13.39 24.83 1.53
C LEU A 652 14.12 25.08 0.23
N LYS A 653 13.82 24.27 -0.78
CA LYS A 653 14.44 24.40 -2.08
C LYS A 653 13.84 25.60 -2.79
N GLN A 654 14.70 26.42 -3.39
CA GLN A 654 14.21 27.57 -4.14
C GLN A 654 13.17 27.16 -5.17
N SER A 655 13.41 26.04 -5.86
CA SER A 655 12.54 25.68 -6.98
C SER A 655 11.14 25.25 -6.53
N GLU A 656 10.97 24.87 -5.27
CA GLU A 656 9.68 24.47 -4.71
C GLU A 656 9.03 25.52 -3.82
N TYR A 657 9.80 26.24 -3.01
CA TYR A 657 9.23 27.22 -2.10
C TYR A 657 9.32 28.64 -2.62
N GLY A 658 9.92 28.86 -3.79
CA GLY A 658 10.00 30.17 -4.41
C GLY A 658 9.99 31.38 -3.49
N VAL A 659 8.93 32.19 -3.59
CA VAL A 659 8.89 33.46 -2.85
C VAL A 659 8.95 33.20 -1.35
N CYS A 660 8.44 32.06 -0.90
CA CYS A 660 8.46 31.75 0.53
C CYS A 660 9.88 31.53 1.02
N ALA A 661 10.68 30.78 0.24
CA ALA A 661 12.07 30.60 0.61
C ALA A 661 12.81 31.93 0.55
N THR A 662 12.51 32.74 -0.46
CA THR A 662 13.15 34.05 -0.54
C THR A 662 12.84 34.89 0.71
N GLU A 663 11.61 34.83 1.20
CA GLU A 663 11.25 35.68 2.33
C GLU A 663 11.87 35.14 3.63
N VAL A 664 11.96 33.82 3.78
CA VAL A 664 12.71 33.29 4.92
C VAL A 664 14.14 33.81 4.93
N LYS A 665 14.82 33.70 3.78
CA LYS A 665 16.18 34.20 3.75
C LYS A 665 16.23 35.71 4.02
N ARG A 666 15.27 36.47 3.48
CA ARG A 666 15.29 37.91 3.73
C ARG A 666 15.15 38.22 5.22
N ARG A 667 14.23 37.54 5.92
N ARG A 667 14.19 37.57 5.89
CA ARG A 667 14.00 37.87 7.32
CA ARG A 667 14.00 37.83 7.31
C ARG A 667 15.07 37.32 8.26
C ARG A 667 15.25 37.51 8.10
N MET A 668 15.92 36.40 7.77
CA MET A 668 17.11 35.99 8.48
C MET A 668 18.30 36.91 8.23
N GLY A 669 18.17 37.82 7.26
CA GLY A 669 19.28 38.66 6.88
C GLY A 669 20.22 38.06 5.86
N LEU A 670 19.81 37.01 5.15
CA LEU A 670 20.67 36.36 4.16
C LEU A 670 20.46 36.94 2.77
N VAL A 671 21.52 36.86 1.95
CA VAL A 671 21.43 37.28 0.55
C VAL A 671 21.95 36.14 -0.31
N GLY A 672 21.12 35.64 -1.22
CA GLY A 672 21.54 34.66 -2.20
C GLY A 672 20.39 33.78 -2.64
N ASP A 673 20.59 33.11 -3.78
CA ASP A 673 19.56 32.26 -4.39
C ASP A 673 19.58 30.81 -3.91
N GLN A 674 20.50 30.44 -3.02
CA GLN A 674 20.68 29.04 -2.61
C GLN A 674 19.51 28.54 -1.77
N ASP A 675 19.31 27.21 -1.78
CA ASP A 675 18.35 26.54 -0.90
C ASP A 675 18.69 26.78 0.58
N VAL A 676 17.65 26.91 1.42
CA VAL A 676 17.89 27.30 2.81
C VAL A 676 17.46 26.17 3.74
N ILE A 677 18.33 25.81 4.70
CA ILE A 677 17.99 24.81 5.71
C ILE A 677 17.30 25.50 6.88
N VAL A 678 16.21 24.90 7.36
CA VAL A 678 15.45 25.39 8.50
C VAL A 678 15.22 24.25 9.48
N LEU A 679 14.89 24.62 10.70
CA LEU A 679 14.64 23.68 11.79
C LEU A 679 13.14 23.60 12.00
N ARG A 680 12.68 22.47 12.53
CA ARG A 680 11.27 22.15 12.55
C ARG A 680 10.96 21.50 13.89
N ASN A 681 9.87 21.96 14.52
CA ASN A 681 9.53 21.67 15.90
C ASN A 681 8.03 21.30 15.90
N VAL A 682 7.75 20.03 15.59
CA VAL A 682 6.39 19.50 15.72
C VAL A 682 6.08 19.35 17.19
N VAL A 683 4.91 19.85 17.62
CA VAL A 683 4.56 19.85 19.04
C VAL A 683 3.32 18.99 19.22
N MET A 684 3.47 17.81 19.82
CA MET A 684 2.34 16.96 20.17
C MET A 684 2.21 16.73 21.66
N SER A 685 3.18 17.18 22.48
CA SER A 685 3.16 16.88 23.89
C SER A 685 2.25 17.82 24.66
N PRO A 686 1.37 17.32 25.53
CA PRO A 686 0.64 18.21 26.45
C PRO A 686 1.41 18.48 27.73
N PHE A 687 2.62 17.92 27.88
CA PHE A 687 3.31 17.97 29.17
C PHE A 687 4.43 19.01 29.27
N THR A 688 4.91 19.55 28.15
CA THR A 688 6.17 20.29 28.20
C THR A 688 6.11 21.56 29.02
N THR A 689 4.91 22.16 29.20
CA THR A 689 4.84 23.41 29.92
C THR A 689 4.79 23.23 31.43
N THR A 690 4.61 22.00 31.90
CA THR A 690 4.63 21.74 33.33
C THR A 690 5.93 22.25 33.95
N ASN A 691 5.81 22.98 35.05
CA ASN A 691 6.98 23.53 35.74
C ASN A 691 7.87 24.31 34.79
N ASP A 692 7.28 24.83 33.70
CA ASP A 692 8.01 25.56 32.66
C ASP A 692 9.19 24.76 32.12
N PHE A 693 8.98 23.47 31.95
CA PHE A 693 10.03 22.67 31.33
C PHE A 693 10.41 23.23 29.96
N VAL A 694 9.44 23.83 29.23
CA VAL A 694 9.74 24.48 27.94
C VAL A 694 10.91 25.44 28.07
N GLY A 695 10.91 26.24 29.15
CA GLY A 695 12.02 27.16 29.38
C GLY A 695 13.36 26.45 29.50
N THR A 696 13.40 25.38 30.31
CA THR A 696 14.62 24.59 30.39
C THR A 696 15.09 24.23 28.99
N LEU A 697 14.17 23.74 28.15
CA LEU A 697 14.56 23.33 26.81
C LEU A 697 15.08 24.51 26.00
N ALA A 698 14.40 25.66 26.09
CA ALA A 698 14.87 26.85 25.38
C ALA A 698 16.31 27.13 25.76
N ASN A 699 16.62 27.07 27.06
CA ASN A 699 17.97 27.37 27.52
C ASN A 699 18.97 26.34 27.00
N THR A 700 18.58 25.06 27.02
CA THR A 700 19.42 24.03 26.44
C THR A 700 19.71 24.36 24.99
N PHE A 701 18.66 24.66 24.24
CA PHE A 701 18.83 25.04 22.84
C PHE A 701 19.82 26.20 22.72
N GLN A 702 19.60 27.26 23.51
CA GLN A 702 20.44 28.43 23.39
C GLN A 702 21.89 28.05 23.65
N LYS A 703 22.12 27.26 24.70
CA LYS A 703 23.50 26.91 25.01
C LYS A 703 24.16 26.24 23.82
N ILE A 704 23.49 25.25 23.23
CA ILE A 704 24.10 24.54 22.11
C ILE A 704 24.31 25.49 20.94
N VAL A 705 23.32 26.36 20.68
CA VAL A 705 23.49 27.30 19.58
C VAL A 705 24.74 28.14 19.81
N GLU A 706 24.95 28.61 21.03
CA GLU A 706 26.13 29.42 21.27
C GLU A 706 27.40 28.61 20.99
N GLU A 707 27.44 27.35 21.43
CA GLU A 707 28.59 26.50 21.09
C GLU A 707 28.83 26.49 19.59
N GLU A 708 27.77 26.20 18.80
CA GLU A 708 27.98 26.05 17.36
C GLU A 708 28.31 27.40 16.74
N VAL A 709 27.76 28.49 17.28
CA VAL A 709 28.12 29.77 16.71
C VAL A 709 29.62 30.02 16.90
N GLU A 710 30.19 29.56 18.03
CA GLU A 710 31.62 29.73 18.18
C GLU A 710 32.38 29.02 17.07
N TYR A 711 31.97 27.79 16.71
CA TYR A 711 32.61 27.12 15.58
C TYR A 711 32.42 27.93 14.31
N ALA A 712 31.19 28.43 14.07
CA ALA A 712 30.97 29.22 12.86
C ALA A 712 31.92 30.41 12.82
N ARG A 713 32.12 31.05 14.00
CA ARG A 713 33.00 32.22 14.03
C ARG A 713 34.42 31.84 13.70
N ILE A 714 34.87 30.68 14.18
CA ILE A 714 36.21 30.23 13.85
C ILE A 714 36.27 29.91 12.38
N ARG A 715 35.22 29.27 11.85
CA ARG A 715 35.20 28.91 10.44
C ARG A 715 35.29 30.16 9.56
N ASN A 716 34.75 31.28 9.99
CA ASN A 716 34.63 32.43 9.11
C ASN A 716 35.52 33.60 9.52
N ASP A 717 36.50 33.37 10.37
CA ASP A 717 37.44 34.41 10.79
C ASP A 717 38.46 34.67 9.68
N MET A 718 38.56 35.92 9.22
CA MET A 718 39.47 36.22 8.11
C MET A 718 40.84 36.69 8.58
N LYS A 719 41.18 36.49 9.86
CA LYS A 719 42.47 36.94 10.36
C LYS A 719 43.60 36.30 9.56
N PRO A 720 44.79 36.89 9.57
CA PRO A 720 45.92 36.29 8.84
C PRO A 720 46.18 34.88 9.36
N SER A 721 46.61 33.98 8.47
CA SER A 721 46.76 32.56 8.81
C SER A 721 47.83 31.96 7.89
N ILE A 722 47.98 30.63 7.96
CA ILE A 722 49.02 29.91 7.22
C ILE A 722 48.37 29.21 6.04
N HIS A 723 48.94 29.39 4.86
CA HIS A 723 48.31 28.89 3.65
C HIS A 723 49.26 27.92 2.94
N THR A 724 48.69 27.05 2.14
CA THR A 724 49.43 25.99 1.46
C THR A 724 49.50 26.32 -0.04
N PHE A 725 50.66 26.07 -0.65
CA PHE A 725 50.86 26.30 -2.08
C PHE A 725 51.61 25.13 -2.69
N LEU A 726 51.14 24.70 -3.87
CA LEU A 726 51.90 23.83 -4.74
C LEU A 726 52.90 24.65 -5.55
N LEU A 727 54.07 24.06 -5.81
CA LEU A 727 55.11 24.71 -6.60
C LEU A 727 55.14 24.09 -7.99
N HIS A 728 55.06 24.93 -9.01
CA HIS A 728 55.15 24.52 -10.40
C HIS A 728 56.37 25.14 -11.04
N GLY A 729 56.95 24.44 -12.00
CA GLY A 729 58.01 24.99 -12.82
C GLY A 729 59.39 24.54 -12.41
N SER A 730 60.38 25.13 -13.07
CA SER A 730 61.81 24.88 -12.87
C SER A 730 62.51 26.19 -12.53
N GLY A 731 63.85 26.11 -12.37
CA GLY A 731 64.61 27.30 -12.04
C GLY A 731 64.35 28.46 -12.97
N GLU A 732 64.00 28.18 -14.23
CA GLU A 732 63.66 29.22 -15.18
C GLU A 732 62.60 30.15 -14.61
N GLN A 733 61.42 29.60 -14.30
CA GLN A 733 60.34 30.35 -13.69
C GLN A 733 59.51 29.43 -12.79
N TYR A 734 59.15 29.94 -11.62
CA TYR A 734 58.35 29.20 -10.66
C TYR A 734 56.99 29.84 -10.50
N TYR A 735 56.00 28.99 -10.20
CA TYR A 735 54.64 29.44 -9.89
C TYR A 735 54.20 28.80 -8.58
N LEU A 736 53.42 29.55 -7.80
CA LEU A 736 52.73 29.03 -6.63
C LEU A 736 51.26 28.91 -6.97
N VAL A 737 50.67 27.77 -6.64
CA VAL A 737 49.25 27.52 -6.82
C VAL A 737 48.65 27.28 -5.44
N HIS A 738 47.86 28.23 -4.98
CA HIS A 738 47.22 28.08 -3.68
C HIS A 738 46.33 26.85 -3.66
N THR A 739 46.33 26.11 -2.54
CA THR A 739 45.41 24.99 -2.37
C THR A 739 44.19 25.50 -1.60
N PRO A 740 43.12 25.88 -2.28
CA PRO A 740 41.97 26.47 -1.57
C PRO A 740 41.23 25.45 -0.73
N THR A 741 40.47 25.97 0.24
CA THR A 741 39.58 25.15 1.04
C THR A 741 38.28 25.89 1.30
N ILE A 742 37.20 25.14 1.48
CA ILE A 742 35.97 25.76 1.94
C ILE A 742 35.73 25.54 3.42
N HIS A 743 36.65 24.83 4.09
CA HIS A 743 36.57 24.56 5.52
C HIS A 743 36.90 25.79 6.35
N MET A 744 37.46 26.84 5.73
CA MET A 744 37.84 28.10 6.34
C MET A 744 37.53 29.19 5.34
N ALA A 745 36.79 30.24 5.76
CA ALA A 745 36.51 31.33 4.82
C ALA A 745 37.79 31.93 4.29
N SER A 746 38.87 31.95 5.11
CA SER A 746 40.11 32.57 4.66
C SER A 746 40.81 31.77 3.58
N GLY A 747 40.39 30.55 3.30
CA GLY A 747 40.99 29.77 2.24
C GLY A 747 40.20 29.77 0.94
N ARG A 748 39.09 30.51 0.87
CA ARG A 748 38.17 30.45 -0.27
C ARG A 748 38.59 31.41 -1.38
N ARG A 749 39.78 31.17 -1.92
CA ARG A 749 40.33 31.94 -3.03
C ARG A 749 41.08 31.00 -3.96
N GLN A 750 40.92 31.19 -5.26
CA GLN A 750 41.75 30.48 -6.23
C GLN A 750 42.86 31.43 -6.64
N ILE A 751 44.12 31.05 -6.36
CA ILE A 751 45.26 31.95 -6.54
C ILE A 751 46.39 31.24 -7.25
N ILE A 752 46.89 31.88 -8.30
CA ILE A 752 48.06 31.46 -9.05
C ILE A 752 48.98 32.66 -9.16
N LEU A 753 50.23 32.49 -8.74
CA LEU A 753 51.21 33.55 -8.76
C LEU A 753 52.47 33.04 -9.46
N SER A 754 53.12 33.93 -10.20
CA SER A 754 54.50 33.71 -10.62
C SER A 754 55.39 34.33 -9.56
N VAL A 755 56.49 33.65 -9.23
CA VAL A 755 57.31 34.06 -8.10
C VAL A 755 58.78 33.75 -8.34
N ASN A 756 59.63 34.38 -7.54
CA ASN A 756 61.01 33.97 -7.38
C ASN A 756 61.17 33.23 -6.06
N VAL A 757 61.99 32.19 -6.08
CA VAL A 757 62.25 31.38 -4.90
C VAL A 757 63.73 31.53 -4.55
N GLU A 758 63.99 32.26 -3.47
CA GLU A 758 65.33 32.41 -2.91
C GLU A 758 65.58 31.31 -1.89
N GLY A 759 66.61 30.51 -2.11
CA GLY A 759 66.91 29.43 -1.18
C GLY A 759 67.78 28.37 -1.82
N GLN A 760 68.07 27.35 -1.01
CA GLN A 760 68.91 26.23 -1.44
C GLN A 760 68.04 25.03 -1.80
N VAL A 761 67.23 25.21 -2.83
CA VAL A 761 66.26 24.20 -3.24
C VAL A 761 66.57 23.79 -4.68
N ARG A 762 66.59 22.48 -4.91
CA ARG A 762 66.87 21.92 -6.22
C ARG A 762 66.64 20.42 -6.16
N GLN A 763 65.47 19.97 -6.62
CA GLN A 763 65.09 18.57 -6.53
C GLN A 763 64.30 18.20 -7.78
N ALA A 764 64.87 17.33 -8.61
CA ALA A 764 64.23 16.90 -9.84
C ALA A 764 63.55 15.55 -9.67
N VAL A 771 56.22 13.09 -9.70
CA VAL A 771 56.56 12.00 -8.80
C VAL A 771 56.05 12.27 -7.39
N GLU A 772 56.60 13.31 -6.76
CA GLU A 772 56.25 13.69 -5.40
C GLU A 772 56.00 15.19 -5.34
N ALA A 773 55.04 15.58 -4.51
CA ALA A 773 54.57 16.96 -4.47
C ALA A 773 55.55 17.84 -3.69
N VAL A 774 55.87 19.00 -4.26
CA VAL A 774 56.66 20.03 -3.60
C VAL A 774 55.71 21.11 -3.13
N ILE A 775 55.70 21.37 -1.82
CA ILE A 775 54.68 22.20 -1.20
C ILE A 775 55.35 23.31 -0.39
N VAL A 776 54.77 24.50 -0.46
CA VAL A 776 55.27 25.67 0.27
C VAL A 776 54.14 26.23 1.13
N HIS A 777 54.46 26.53 2.39
N HIS A 777 54.46 26.48 2.40
CA HIS A 777 53.55 27.28 3.24
CA HIS A 777 53.61 27.26 3.30
C HIS A 777 54.29 28.49 3.82
C HIS A 777 54.34 28.55 3.65
N ASN A 778 53.57 29.60 3.91
CA ASN A 778 54.12 30.81 4.50
C ASN A 778 54.32 30.61 5.99
N THR A 779 55.44 31.11 6.50
CA THR A 779 55.78 30.96 7.90
C THR A 779 55.20 32.05 8.80
N VAL A 780 54.95 33.24 8.25
CA VAL A 780 54.32 34.33 8.99
C VAL A 780 52.88 34.45 8.51
N PRO A 781 51.89 34.47 9.42
CA PRO A 781 50.48 34.53 9.00
C PRO A 781 50.22 35.74 8.10
N LEU A 782 49.35 35.54 7.11
CA LEU A 782 49.03 36.61 6.18
C LEU A 782 47.61 36.38 5.66
N ARG A 783 47.04 37.45 5.10
CA ARG A 783 45.74 37.38 4.44
C ARG A 783 45.97 37.23 2.94
N LEU A 784 45.28 36.27 2.32
CA LEU A 784 45.43 36.03 0.89
C LEU A 784 45.06 37.28 0.08
N ASP A 785 44.02 38.02 0.51
CA ASP A 785 43.59 39.18 -0.26
C ASP A 785 44.63 40.28 -0.30
N GLU A 786 45.60 40.27 0.62
CA GLU A 786 46.66 41.27 0.64
C GLU A 786 47.87 40.90 -0.22
N ILE A 787 47.88 39.71 -0.83
CA ILE A 787 48.97 39.34 -1.73
C ILE A 787 48.81 40.14 -3.03
N VAL A 788 49.76 41.04 -3.30
CA VAL A 788 49.70 41.90 -4.50
C VAL A 788 51.04 41.87 -5.22
N ASP A 789 51.03 42.32 -6.47
CA ASP A 789 52.23 42.34 -7.29
C ASP A 789 53.36 43.05 -6.54
N GLY A 790 54.54 42.41 -6.54
CA GLY A 790 55.72 42.93 -5.87
C GLY A 790 55.94 42.44 -4.45
N GLY A 791 54.93 41.86 -3.83
CA GLY A 791 55.05 41.38 -2.47
C GLY A 791 56.02 40.22 -2.33
N SER A 792 56.15 39.75 -1.09
CA SER A 792 57.02 38.63 -0.79
C SER A 792 56.65 38.08 0.58
N PHE A 793 57.18 36.90 0.89
CA PHE A 793 56.98 36.34 2.22
C PHE A 793 57.93 35.16 2.40
N ASP A 794 58.24 34.87 3.66
CA ASP A 794 59.09 33.73 3.99
C ASP A 794 58.26 32.46 4.01
N GLY A 795 58.91 31.34 3.72
CA GLY A 795 58.20 30.08 3.65
C GLY A 795 59.03 28.85 3.90
N ILE A 796 58.42 27.68 3.74
CA ILE A 796 59.07 26.40 3.99
C ILE A 796 58.67 25.43 2.89
N LEU A 797 59.67 24.77 2.30
CA LEU A 797 59.40 23.76 1.28
C LEU A 797 59.36 22.38 1.90
N THR A 798 58.55 21.53 1.31
CA THR A 798 58.36 20.16 1.76
C THR A 798 58.27 19.24 0.56
N ILE A 799 59.33 18.48 0.31
CA ILE A 799 59.36 17.52 -0.78
C ILE A 799 58.55 16.30 -0.37
N GLY A 800 57.35 16.16 -0.93
CA GLY A 800 56.52 15.00 -0.67
C GLY A 800 56.51 14.50 0.77
N LYS A 801 56.97 13.26 0.92
CA LYS A 801 57.03 12.54 2.20
C LYS A 801 58.31 12.76 2.99
N ARG A 802 59.07 13.80 2.69
CA ARG A 802 60.34 14.04 3.38
C ARG A 802 60.11 14.67 4.74
N LYS A 803 60.72 14.08 5.77
CA LYS A 803 60.58 14.62 7.12
C LYS A 803 61.28 15.96 7.26
N THR A 804 62.29 16.22 6.42
CA THR A 804 63.02 17.48 6.45
C THR A 804 62.29 18.57 5.68
N SER A 805 62.53 19.82 6.10
CA SER A 805 61.94 21.00 5.48
C SER A 805 63.06 21.96 5.07
N PHE A 806 62.70 22.98 4.30
CA PHE A 806 63.69 23.92 3.76
C PHE A 806 63.18 25.35 3.84
N LYS A 807 63.98 26.22 4.44
N LYS A 807 63.98 26.21 4.46
CA LYS A 807 63.64 27.63 4.48
CA LYS A 807 63.69 27.64 4.47
C LYS A 807 63.82 28.25 3.10
C LYS A 807 63.80 28.21 3.06
N VAL A 808 62.79 28.97 2.64
CA VAL A 808 62.80 29.63 1.35
C VAL A 808 62.25 31.05 1.50
N LYS A 809 62.57 31.91 0.53
CA LYS A 809 62.02 33.26 0.47
C LYS A 809 61.29 33.42 -0.86
N ILE A 810 59.99 33.69 -0.77
CA ILE A 810 59.18 33.92 -1.96
C ILE A 810 59.17 35.40 -2.26
N SER A 811 59.69 35.79 -3.42
CA SER A 811 59.79 37.19 -3.76
C SER A 811 59.34 37.41 -5.20
N ASN A 812 59.19 38.68 -5.54
CA ASN A 812 58.84 39.10 -6.90
C ASN A 812 57.54 38.44 -7.34
N ILE A 813 56.53 38.52 -6.47
CA ILE A 813 55.27 37.85 -6.73
C ILE A 813 54.50 38.59 -7.83
N LYS A 814 53.96 37.83 -8.77
CA LYS A 814 53.05 38.36 -9.79
C LYS A 814 51.79 37.52 -9.76
N VAL A 815 50.64 38.16 -9.51
CA VAL A 815 49.37 37.46 -9.41
C VAL A 815 48.89 37.14 -10.82
N VAL A 816 48.92 35.86 -11.21
CA VAL A 816 48.38 35.44 -12.50
C VAL A 816 46.86 35.29 -12.44
N LYS A 817 46.35 34.70 -11.37
CA LYS A 817 44.90 34.68 -11.11
C LYS A 817 44.67 34.85 -9.62
N LYS A 818 43.69 35.68 -9.27
CA LYS A 818 43.21 35.74 -7.89
C LYS A 818 41.69 35.93 -7.98
N ARG A 819 40.94 34.85 -7.73
CA ARG A 819 39.49 34.89 -7.83
C ARG A 819 38.85 34.44 -6.53
N SER A 820 37.61 34.88 -6.31
CA SER A 820 36.89 34.58 -5.09
C SER A 820 36.14 33.27 -5.19
N LEU A 821 36.31 32.39 -4.19
CA LEU A 821 35.51 31.19 -4.08
C LEU A 821 34.41 31.32 -3.04
N MET A 822 34.01 32.55 -2.70
CA MET A 822 32.89 32.77 -1.80
C MET A 822 31.57 32.40 -2.49
N THR A 823 30.59 31.99 -1.67
CA THR A 823 29.28 31.58 -2.21
C THR A 823 28.76 32.59 -3.23
N GLU A 824 28.80 33.88 -2.88
CA GLU A 824 28.20 34.93 -3.69
C GLU A 824 28.87 35.08 -5.06
N ASP A 825 30.10 34.60 -5.23
CA ASP A 825 30.85 34.80 -6.46
C ASP A 825 31.00 33.53 -7.30
N LEU A 826 30.36 32.44 -6.88
CA LEU A 826 30.39 31.17 -7.57
C LEU A 826 29.12 30.96 -8.36
N GLU A 827 29.18 30.03 -9.30
N GLU A 827 29.19 30.03 -9.31
CA GLU A 827 28.03 29.68 -10.11
CA GLU A 827 28.06 29.64 -10.12
C GLU A 827 27.23 28.56 -9.45
C GLU A 827 27.17 28.65 -9.36
N SER A 828 25.98 28.41 -9.90
CA SER A 828 25.09 27.39 -9.34
C SER A 828 25.06 26.10 -10.16
N ALA A 829 25.46 26.14 -11.43
CA ALA A 829 25.47 24.99 -12.32
C ALA A 829 26.90 24.66 -12.73
N TYR A 830 27.28 23.38 -12.69
CA TYR A 830 28.63 22.99 -13.08
C TYR A 830 28.83 23.14 -14.59
N PRO A 831 30.07 23.37 -15.03
CA PRO A 831 30.35 23.37 -16.48
C PRO A 831 30.17 21.99 -17.08
N SER A 832 29.67 21.93 -18.32
CA SER A 832 29.55 20.65 -19.01
C SER A 832 30.90 20.06 -19.28
N LEU A 833 31.82 20.87 -19.79
CA LEU A 833 33.20 20.47 -20.06
C LEU A 833 34.11 21.15 -19.05
N MET A 834 35.14 20.46 -18.64
CA MET A 834 35.95 20.97 -17.53
C MET A 834 36.90 22.09 -17.98
N PRO A 835 36.89 23.26 -17.32
CA PRO A 835 37.85 24.33 -17.64
C PRO A 835 39.08 24.35 -16.74
N PHE A 836 40.23 24.71 -17.31
CA PHE A 836 41.49 24.84 -16.57
C PHE A 836 42.15 26.17 -16.89
N TYR A 837 42.82 26.74 -15.89
CA TYR A 837 43.76 27.80 -16.17
C TYR A 837 45.03 27.22 -16.80
N PHE A 838 45.52 27.90 -17.84
CA PHE A 838 46.64 27.44 -18.66
C PHE A 838 47.68 28.55 -18.72
N TYR A 839 48.79 28.39 -17.99
CA TYR A 839 49.72 29.47 -17.73
C TYR A 839 51.16 28.97 -17.74
N GLY A 840 52.09 29.92 -17.87
CA GLY A 840 53.49 29.59 -17.79
C GLY A 840 54.29 30.26 -18.88
N THR A 841 55.27 29.53 -19.42
N THR A 841 55.27 29.53 -19.42
CA THR A 841 56.12 30.00 -20.51
CA THR A 841 56.11 30.01 -20.51
C THR A 841 56.06 29.03 -21.67
C THR A 841 56.01 29.05 -21.68
N GLN A 842 56.49 29.48 -22.84
CA GLN A 842 56.41 28.65 -24.04
C GLN A 842 57.22 27.37 -23.85
N GLY A 843 56.56 26.24 -24.06
CA GLY A 843 57.17 24.94 -23.83
C GLY A 843 57.14 24.48 -22.39
N HIS A 844 56.70 25.34 -21.44
CA HIS A 844 56.61 24.99 -20.01
C HIS A 844 55.35 25.64 -19.42
N ALA A 845 54.20 25.09 -19.80
CA ALA A 845 52.92 25.57 -19.30
C ALA A 845 52.46 24.69 -18.13
N HIS A 846 51.37 25.11 -17.49
CA HIS A 846 50.83 24.45 -16.31
C HIS A 846 49.31 24.56 -16.32
N LEU A 847 48.66 23.65 -15.60
CA LEU A 847 47.20 23.57 -15.57
C LEU A 847 46.69 23.67 -14.14
N ASP A 848 45.53 24.30 -13.99
CA ASP A 848 44.84 24.32 -12.70
C ASP A 848 43.34 24.41 -12.96
N HIS A 849 42.62 23.39 -12.52
CA HIS A 849 41.17 23.35 -12.70
C HIS A 849 40.53 24.62 -12.14
N VAL A 850 39.67 25.25 -12.94
CA VAL A 850 38.93 26.42 -12.49
C VAL A 850 37.80 25.97 -11.58
N ILE A 851 37.74 26.55 -10.38
CA ILE A 851 36.71 26.21 -9.40
C ILE A 851 35.54 27.19 -9.62
N THR A 852 34.50 26.74 -10.31
CA THR A 852 33.35 27.60 -10.61
C THR A 852 32.15 27.33 -9.73
N VAL A 853 32.15 26.21 -9.01
CA VAL A 853 31.05 25.74 -8.18
C VAL A 853 31.68 24.89 -7.08
N VAL A 854 31.03 24.86 -5.91
CA VAL A 854 31.39 23.90 -4.85
C VAL A 854 30.15 23.09 -4.48
N PRO A 855 30.31 21.81 -4.10
CA PRO A 855 31.64 21.18 -3.91
C PRO A 855 32.40 20.97 -5.21
N ASN A 856 33.72 20.77 -5.12
CA ASN A 856 34.48 20.56 -6.33
C ASN A 856 35.73 19.76 -5.97
N ILE A 857 36.65 19.68 -6.91
CA ILE A 857 37.86 18.88 -6.78
C ILE A 857 39.02 19.74 -7.26
N HIS A 858 40.09 19.78 -6.49
CA HIS A 858 41.30 20.47 -6.89
C HIS A 858 42.10 19.56 -7.83
N LEU A 859 42.40 20.06 -9.04
CA LEU A 859 43.21 19.35 -10.04
C LEU A 859 44.26 20.30 -10.59
N SER A 860 45.54 19.97 -10.36
CA SER A 860 46.67 20.72 -10.88
C SER A 860 47.68 19.78 -11.51
N ALA A 861 48.35 20.27 -12.55
CA ALA A 861 49.42 19.50 -13.19
C ALA A 861 50.58 20.44 -13.47
N GLY A 862 51.74 20.17 -12.86
CA GLY A 862 52.88 21.03 -13.06
C GLY A 862 53.60 20.83 -14.38
N GLU A 863 53.80 19.57 -14.77
CA GLU A 863 54.47 19.27 -16.03
C GLU A 863 53.46 18.71 -17.03
N ILE A 864 53.28 19.41 -18.15
CA ILE A 864 52.40 18.98 -19.22
C ILE A 864 53.07 19.23 -20.57
N GLN A 865 52.48 18.66 -21.62
CA GLN A 865 52.92 18.87 -23.00
C GLN A 865 51.72 19.30 -23.83
N TYR A 866 51.80 20.45 -24.49
CA TYR A 866 50.70 20.93 -25.29
C TYR A 866 51.05 21.00 -26.77
N LYS A 867 50.05 20.77 -27.62
CA LYS A 867 50.18 20.92 -29.06
C LYS A 867 48.90 21.55 -29.59
N PHE A 868 49.02 22.77 -30.13
CA PHE A 868 47.88 23.50 -30.66
C PHE A 868 48.08 23.76 -32.13
N ASP A 869 46.97 24.05 -32.82
CA ASP A 869 46.99 24.37 -34.23
C ASP A 869 47.62 25.72 -34.53
N ASP A 870 47.84 26.54 -33.49
CA ASP A 870 48.50 27.83 -33.60
C ASP A 870 49.32 28.01 -32.35
N GLU A 871 50.61 28.30 -32.52
CA GLU A 871 51.45 28.56 -31.36
C GLU A 871 50.91 29.77 -30.60
N VAL A 872 50.86 29.66 -29.29
CA VAL A 872 50.36 30.74 -28.43
C VAL A 872 51.53 31.62 -27.98
N SER A 873 51.25 32.90 -27.83
CA SER A 873 52.29 33.89 -27.54
C SER A 873 52.66 33.87 -26.07
N SER A 874 53.88 34.34 -25.77
CA SER A 874 54.33 34.40 -24.38
C SER A 874 53.44 35.30 -23.54
N GLU A 875 52.91 36.39 -24.12
CA GLU A 875 52.01 37.23 -23.35
C GLU A 875 50.77 36.46 -22.91
N ASP A 876 50.16 35.70 -23.83
CA ASP A 876 48.97 34.93 -23.48
C ASP A 876 49.26 33.90 -22.39
N LEU A 877 50.35 33.14 -22.53
CA LEU A 877 50.72 32.13 -21.53
C LEU A 877 51.02 32.76 -20.17
N ALA A 878 51.68 33.91 -20.16
CA ALA A 878 51.98 34.59 -18.91
C ALA A 878 50.70 35.09 -18.24
N LYS A 879 49.78 35.63 -19.03
CA LYS A 879 48.53 36.15 -18.45
C LYS A 879 47.61 35.01 -18.01
N GLY A 880 47.73 33.83 -18.62
CA GLY A 880 46.93 32.71 -18.20
C GLY A 880 45.65 32.55 -19.01
N LEU A 881 45.60 31.51 -19.83
CA LEU A 881 44.46 31.22 -20.67
C LEU A 881 43.49 30.26 -19.98
N ILE A 882 42.34 30.04 -20.62
CA ILE A 882 41.35 29.08 -20.15
C ILE A 882 41.20 28.03 -21.24
N VAL A 883 41.50 26.78 -20.90
CA VAL A 883 41.38 25.66 -21.82
C VAL A 883 40.24 24.78 -21.33
N VAL A 884 39.35 24.41 -22.24
CA VAL A 884 38.17 23.62 -21.91
C VAL A 884 38.35 22.26 -22.55
N ALA A 885 38.27 21.22 -21.72
CA ALA A 885 38.54 19.84 -22.14
C ALA A 885 37.26 19.23 -22.68
N GLU A 886 37.21 19.06 -24.00
CA GLU A 886 36.05 18.45 -24.65
C GLU A 886 35.78 17.04 -24.14
N ASN A 887 36.79 16.34 -23.64
CA ASN A 887 36.69 14.94 -23.22
C ASN A 887 36.69 14.78 -21.71
N VAL A 888 36.41 15.83 -20.96
CA VAL A 888 36.23 15.73 -19.51
C VAL A 888 34.91 16.39 -19.17
N HIS A 889 33.91 15.59 -18.82
CA HIS A 889 32.57 16.11 -18.60
C HIS A 889 32.40 16.34 -17.11
N GLU A 890 32.72 17.57 -16.69
CA GLU A 890 32.82 17.89 -15.27
C GLU A 890 31.49 17.69 -14.55
N ALA A 891 30.41 18.27 -15.09
CA ALA A 891 29.10 18.16 -14.44
C ALA A 891 28.71 16.70 -14.23
N SER A 892 29.04 15.81 -15.17
CA SER A 892 28.60 14.44 -15.07
C SER A 892 29.23 13.69 -13.89
N MET A 893 30.36 14.18 -13.40
CA MET A 893 31.09 13.50 -12.33
C MET A 893 30.87 14.10 -10.95
N GLN A 894 30.11 15.18 -10.86
CA GLN A 894 30.00 15.92 -9.59
C GLN A 894 28.83 15.38 -8.77
N PRO A 895 28.93 15.32 -7.42
CA PRO A 895 30.17 15.63 -6.69
C PRO A 895 31.16 14.48 -6.75
N PHE A 896 32.45 14.81 -6.72
CA PHE A 896 33.49 13.78 -6.73
C PHE A 896 33.53 13.05 -5.39
N PRO A 897 33.72 11.74 -5.40
CA PRO A 897 33.82 11.01 -4.14
C PRO A 897 34.95 11.57 -3.30
N LEU A 898 34.80 11.44 -1.98
CA LEU A 898 35.83 11.87 -1.06
C LEU A 898 37.07 11.00 -1.21
N MET A 899 38.21 11.53 -0.76
CA MET A 899 39.48 10.86 -0.96
C MET A 899 39.50 9.47 -0.33
N LYS A 900 38.88 9.32 0.86
CA LYS A 900 38.90 8.01 1.49
C LYS A 900 38.09 6.99 0.70
N ASP A 901 37.30 7.43 -0.27
CA ASP A 901 36.37 6.56 -0.96
C ASP A 901 36.76 6.26 -2.41
N PHE A 902 37.86 6.79 -2.92
CA PHE A 902 38.33 6.36 -4.22
C PHE A 902 39.86 6.38 -4.25
N LYS A 903 40.43 5.46 -5.01
CA LYS A 903 41.88 5.35 -5.14
C LYS A 903 42.28 5.77 -6.54
N ILE A 904 43.24 6.68 -6.63
CA ILE A 904 43.75 7.16 -7.90
C ILE A 904 44.66 6.10 -8.51
N THR A 905 44.34 5.69 -9.74
CA THR A 905 45.18 4.81 -10.53
C THR A 905 45.53 5.52 -11.84
N ASN A 906 46.25 4.80 -12.70
CA ASN A 906 46.51 5.34 -14.03
C ASN A 906 45.25 5.38 -14.89
N GLN A 907 44.14 4.80 -14.41
CA GLN A 907 42.88 4.88 -15.14
C GLN A 907 42.13 6.17 -14.84
N PHE A 908 42.41 6.82 -13.72
CA PHE A 908 41.80 8.09 -13.40
C PHE A 908 42.04 9.09 -14.53
N PHE A 909 40.98 9.83 -14.89
CA PHE A 909 41.04 10.70 -16.05
C PHE A 909 42.10 11.77 -15.91
N PHE A 910 42.48 12.13 -14.69
CA PHE A 910 43.49 13.16 -14.47
C PHE A 910 44.72 12.53 -13.84
N SER A 911 45.46 11.76 -14.65
CA SER A 911 46.68 11.13 -14.20
C SER A 911 47.71 11.17 -15.32
N SER A 912 48.95 10.93 -14.95
CA SER A 912 50.05 10.97 -15.91
C SER A 912 49.75 10.10 -17.12
N GLY A 913 49.91 10.68 -18.31
CA GLY A 913 49.64 9.99 -19.55
C GLY A 913 48.30 10.32 -20.19
N GLN A 914 47.36 10.89 -19.44
CA GLN A 914 46.08 11.23 -20.00
C GLN A 914 46.23 12.40 -20.97
N ILE A 915 45.47 12.37 -22.05
CA ILE A 915 45.51 13.42 -23.08
C ILE A 915 44.20 14.17 -23.03
N LEU A 916 44.29 15.49 -22.90
CA LEU A 916 43.12 16.36 -22.93
C LEU A 916 43.00 17.01 -24.30
N ARG A 917 41.85 16.84 -24.94
CA ARG A 917 41.54 17.54 -26.18
C ARG A 917 40.78 18.80 -25.82
N VAL A 918 41.33 19.96 -26.19
CA VAL A 918 40.88 21.21 -25.58
C VAL A 918 40.61 22.28 -26.63
N LYS A 919 39.70 23.18 -26.28
CA LYS A 919 39.64 24.48 -26.93
C LYS A 919 40.26 25.52 -26.00
N VAL A 920 40.92 26.52 -26.60
CA VAL A 920 41.66 27.53 -25.87
C VAL A 920 40.92 28.86 -26.01
N TYR A 921 40.76 29.56 -24.90
CA TYR A 921 40.07 30.84 -24.86
C TYR A 921 40.87 31.82 -24.02
N ARG A 922 40.72 33.11 -24.31
CA ARG A 922 41.28 34.13 -23.44
C ARG A 922 40.34 34.38 -22.27
N ASP A 923 40.93 34.62 -21.10
CA ASP A 923 40.16 34.91 -19.90
C ASP A 923 39.55 36.29 -20.03
N PRO A 924 38.22 36.42 -20.03
CA PRO A 924 37.61 37.74 -20.23
C PRO A 924 37.54 38.60 -18.97
N TYR A 925 38.05 38.11 -17.84
CA TYR A 925 38.04 38.79 -16.57
C TYR A 925 39.45 39.17 -16.13
N PRO A 926 39.58 40.18 -15.27
CA PRO A 926 40.91 40.65 -14.88
C PRO A 926 41.65 39.65 -14.01
N ALA A 927 42.97 39.83 -13.96
CA ALA A 927 43.80 38.94 -13.16
C ALA A 927 43.24 38.77 -11.75
N SER A 928 43.00 39.87 -11.05
CA SER A 928 42.49 39.85 -9.68
C SER A 928 41.06 40.35 -9.65
N THR A 929 40.16 39.59 -9.00
CA THR A 929 38.76 39.97 -8.99
C THR A 929 38.06 39.34 -7.79
N MET A 930 37.25 40.14 -7.10
CA MET A 930 36.35 39.63 -6.06
C MET A 930 34.91 39.52 -6.53
N ASP A 931 34.68 39.63 -7.83
CA ASP A 931 33.36 39.50 -8.45
C ASP A 931 33.20 38.19 -9.19
N PRO A 932 31.97 37.82 -9.55
CA PRO A 932 31.76 36.56 -10.27
C PRO A 932 32.52 36.51 -11.59
N ILE A 933 32.81 35.29 -12.03
CA ILE A 933 33.50 35.07 -13.31
C ILE A 933 32.76 33.97 -14.05
N PRO A 934 31.51 34.18 -14.44
CA PRO A 934 30.73 33.10 -15.08
C PRO A 934 31.41 32.60 -16.34
N LEU A 935 31.52 31.28 -16.46
CA LEU A 935 32.11 30.64 -17.63
C LEU A 935 31.14 29.68 -18.31
N HIS A 936 29.85 29.68 -17.92
CA HIS A 936 28.89 28.73 -18.48
C HIS A 936 28.93 28.75 -20.00
N ASP A 937 28.92 29.95 -20.59
CA ASP A 937 28.89 30.12 -22.03
C ASP A 937 30.26 30.45 -22.59
N ILE A 938 31.32 29.93 -21.97
CA ILE A 938 32.68 30.16 -22.48
C ILE A 938 32.79 29.70 -23.92
N LYS A 939 31.99 28.72 -24.33
CA LYS A 939 32.07 28.21 -25.69
C LYS A 939 31.72 29.27 -26.73
N ASN A 940 31.04 30.35 -26.35
CA ASN A 940 30.73 31.43 -27.28
C ASN A 940 31.78 32.53 -27.30
N GLN A 941 32.83 32.44 -26.46
CA GLN A 941 33.96 33.35 -26.57
C GLN A 941 34.76 33.02 -27.83
N PRO A 942 35.50 33.97 -28.36
CA PRO A 942 36.35 33.67 -29.52
C PRO A 942 37.35 32.60 -29.15
N VAL A 943 37.53 31.64 -30.05
CA VAL A 943 38.46 30.54 -29.83
C VAL A 943 39.84 30.97 -30.29
N VAL A 944 40.80 30.97 -29.36
CA VAL A 944 42.16 31.35 -29.71
C VAL A 944 42.77 30.31 -30.62
N THR A 945 42.68 29.05 -30.24
CA THR A 945 43.21 27.92 -30.99
C THR A 945 42.65 26.66 -30.33
N GLN A 946 43.13 25.50 -30.76
CA GLN A 946 42.62 24.24 -30.21
C GLN A 946 43.70 23.18 -30.39
N GLY A 947 43.56 22.08 -29.65
CA GLY A 947 44.58 21.05 -29.72
C GLY A 947 44.46 20.10 -28.54
N THR A 948 45.61 19.62 -28.09
CA THR A 948 45.68 18.62 -27.04
C THR A 948 46.71 19.02 -25.98
N ILE A 949 46.48 18.52 -24.76
CA ILE A 949 47.40 18.66 -23.63
C ILE A 949 47.55 17.29 -22.99
N THR A 950 48.79 16.82 -22.88
CA THR A 950 49.13 15.55 -22.26
C THR A 950 49.68 15.82 -20.87
N LEU A 951 49.11 15.13 -19.88
CA LEU A 951 49.55 15.28 -18.51
C LEU A 951 50.78 14.48 -18.32
N VAL A 952 51.82 15.14 -17.82
CA VAL A 952 53.10 14.48 -17.61
C VAL A 952 53.41 14.12 -16.17
N GLY A 953 53.46 15.11 -15.32
CA GLY A 953 53.79 14.84 -13.96
C GLY A 953 53.52 16.00 -13.06
N ASN A 954 53.98 15.87 -11.84
CA ASN A 954 53.70 16.88 -10.82
C ASN A 954 52.18 17.14 -10.71
N ILE A 955 51.45 16.07 -10.43
CA ILE A 955 49.99 16.08 -10.46
C ILE A 955 49.45 16.08 -9.04
N TYR A 956 48.46 16.95 -8.79
CA TYR A 956 47.88 17.13 -7.47
C TYR A 956 46.37 17.02 -7.56
N VAL A 957 45.78 16.13 -6.76
CA VAL A 957 44.35 15.82 -6.80
C VAL A 957 43.81 15.80 -5.37
N ASP A 958 42.74 16.56 -5.12
CA ASP A 958 42.14 16.60 -3.78
C ASP A 958 40.66 16.92 -3.91
N SER A 959 39.82 15.93 -3.56
CA SER A 959 38.36 16.06 -3.61
C SER A 959 37.75 16.37 -2.26
N ASP A 960 38.55 16.48 -1.20
CA ASP A 960 38.06 16.72 0.15
C ASP A 960 38.09 18.19 0.54
N ALA A 961 39.06 18.96 0.04
CA ALA A 961 39.28 20.32 0.53
C ALA A 961 38.16 21.26 0.12
N LEU A 962 37.48 20.96 -0.98
CA LEU A 962 36.41 21.78 -1.51
C LEU A 962 35.06 21.08 -1.36
N ASN A 963 34.88 20.33 -0.28
CA ASN A 963 33.63 19.60 -0.09
C ASN A 963 33.35 19.52 1.40
N VAL A 964 32.21 20.08 1.85
CA VAL A 964 31.90 20.07 3.28
C VAL A 964 31.68 18.65 3.81
N ALA A 965 31.36 17.69 2.94
CA ALA A 965 31.17 16.32 3.41
C ALA A 965 32.42 15.70 4.04
N SER A 966 33.62 16.25 3.83
CA SER A 966 34.80 15.69 4.49
C SER A 966 34.98 16.18 5.92
N GLU A 967 34.16 17.12 6.40
CA GLU A 967 34.35 17.67 7.73
C GLU A 967 33.78 16.75 8.80
N PRO A 968 34.25 16.86 10.04
CA PRO A 968 33.56 16.18 11.14
C PRO A 968 32.15 16.72 11.32
N THR A 969 31.26 15.87 11.78
CA THR A 969 29.93 16.34 12.12
C THR A 969 29.95 17.06 13.47
N ALA A 970 28.85 17.76 13.77
CA ALA A 970 28.72 18.36 15.10
C ALA A 970 28.70 17.29 16.19
N ASP A 971 28.15 16.10 15.89
CA ASP A 971 28.17 15.02 16.88
C ASP A 971 29.60 14.59 17.20
N GLU A 972 30.45 14.47 16.18
CA GLU A 972 31.84 14.07 16.44
C GLU A 972 32.60 15.14 17.23
N ASP A 973 32.45 16.41 16.86
CA ASP A 973 33.10 17.47 17.62
C ASP A 973 32.66 17.46 19.07
N ALA A 974 31.35 17.39 19.32
CA ALA A 974 30.88 17.35 20.70
C ALA A 974 31.36 16.12 21.44
N ALA A 975 31.54 14.97 20.75
CA ALA A 975 32.05 13.79 21.44
C ALA A 975 33.50 13.99 21.86
N HIS A 976 34.23 14.86 21.17
CA HIS A 976 35.60 15.11 21.57
C HIS A 976 35.77 16.19 22.63
N VAL A 977 34.68 16.70 23.20
CA VAL A 977 34.74 17.71 24.26
C VAL A 977 34.44 17.03 25.60
N PRO A 978 35.36 17.04 26.57
CA PRO A 978 35.10 16.30 27.81
C PRO A 978 33.92 16.89 28.58
N HIS A 979 33.19 16.03 29.23
CA HIS A 979 32.10 16.43 30.09
C HIS A 979 31.94 15.45 31.25
N ALA A 980 31.24 15.89 32.30
CA ALA A 980 31.02 15.05 33.47
C ALA A 980 30.49 13.68 33.07
N VAL B 14 10.10 -45.92 20.22
CA VAL B 14 9.46 -45.04 21.20
C VAL B 14 9.44 -43.59 20.73
N PRO B 15 8.25 -43.06 20.51
CA PRO B 15 8.14 -41.70 19.99
C PRO B 15 8.41 -40.64 21.06
N SER B 16 9.09 -39.57 20.66
CA SER B 16 9.47 -38.49 21.56
C SER B 16 8.47 -37.35 21.49
N SER B 17 8.11 -36.81 22.65
CA SER B 17 7.22 -35.67 22.73
C SER B 17 7.96 -34.34 22.67
N ASP B 18 9.29 -34.37 22.66
CA ASP B 18 10.06 -33.13 22.81
C ASP B 18 9.76 -32.12 21.70
N ASP B 19 9.64 -32.56 20.45
CA ASP B 19 9.43 -31.58 19.39
C ASP B 19 8.07 -30.87 19.48
N HIS B 20 7.03 -31.57 19.92
CA HIS B 20 5.73 -30.93 20.09
C HIS B 20 5.70 -30.02 21.32
N GLU B 21 6.34 -30.46 22.41
CA GLU B 21 6.48 -29.61 23.58
C GLU B 21 7.26 -28.35 23.25
N ARG B 22 8.26 -28.45 22.39
CA ARG B 22 9.08 -27.27 22.13
C ARG B 22 8.24 -26.16 21.51
N ILE B 23 7.29 -26.50 20.62
CA ILE B 23 6.49 -25.44 20.01
C ILE B 23 5.21 -25.15 20.78
N SER B 24 4.80 -26.03 21.70
CA SER B 24 3.62 -25.71 22.49
C SER B 24 3.81 -24.47 23.36
N ALA B 25 5.05 -24.11 23.68
CA ALA B 25 5.30 -22.91 24.47
C ALA B 25 5.19 -21.63 23.65
N LEU B 26 4.97 -21.72 22.34
CA LEU B 26 4.98 -20.51 21.53
C LEU B 26 3.63 -19.81 21.47
N PHE B 27 2.57 -20.44 21.98
CA PHE B 27 1.22 -19.94 21.77
C PHE B 27 0.51 -19.80 23.11
N LEU B 28 -0.41 -18.84 23.19
CA LEU B 28 -1.25 -18.74 24.38
C LEU B 28 -2.04 -20.03 24.59
N GLY B 29 -2.55 -20.61 23.49
CA GLY B 29 -3.06 -21.96 23.53
C GLY B 29 -4.56 -22.07 23.34
N PRO B 30 -5.04 -23.23 22.86
CA PRO B 30 -6.49 -23.40 22.64
C PRO B 30 -7.36 -23.07 23.84
N LYS B 31 -6.88 -23.36 25.05
CA LYS B 31 -7.59 -23.02 26.28
C LYS B 31 -6.82 -21.99 27.09
N ALA B 32 -6.01 -21.18 26.41
CA ALA B 32 -5.17 -20.21 27.10
C ALA B 32 -4.33 -20.90 28.19
N GLU B 33 -3.89 -22.14 27.91
CA GLU B 33 -3.14 -22.91 28.91
C GLU B 33 -1.89 -22.19 29.36
N ASN B 34 -1.34 -21.32 28.51
CA ASN B 34 -0.07 -20.66 28.78
C ASN B 34 -0.23 -19.25 29.33
N ALA B 35 -1.39 -18.94 29.91
CA ALA B 35 -1.67 -17.58 30.38
C ALA B 35 -0.72 -17.13 31.48
N ALA B 36 -0.27 -18.03 32.35
CA ALA B 36 0.66 -17.61 33.42
C ALA B 36 1.99 -17.15 32.86
N PHE B 37 2.51 -17.87 31.84
CA PHE B 37 3.72 -17.41 31.16
C PHE B 37 3.52 -16.05 30.51
N LEU B 38 2.37 -15.88 29.84
CA LEU B 38 2.11 -14.60 29.19
C LEU B 38 2.06 -13.48 30.23
N GLN B 39 1.41 -13.73 31.37
CA GLN B 39 1.35 -12.71 32.41
C GLN B 39 2.74 -12.32 32.88
N GLN B 40 3.63 -13.30 33.05
N GLN B 40 3.63 -13.30 33.04
CA GLN B 40 4.99 -12.97 33.44
CA GLN B 40 5.00 -12.98 33.45
C GLN B 40 5.66 -12.10 32.39
C GLN B 40 5.70 -12.13 32.39
N TRP B 41 5.50 -12.46 31.11
CA TRP B 41 6.16 -11.71 30.05
C TRP B 41 5.62 -10.27 29.95
N LEU B 42 4.31 -10.09 30.09
CA LEU B 42 3.74 -8.74 30.08
C LEU B 42 4.23 -7.90 31.27
N THR B 43 4.33 -8.52 32.45
CA THR B 43 4.92 -7.83 33.59
C THR B 43 6.36 -7.39 33.29
N THR B 44 7.14 -8.26 32.64
CA THR B 44 8.50 -7.85 32.25
C THR B 44 8.47 -6.68 31.26
N VAL B 45 7.58 -6.71 30.28
CA VAL B 45 7.47 -5.57 29.36
C VAL B 45 7.25 -4.27 30.14
N VAL B 46 6.32 -4.29 31.10
CA VAL B 46 6.02 -3.04 31.83
C VAL B 46 7.22 -2.61 32.66
N ALA B 47 7.87 -3.53 33.35
CA ALA B 47 9.00 -3.16 34.15
C ALA B 47 10.10 -2.53 33.34
N GLN B 48 10.37 -3.09 32.18
CA GLN B 48 11.40 -2.56 31.34
C GLN B 48 11.06 -1.20 30.78
N GLN B 49 9.80 -0.97 30.47
CA GLN B 49 9.39 0.31 29.97
C GLN B 49 9.70 1.32 31.02
N LYS B 50 9.32 1.01 32.25
CA LYS B 50 9.59 1.92 33.36
C LYS B 50 11.09 2.17 33.50
N ALA B 51 11.89 1.10 33.47
CA ALA B 51 13.34 1.26 33.61
C ALA B 51 13.91 2.15 32.51
N ALA B 52 13.46 1.96 31.27
CA ALA B 52 13.98 2.75 30.14
C ALA B 52 13.59 4.22 30.24
N ARG B 53 12.34 4.51 30.59
CA ARG B 53 11.94 5.91 30.68
C ARG B 53 12.61 6.59 31.87
N ASP B 54 12.90 5.83 32.94
CA ASP B 54 13.71 6.36 34.05
C ASP B 54 15.13 6.67 33.60
N ALA B 55 15.72 5.81 32.76
CA ALA B 55 17.11 5.95 32.35
C ALA B 55 17.35 7.15 31.45
N TYR B 56 16.33 7.63 30.72
CA TYR B 56 16.48 8.80 29.87
C TYR B 56 16.38 10.04 30.75
N PHE B 57 17.51 10.72 30.93
CA PHE B 57 17.66 11.84 31.82
C PHE B 57 17.08 11.52 33.20
N PRO B 58 17.82 10.73 33.99
CA PRO B 58 17.32 10.29 35.31
C PRO B 58 16.99 11.41 36.25
N ASP B 59 17.57 12.60 36.08
CA ASP B 59 17.33 13.68 37.03
C ASP B 59 16.05 14.45 36.73
N ASP B 60 15.42 14.21 35.58
CA ASP B 60 14.09 14.75 35.33
C ASP B 60 13.10 14.20 36.34
N ASN B 61 12.27 15.08 36.90
CA ASN B 61 11.22 14.65 37.80
C ASN B 61 9.95 14.30 37.01
N ALA B 62 8.96 13.75 37.72
CA ALA B 62 7.73 13.33 37.08
C ALA B 62 6.96 14.51 36.50
N PHE B 63 6.34 14.29 35.36
CA PHE B 63 5.36 15.25 34.83
C PHE B 63 3.95 14.93 35.30
N ILE B 64 3.70 13.67 35.64
CA ILE B 64 2.40 13.21 36.13
C ILE B 64 2.59 12.85 37.60
N THR B 65 2.15 13.74 38.49
CA THR B 65 2.44 13.57 39.91
C THR B 65 1.39 12.69 40.57
N THR B 66 1.71 12.23 41.79
CA THR B 66 0.76 11.41 42.53
C THR B 66 -0.51 12.20 42.87
N ASP B 67 -0.38 13.50 43.16
CA ASP B 67 -1.59 14.27 43.42
C ASP B 67 -2.45 14.37 42.16
N MET B 68 -1.83 14.46 40.98
CA MET B 68 -2.60 14.42 39.74
C MET B 68 -3.28 13.08 39.57
N GLN B 69 -2.59 12.00 39.92
CA GLN B 69 -3.13 10.66 39.69
C GLN B 69 -4.32 10.32 40.58
N THR B 70 -4.48 10.99 41.73
CA THR B 70 -5.60 10.74 42.62
C THR B 70 -6.70 11.78 42.51
N SER B 71 -6.61 12.68 41.54
CA SER B 71 -7.64 13.68 41.35
C SER B 71 -8.86 13.06 40.68
N PRO B 72 -10.02 13.68 40.84
CA PRO B 72 -11.25 13.08 40.25
C PRO B 72 -11.24 13.00 38.72
N ALA B 73 -10.66 13.97 38.02
CA ALA B 73 -10.67 13.88 36.57
C ALA B 73 -9.78 12.75 36.07
N PHE B 74 -8.60 12.57 36.69
CA PHE B 74 -7.71 11.45 36.34
C PHE B 74 -8.40 10.12 36.61
N ALA B 75 -8.98 9.99 37.82
CA ALA B 75 -9.69 8.77 38.17
C ALA B 75 -10.82 8.49 37.20
N GLN B 76 -11.54 9.55 36.77
CA GLN B 76 -12.59 9.37 35.78
C GLN B 76 -12.02 8.82 34.47
N THR B 77 -10.87 9.33 34.05
CA THR B 77 -10.28 8.78 32.81
C THR B 77 -9.87 7.31 33.00
N THR B 78 -9.28 6.94 34.14
CA THR B 78 -8.89 5.52 34.31
C THR B 78 -10.11 4.61 34.37
N LYS B 79 -11.20 5.07 34.99
CA LYS B 79 -12.43 4.28 34.96
C LYS B 79 -12.96 4.10 33.54
N VAL B 80 -12.90 5.17 32.74
CA VAL B 80 -13.37 5.05 31.35
C VAL B 80 -12.50 4.08 30.57
N ILE B 81 -11.18 4.17 30.72
CA ILE B 81 -10.30 3.23 30.04
C ILE B 81 -10.62 1.79 30.46
N ALA B 82 -10.74 1.55 31.78
CA ALA B 82 -11.04 0.19 32.27
C ALA B 82 -12.36 -0.34 31.71
N SER B 83 -13.39 0.50 31.72
CA SER B 83 -14.70 0.10 31.25
C SER B 83 -14.70 -0.17 29.74
N ASN B 84 -14.12 0.73 28.96
CA ASN B 84 -14.02 0.48 27.53
C ASN B 84 -13.22 -0.77 27.23
N LEU B 85 -12.16 -1.00 28.01
CA LEU B 85 -11.33 -2.17 27.77
C LEU B 85 -12.11 -3.45 28.01
N THR B 86 -12.80 -3.52 29.16
CA THR B 86 -13.55 -4.72 29.44
C THR B 86 -14.66 -4.94 28.43
N GLU B 87 -15.32 -3.86 28.00
CA GLU B 87 -16.37 -4.03 27.01
C GLU B 87 -15.80 -4.58 25.71
N LEU B 88 -14.67 -4.02 25.25
CA LEU B 88 -14.02 -4.53 24.05
C LEU B 88 -13.63 -6.01 24.21
N LEU B 89 -13.06 -6.38 25.35
CA LEU B 89 -12.60 -7.77 25.54
C LEU B 89 -13.77 -8.73 25.53
N THR B 90 -14.85 -8.37 26.23
CA THR B 90 -16.06 -9.18 26.23
C THR B 90 -16.60 -9.35 24.82
N ALA B 91 -16.74 -8.26 24.08
CA ALA B 91 -17.30 -8.37 22.73
C ALA B 91 -16.37 -9.18 21.83
N LEU B 92 -15.06 -8.98 21.95
CA LEU B 92 -14.13 -9.74 21.11
C LEU B 92 -14.30 -11.23 21.34
N GLY B 93 -14.36 -11.64 22.61
CA GLY B 93 -14.53 -13.05 22.92
C GLY B 93 -15.87 -13.60 22.45
N GLU B 94 -16.92 -12.77 22.47
CA GLU B 94 -18.23 -13.29 22.10
C GLU B 94 -18.49 -13.25 20.59
N ARG B 95 -17.78 -12.42 19.84
CA ARG B 95 -18.19 -12.15 18.47
C ARG B 95 -17.14 -12.43 17.41
N SER B 96 -15.90 -12.77 17.79
CA SER B 96 -14.83 -13.01 16.81
C SER B 96 -14.78 -14.49 16.44
N ILE B 97 -14.12 -14.80 15.34
CA ILE B 97 -13.92 -16.21 15.01
C ILE B 97 -12.88 -16.81 15.96
N PRO B 98 -13.13 -17.97 16.60
CA PRO B 98 -12.12 -18.55 17.51
C PRO B 98 -11.03 -19.29 16.77
N PHE B 99 -10.19 -18.53 16.05
CA PHE B 99 -9.04 -19.08 15.36
C PHE B 99 -8.10 -19.82 16.28
N PHE B 100 -8.11 -19.46 17.58
CA PHE B 100 -7.21 -20.05 18.58
C PHE B 100 -7.50 -21.53 18.83
N SER B 101 -8.69 -21.99 18.49
CA SER B 101 -9.11 -23.37 18.72
C SER B 101 -8.76 -24.24 17.52
N PRO B 102 -8.34 -25.48 17.74
CA PRO B 102 -8.15 -26.39 16.61
C PRO B 102 -9.46 -26.71 15.90
N ARG B 103 -10.60 -26.38 16.49
CA ARG B 103 -11.86 -26.47 15.75
C ARG B 103 -11.87 -25.57 14.53
N TYR B 104 -11.01 -24.57 14.49
CA TYR B 104 -10.91 -23.71 13.31
C TYR B 104 -9.86 -24.26 12.34
N SER B 105 -10.26 -24.54 11.11
CA SER B 105 -9.31 -24.99 10.09
C SER B 105 -9.85 -24.57 8.72
N GLY B 106 -10.16 -23.27 8.56
CA GLY B 106 -10.80 -22.79 7.35
C GLY B 106 -9.87 -21.98 6.45
N HIS B 107 -9.62 -20.72 6.82
CA HIS B 107 -8.70 -19.83 6.12
C HIS B 107 -7.30 -19.93 6.72
N MET B 108 -6.41 -19.06 6.26
CA MET B 108 -5.04 -18.96 6.78
C MET B 108 -5.09 -18.15 8.07
N SER B 109 -5.68 -18.76 9.10
CA SER B 109 -5.82 -18.11 10.39
C SER B 109 -5.63 -19.16 11.47
N VAL B 110 -5.05 -18.73 12.59
CA VAL B 110 -4.61 -19.64 13.65
C VAL B 110 -4.13 -18.78 14.82
N ASP B 111 -3.99 -19.38 16.00
CA ASP B 111 -3.35 -18.72 17.13
C ASP B 111 -1.94 -18.27 16.72
N GLN B 112 -1.62 -17.00 16.98
CA GLN B 112 -0.34 -16.44 16.58
C GLN B 112 0.72 -16.65 17.67
N SER B 113 1.98 -16.54 17.29
CA SER B 113 3.07 -16.81 18.23
C SER B 113 3.22 -15.68 19.25
N LEU B 114 3.38 -16.07 20.51
CA LEU B 114 3.60 -15.07 21.55
C LEU B 114 4.87 -14.24 21.36
N PRO B 115 6.00 -14.79 20.89
CA PRO B 115 7.16 -13.91 20.64
C PRO B 115 6.84 -12.77 19.68
N ALA B 116 6.06 -13.03 18.63
CA ALA B 116 5.66 -11.95 17.71
C ALA B 116 4.77 -10.93 18.41
N ILE B 117 3.75 -11.39 19.12
CA ILE B 117 2.86 -10.45 19.82
C ILE B 117 3.64 -9.60 20.80
N LEU B 118 4.60 -10.21 21.52
CA LEU B 118 5.38 -9.50 22.52
C LEU B 118 6.37 -8.54 21.88
N GLY B 119 6.95 -8.92 20.73
CA GLY B 119 7.81 -7.99 20.02
C GLY B 119 7.06 -6.75 19.56
N PHE B 120 5.89 -6.95 18.98
CA PHE B 120 5.08 -5.81 18.56
C PHE B 120 4.72 -4.93 19.75
N LEU B 121 4.20 -5.54 20.83
CA LEU B 121 3.78 -4.76 22.00
C LEU B 121 4.94 -3.98 22.59
N SER B 122 6.07 -4.66 22.83
CA SER B 122 7.26 -4.01 23.38
C SER B 122 7.66 -2.80 22.57
N THR B 123 7.56 -2.90 21.24
CA THR B 123 8.00 -1.79 20.42
C THR B 123 6.97 -0.67 20.28
N THR B 124 5.65 -0.96 20.34
CA THR B 124 4.69 0.14 20.15
C THR B 124 4.79 1.18 21.23
N PHE B 125 5.30 0.82 22.42
CA PHE B 125 5.49 1.84 23.45
C PHE B 125 6.53 2.87 23.03
N TYR B 126 7.47 2.49 22.13
CA TYR B 126 8.42 3.41 21.52
C TYR B 126 7.94 3.97 20.19
N ASN B 127 6.92 3.34 19.56
CA ASN B 127 6.27 3.74 18.31
C ASN B 127 7.28 4.23 17.27
N PRO B 128 8.36 3.50 16.99
CA PRO B 128 9.30 3.94 15.96
C PRO B 128 8.65 3.93 14.58
N ASN B 129 9.13 4.83 13.73
CA ASN B 129 8.59 5.01 12.38
C ASN B 129 9.69 4.69 11.40
N ASN B 130 9.57 3.54 10.74
CA ASN B 130 10.64 3.05 9.90
C ASN B 130 10.71 3.76 8.57
N VAL B 131 9.88 4.78 8.34
CA VAL B 131 10.07 5.52 7.08
C VAL B 131 11.42 6.24 7.08
N ALA B 132 11.96 6.58 8.25
CA ALA B 132 13.17 7.40 8.31
C ALA B 132 14.07 6.95 9.47
N PHE B 133 15.38 6.89 9.21
CA PHE B 133 16.31 6.40 10.22
C PHE B 133 16.22 7.22 11.50
N GLU B 134 16.14 8.53 11.39
CA GLU B 134 16.13 9.38 12.58
C GLU B 134 14.84 9.25 13.38
N ALA B 135 13.85 8.52 12.87
CA ALA B 135 12.68 8.16 13.65
C ALA B 135 12.68 6.70 14.10
N SER B 136 13.72 5.95 13.72
CA SER B 136 13.74 4.52 14.03
C SER B 136 15.16 4.00 13.96
N PRO B 137 16.11 4.61 14.70
CA PRO B 137 17.53 4.22 14.53
C PRO B 137 17.78 2.76 14.87
N PHE B 138 16.95 2.17 15.70
CA PHE B 138 17.07 0.77 16.07
C PHE B 138 16.21 -0.13 15.19
N THR B 139 14.91 0.17 15.02
CA THR B 139 14.10 -0.79 14.26
C THR B 139 14.29 -0.70 12.74
N THR B 140 14.95 0.36 12.22
CA THR B 140 15.41 0.27 10.84
C THR B 140 16.44 -0.86 10.68
N LEU B 141 17.38 -0.96 11.60
CA LEU B 141 18.36 -2.04 11.52
C LEU B 141 17.70 -3.40 11.68
N ILE B 142 16.70 -3.47 12.57
CA ILE B 142 15.98 -4.73 12.75
C ILE B 142 15.32 -5.15 11.45
N GLU B 143 14.59 -4.22 10.83
CA GLU B 143 13.89 -4.58 9.61
C GLU B 143 14.87 -4.98 8.51
N GLU B 144 15.99 -4.27 8.39
CA GLU B 144 16.98 -4.68 7.38
C GLU B 144 17.44 -6.11 7.64
N GLU B 145 17.68 -6.44 8.92
CA GLU B 145 18.12 -7.78 9.26
C GLU B 145 17.04 -8.81 8.98
N VAL B 146 15.78 -8.49 9.24
CA VAL B 146 14.66 -9.37 8.89
C VAL B 146 14.59 -9.63 7.38
N GLY B 147 14.77 -8.58 6.57
CA GLY B 147 14.81 -8.78 5.11
C GLY B 147 15.92 -9.73 4.69
N LEU B 148 17.09 -9.61 5.32
CA LEU B 148 18.19 -10.50 4.97
C LEU B 148 18.00 -11.91 5.53
N GLN B 149 17.35 -12.04 6.69
CA GLN B 149 17.00 -13.37 7.22
C GLN B 149 16.07 -14.07 6.26
N LEU B 150 15.01 -13.38 5.85
CA LEU B 150 14.09 -13.96 4.89
C LEU B 150 14.81 -14.34 3.61
N SER B 151 15.61 -13.41 3.06
CA SER B 151 16.35 -13.68 1.82
C SER B 151 17.20 -14.92 1.95
N GLU B 152 18.00 -15.01 3.02
CA GLU B 152 18.86 -16.18 3.16
C GLU B 152 18.02 -17.43 3.33
N MET B 153 16.93 -17.35 4.10
CA MET B 153 16.11 -18.54 4.26
C MET B 153 15.58 -19.02 2.92
N LEU B 154 15.17 -18.10 2.05
CA LEU B 154 14.68 -18.44 0.71
C LEU B 154 15.78 -18.88 -0.25
N GLY B 155 17.05 -18.78 0.12
CA GLY B 155 18.14 -19.22 -0.74
C GLY B 155 18.87 -18.10 -1.47
N TYR B 156 18.47 -16.86 -1.26
CA TYR B 156 19.21 -15.72 -1.80
C TYR B 156 20.52 -15.54 -1.05
N ASN B 157 21.37 -14.63 -1.55
CA ASN B 157 22.65 -14.34 -0.92
C ASN B 157 22.58 -13.04 -0.10
N ARG B 158 23.01 -13.09 1.16
CA ARG B 158 23.09 -11.90 2.01
C ARG B 158 24.52 -11.46 2.28
N LEU B 159 25.52 -12.11 1.71
CA LEU B 159 26.93 -11.79 1.95
C LEU B 159 27.38 -10.71 0.98
N ASN B 160 28.09 -9.72 1.51
CA ASN B 160 28.63 -8.67 0.66
C ASN B 160 29.91 -9.13 -0.01
N ASN B 161 30.31 -8.38 -1.04
CA ASN B 161 31.61 -8.58 -1.71
C ASN B 161 31.84 -10.06 -2.05
N THR B 162 30.89 -10.64 -2.76
CA THR B 162 31.03 -11.94 -3.39
C THR B 162 30.62 -11.79 -4.85
N GLU B 163 30.60 -12.91 -5.58
CA GLU B 163 30.19 -12.88 -6.97
C GLU B 163 28.67 -12.93 -7.14
N LYS B 164 27.96 -13.41 -6.14
CA LYS B 164 26.50 -13.44 -6.26
C LYS B 164 25.92 -12.05 -5.98
N PRO B 165 24.76 -11.75 -6.57
CA PRO B 165 24.11 -10.48 -6.23
C PRO B 165 23.78 -10.45 -4.75
N LEU B 166 23.72 -9.23 -4.21
CA LEU B 166 23.37 -8.97 -2.81
C LEU B 166 21.86 -8.71 -2.71
N ALA B 167 21.14 -9.60 -2.01
CA ALA B 167 19.71 -9.47 -1.86
C ALA B 167 19.34 -8.34 -0.90
N TRP B 168 18.08 -7.95 -0.95
CA TRP B 168 17.53 -6.98 -0.01
C TRP B 168 16.08 -7.34 0.22
N GLY B 169 15.64 -7.17 1.45
CA GLY B 169 14.28 -7.42 1.81
C GLY B 169 13.68 -6.39 2.74
N HIS B 170 12.38 -6.25 2.70
CA HIS B 170 11.71 -5.35 3.60
C HIS B 170 10.31 -5.81 3.98
N ILE B 171 9.76 -5.20 5.02
CA ILE B 171 8.43 -5.53 5.45
C ILE B 171 7.41 -4.54 4.86
N ALA B 172 6.29 -5.04 4.38
CA ALA B 172 5.22 -4.21 3.87
C ALA B 172 3.95 -4.59 4.61
N SER B 173 2.85 -3.88 4.34
CA SER B 173 1.61 -4.16 5.06
C SER B 173 1.06 -5.55 4.77
N GLY B 174 1.44 -6.14 3.65
CA GLY B 174 0.87 -7.44 3.26
C GLY B 174 1.46 -7.86 1.93
N GLY B 175 1.16 -9.10 1.54
CA GLY B 175 1.67 -9.60 0.25
C GLY B 175 1.03 -8.88 -0.95
N THR B 176 -0.11 -8.25 -0.75
CA THR B 176 -0.73 -7.49 -1.83
C THR B 176 0.16 -6.33 -2.23
N VAL B 177 0.62 -5.55 -1.24
CA VAL B 177 1.54 -4.48 -1.55
C VAL B 177 2.89 -5.03 -2.01
N ALA B 178 3.32 -6.17 -1.45
CA ALA B 178 4.58 -6.74 -1.94
C ALA B 178 4.48 -7.08 -3.44
N ASN B 179 3.37 -7.71 -3.86
CA ASN B 179 3.18 -8.02 -5.28
C ASN B 179 3.05 -6.75 -6.11
N LEU B 180 2.35 -5.74 -5.59
CA LEU B 180 2.29 -4.48 -6.30
C LEU B 180 3.70 -3.90 -6.49
N GLU B 181 4.53 -3.92 -5.46
CA GLU B 181 5.88 -3.40 -5.61
C GLU B 181 6.66 -4.21 -6.63
N ALA B 182 6.52 -5.52 -6.59
CA ALA B 182 7.29 -6.33 -7.53
C ALA B 182 6.89 -6.01 -8.95
N MET B 183 5.58 -5.81 -9.20
CA MET B 183 5.14 -5.49 -10.56
C MET B 183 5.55 -4.08 -10.96
N TRP B 184 5.52 -3.15 -10.00
CA TRP B 184 5.99 -1.79 -10.23
C TRP B 184 7.48 -1.78 -10.61
N ALA B 185 8.30 -2.51 -9.86
CA ALA B 185 9.72 -2.60 -10.22
C ALA B 185 9.88 -3.23 -11.58
N ALA B 186 9.10 -4.26 -11.88
CA ALA B 186 9.25 -4.89 -13.20
C ALA B 186 8.82 -3.93 -14.32
N ARG B 187 7.76 -3.15 -14.07
CA ARG B 187 7.31 -2.14 -15.04
C ARG B 187 8.44 -1.15 -15.33
N ASN B 188 9.03 -0.58 -14.27
CA ASN B 188 10.07 0.43 -14.48
C ASN B 188 11.36 -0.17 -15.02
N LEU B 189 11.67 -1.41 -14.62
CA LEU B 189 12.85 -2.08 -15.13
C LEU B 189 12.77 -2.20 -16.65
N LYS B 190 11.61 -2.66 -17.15
CA LYS B 190 11.49 -2.93 -18.59
C LYS B 190 11.84 -1.68 -19.41
N PHE B 191 11.47 -0.49 -18.93
CA PHE B 191 11.64 0.71 -19.75
C PHE B 191 12.93 1.47 -19.44
N TYR B 192 13.63 1.12 -18.37
CA TYR B 192 14.88 1.82 -18.05
C TYR B 192 15.84 1.92 -19.23
N PRO B 193 16.10 0.87 -20.00
CA PRO B 193 17.07 1.00 -21.08
C PRO B 193 16.63 1.96 -22.18
N LEU B 194 15.32 2.08 -22.44
CA LEU B 194 14.85 3.08 -23.39
C LEU B 194 15.05 4.49 -22.85
N SER B 195 14.74 4.70 -21.57
CA SER B 195 15.02 5.99 -20.95
C SER B 195 16.51 6.34 -21.03
N LEU B 196 17.40 5.36 -20.78
CA LEU B 196 18.83 5.65 -20.83
C LEU B 196 19.27 5.94 -22.26
N ARG B 197 18.71 5.21 -23.22
CA ARG B 197 18.99 5.50 -24.62
C ARG B 197 18.57 6.92 -24.98
N ASP B 198 17.41 7.38 -24.51
CA ASP B 198 17.00 8.76 -24.75
C ASP B 198 17.94 9.74 -24.07
N ALA B 199 18.35 9.42 -22.85
CA ALA B 199 19.23 10.29 -22.08
C ALA B 199 20.61 10.36 -22.69
N SER B 200 20.96 9.42 -23.57
CA SER B 200 22.26 9.48 -24.22
C SER B 200 22.16 9.76 -25.72
N ALA B 201 20.99 10.24 -26.18
CA ALA B 201 20.82 10.59 -27.58
C ALA B 201 21.57 11.88 -27.91
N GLU B 202 21.74 12.14 -29.21
CA GLU B 202 22.37 13.39 -29.62
C GLU B 202 21.60 14.57 -29.03
N GLY B 203 22.33 15.47 -28.38
CA GLY B 203 21.75 16.62 -27.74
C GLY B 203 21.39 16.43 -26.30
N ALA B 204 21.38 15.19 -25.80
CA ALA B 204 21.00 14.94 -24.42
C ALA B 204 22.23 14.96 -23.54
N GLU B 205 21.99 14.93 -22.23
CA GLU B 205 23.03 15.17 -21.25
C GLU B 205 24.11 14.10 -21.22
N MET B 206 23.80 12.87 -21.64
CA MET B 206 24.81 11.82 -21.66
C MET B 206 25.18 11.39 -23.07
N GLU B 207 24.97 12.27 -24.05
CA GLU B 207 25.39 11.97 -25.42
C GLU B 207 26.82 11.44 -25.47
N PHE B 208 27.70 11.90 -24.56
CA PHE B 208 29.12 11.59 -24.66
C PHE B 208 29.44 10.13 -24.40
N ILE B 209 28.49 9.33 -23.89
CA ILE B 209 28.75 7.89 -23.72
C ILE B 209 28.30 7.06 -24.92
N ARG B 210 27.50 7.63 -25.84
CA ARG B 210 26.74 6.77 -26.74
C ARG B 210 27.64 6.02 -27.72
N ASP B 211 28.82 6.56 -28.04
CA ASP B 211 29.67 5.91 -29.02
C ASP B 211 30.51 4.80 -28.41
N THR B 212 30.47 4.61 -27.10
CA THR B 212 31.26 3.58 -26.45
C THR B 212 30.45 2.67 -25.53
N PHE B 213 29.25 3.05 -25.13
CA PHE B 213 28.52 2.31 -24.11
C PHE B 213 27.77 1.15 -24.75
N SER B 214 28.19 -0.07 -24.41
CA SER B 214 27.63 -1.31 -24.97
C SER B 214 26.84 -2.05 -23.92
N VAL B 215 25.95 -2.91 -24.40
CA VAL B 215 25.23 -3.85 -23.58
C VAL B 215 25.27 -5.21 -24.27
N LYS B 216 25.02 -6.25 -23.48
CA LYS B 216 24.71 -7.56 -24.04
C LYS B 216 23.23 -7.59 -24.36
N THR B 217 22.89 -7.85 -25.62
CA THR B 217 21.50 -8.09 -25.97
C THR B 217 21.03 -9.41 -25.38
N CYS B 218 19.73 -9.65 -25.49
CA CYS B 218 19.14 -10.84 -24.86
C CYS B 218 19.88 -12.11 -25.26
N VAL B 219 20.20 -12.27 -26.55
CA VAL B 219 20.86 -13.49 -27.01
C VAL B 219 22.35 -13.52 -26.72
N GLY B 220 22.91 -12.44 -26.17
CA GLY B 220 24.29 -12.43 -25.71
C GLY B 220 25.25 -11.64 -26.57
N ASP B 221 24.78 -10.98 -27.61
CA ASP B 221 25.65 -10.20 -28.48
C ASP B 221 25.93 -8.83 -27.89
N LYS B 222 27.17 -8.38 -28.06
CA LYS B 222 27.59 -7.08 -27.56
C LYS B 222 27.32 -6.01 -28.61
N LYS B 223 26.47 -5.03 -28.27
CA LYS B 223 26.12 -3.94 -29.18
C LYS B 223 26.12 -2.64 -28.40
N LEU B 224 26.47 -1.55 -29.07
CA LEU B 224 26.25 -0.23 -28.51
C LEU B 224 24.78 -0.07 -28.12
N LEU B 225 24.53 0.54 -26.97
CA LEU B 225 23.15 0.78 -26.59
C LEU B 225 22.41 1.53 -27.69
N LYS B 226 23.09 2.48 -28.34
CA LYS B 226 22.45 3.31 -29.36
C LYS B 226 22.17 2.53 -30.64
N ASP B 227 22.79 1.36 -30.82
CA ASP B 227 22.58 0.54 -32.01
C ASP B 227 21.52 -0.54 -31.80
N CYS B 228 21.02 -0.71 -30.58
CA CYS B 228 19.97 -1.69 -30.35
C CYS B 228 18.64 -1.23 -30.92
N SER B 229 17.91 -2.18 -31.49
CA SER B 229 16.54 -1.94 -31.88
C SER B 229 15.66 -1.79 -30.64
N PRO B 230 14.49 -1.17 -30.78
CA PRO B 230 13.60 -1.09 -29.62
C PRO B 230 13.26 -2.45 -29.04
N TRP B 231 13.04 -3.46 -29.90
CA TRP B 231 12.76 -4.79 -29.37
C TRP B 231 13.93 -5.31 -28.51
N GLU B 232 15.15 -5.17 -29.01
CA GLU B 232 16.33 -5.60 -28.25
C GLU B 232 16.41 -4.88 -26.92
N LEU B 233 16.16 -3.57 -26.89
CA LEU B 233 16.18 -2.83 -25.62
C LEU B 233 15.10 -3.32 -24.69
N LEU B 234 13.95 -3.74 -25.22
CA LEU B 234 12.86 -4.26 -24.40
C LEU B 234 13.12 -5.70 -23.94
N ASN B 235 14.25 -6.28 -24.31
CA ASN B 235 14.49 -7.65 -23.85
C ASN B 235 15.87 -7.84 -23.23
N LEU B 236 16.48 -6.79 -22.67
CA LEU B 236 17.71 -6.97 -21.93
C LEU B 236 17.44 -7.73 -20.63
N HIS B 237 18.42 -8.54 -20.20
CA HIS B 237 18.25 -9.31 -18.97
C HIS B 237 18.20 -8.40 -17.76
N VAL B 238 17.56 -8.88 -16.70
CA VAL B 238 17.49 -8.13 -15.45
C VAL B 238 18.87 -7.63 -15.05
N SER B 239 19.87 -8.53 -14.98
CA SER B 239 21.19 -8.12 -14.50
C SER B 239 21.82 -7.08 -15.43
N THR B 240 21.64 -7.26 -16.74
CA THR B 240 22.12 -6.26 -17.68
C THR B 240 21.61 -4.87 -17.33
N ILE B 241 20.33 -4.77 -16.93
CA ILE B 241 19.74 -3.46 -16.64
C ILE B 241 20.20 -2.95 -15.28
N LEU B 242 20.15 -3.81 -14.25
CA LEU B 242 20.50 -3.40 -12.90
C LEU B 242 21.96 -2.97 -12.79
N ASP B 243 22.82 -3.48 -13.69
CA ASP B 243 24.24 -3.11 -13.68
C ASP B 243 24.51 -1.73 -14.25
N MET B 244 23.54 -1.10 -14.90
CA MET B 244 23.84 0.09 -15.69
C MET B 244 24.32 1.25 -14.83
N PRO B 245 23.69 1.62 -13.72
CA PRO B 245 24.24 2.75 -12.93
C PRO B 245 25.67 2.50 -12.48
N ASP B 246 25.96 1.33 -11.92
CA ASP B 246 27.34 1.01 -11.52
C ASP B 246 28.28 1.09 -12.70
N ARG B 247 27.87 0.59 -13.85
CA ARG B 247 28.71 0.63 -15.02
C ARG B 247 28.99 2.03 -15.47
N LEU B 248 27.96 2.87 -15.51
CA LEU B 248 28.20 4.26 -15.90
C LEU B 248 29.21 4.91 -14.96
N HIS B 249 29.08 4.65 -13.66
CA HIS B 249 30.08 5.21 -12.75
C HIS B 249 31.46 4.62 -13.00
N ASP B 250 31.55 3.29 -13.13
CA ASP B 250 32.86 2.66 -13.30
C ASP B 250 33.54 3.08 -14.60
N GLU B 251 32.76 3.27 -15.67
CA GLU B 251 33.33 3.44 -17.00
C GLU B 251 33.46 4.89 -17.43
N TYR B 252 32.68 5.82 -16.87
CA TYR B 252 32.87 7.23 -17.19
C TYR B 252 33.00 8.08 -15.94
N ASN B 253 33.02 7.47 -14.75
CA ASN B 253 33.07 8.23 -13.52
C ASN B 253 31.85 9.13 -13.33
N ILE B 254 30.71 8.73 -13.92
CA ILE B 254 29.46 9.49 -13.77
C ILE B 254 28.96 9.32 -12.35
N SER B 255 28.57 10.44 -11.70
CA SER B 255 28.13 10.35 -10.31
C SER B 255 26.69 9.87 -10.22
N PRO B 256 26.33 9.20 -9.13
CA PRO B 256 24.92 8.83 -8.94
C PRO B 256 24.00 10.04 -8.90
N GLN B 257 24.46 11.14 -8.32
CA GLN B 257 23.67 12.37 -8.26
C GLN B 257 23.32 12.89 -9.66
N PHE B 258 24.34 13.03 -10.51
CA PHE B 258 24.08 13.50 -11.87
C PHE B 258 23.18 12.53 -12.61
N LEU B 259 23.45 11.23 -12.48
CA LEU B 259 22.67 10.23 -13.21
C LEU B 259 21.19 10.32 -12.86
N GLU B 260 20.90 10.35 -11.57
CA GLU B 260 19.53 10.45 -11.09
C GLU B 260 18.86 11.74 -11.54
N LYS B 261 19.60 12.85 -11.51
CA LYS B 261 19.03 14.13 -11.93
C LYS B 261 18.71 14.14 -13.40
N VAL B 262 19.62 13.63 -14.24
CA VAL B 262 19.41 13.62 -15.69
C VAL B 262 18.29 12.66 -16.06
N MET B 263 18.23 11.50 -15.40
CA MET B 263 17.26 10.48 -15.76
C MET B 263 15.85 10.86 -15.32
N ARG B 264 15.72 11.78 -14.35
CA ARG B 264 14.40 12.18 -13.89
C ARG B 264 13.45 12.53 -15.03
N LYS B 265 13.95 13.21 -16.06
CA LYS B 265 13.07 13.64 -17.14
C LYS B 265 12.77 12.54 -18.15
N TYR B 266 13.46 11.40 -18.10
CA TYR B 266 13.32 10.35 -19.12
C TYR B 266 12.65 9.07 -18.64
N ILE B 267 12.56 8.84 -17.36
CA ILE B 267 12.05 7.57 -16.85
C ILE B 267 10.54 7.63 -16.72
N ILE B 268 9.91 6.44 -16.77
CA ILE B 268 8.45 6.41 -16.83
C ILE B 268 7.82 6.80 -15.50
N GLN B 269 8.59 6.77 -14.40
CA GLN B 269 8.11 7.37 -13.15
C GLN B 269 7.60 8.78 -13.39
N SER B 270 8.32 9.55 -14.20
CA SER B 270 7.98 10.91 -14.57
C SER B 270 6.99 10.99 -15.73
N THR B 271 7.26 10.30 -16.84
CA THR B 271 6.49 10.52 -18.07
C THR B 271 5.31 9.56 -18.23
N ASN B 272 5.28 8.46 -17.46
CA ASN B 272 4.42 7.29 -17.67
C ASN B 272 4.85 6.55 -18.94
N LYS B 273 4.58 5.25 -18.97
CA LYS B 273 5.09 4.41 -20.04
C LYS B 273 4.43 4.70 -21.37
N ASP B 274 3.23 5.26 -21.36
CA ASP B 274 2.54 5.38 -22.63
C ASP B 274 3.01 6.59 -23.44
N THR B 275 3.40 7.68 -22.78
CA THR B 275 4.04 8.76 -23.50
C THR B 275 5.39 8.31 -24.06
N LEU B 276 6.13 7.51 -23.29
CA LEU B 276 7.41 6.99 -23.82
C LEU B 276 7.18 6.09 -25.01
N MET B 277 6.26 5.12 -24.88
CA MET B 277 5.94 4.25 -26.01
C MET B 277 5.53 5.03 -27.24
N GLN B 278 4.66 6.04 -27.07
CA GLN B 278 4.25 6.81 -28.24
C GLN B 278 5.43 7.49 -28.93
N ARG B 279 6.32 8.11 -28.15
CA ARG B 279 7.51 8.70 -28.78
C ARG B 279 8.34 7.64 -29.51
N TRP B 280 8.40 6.45 -28.97
CA TRP B 280 9.20 5.41 -29.61
C TRP B 280 8.44 4.68 -30.71
N GLY B 281 7.19 5.04 -30.99
CA GLY B 281 6.39 4.33 -31.97
C GLY B 281 6.04 2.89 -31.58
N LEU B 282 5.98 2.59 -30.29
CA LEU B 282 5.68 1.25 -29.80
C LEU B 282 4.19 1.09 -29.56
N THR B 283 3.60 0.00 -30.02
CA THR B 283 2.16 -0.17 -29.89
C THR B 283 1.74 -1.39 -29.09
N GLN B 284 2.65 -2.33 -28.82
CA GLN B 284 2.32 -3.54 -28.07
C GLN B 284 2.53 -3.28 -26.59
N GLN B 285 1.46 -3.33 -25.82
CA GLN B 285 1.57 -3.20 -24.37
C GLN B 285 2.34 -4.39 -23.82
N PRO B 286 3.40 -4.18 -23.03
CA PRO B 286 4.01 -5.30 -22.32
C PRO B 286 3.02 -5.95 -21.37
N VAL B 287 3.24 -7.25 -21.11
CA VAL B 287 2.28 -8.04 -20.36
C VAL B 287 2.97 -8.67 -19.16
N VAL B 288 2.16 -9.08 -18.19
CA VAL B 288 2.56 -9.97 -17.10
C VAL B 288 1.89 -11.31 -17.36
N LEU B 289 2.65 -12.40 -17.28
CA LEU B 289 2.07 -13.75 -17.44
C LEU B 289 1.89 -14.40 -16.08
N SER B 290 0.69 -14.93 -15.82
CA SER B 290 0.38 -15.36 -14.46
C SER B 290 -0.69 -16.43 -14.50
N PRO B 291 -0.70 -17.40 -13.59
CA PRO B 291 -1.72 -18.46 -13.67
C PRO B 291 -3.15 -17.94 -13.56
N SER B 292 -4.07 -18.62 -14.26
CA SER B 292 -5.47 -18.19 -14.35
C SER B 292 -6.14 -18.05 -13.00
N THR B 293 -5.61 -18.72 -11.98
CA THR B 293 -6.17 -18.71 -10.65
C THR B 293 -5.38 -17.82 -9.70
N ASN B 294 -4.60 -16.89 -10.24
CA ASN B 294 -3.72 -16.09 -9.39
C ASN B 294 -4.54 -15.29 -8.39
N HIS B 295 -3.92 -15.00 -7.25
CA HIS B 295 -4.52 -14.12 -6.25
C HIS B 295 -4.96 -12.80 -6.87
N TYR B 296 -6.02 -12.24 -6.32
CA TYR B 296 -6.62 -11.00 -6.76
C TYR B 296 -5.64 -9.85 -6.81
N SER B 297 -4.65 -9.88 -5.96
CA SER B 297 -3.64 -8.81 -5.95
C SER B 297 -2.91 -8.68 -7.29
N TRP B 298 -2.89 -9.73 -8.15
CA TRP B 298 -2.22 -9.62 -9.45
C TRP B 298 -2.99 -8.75 -10.48
N PRO B 299 -4.23 -9.07 -10.83
CA PRO B 299 -4.98 -8.15 -11.72
C PRO B 299 -5.17 -6.77 -11.08
N LYS B 300 -5.30 -6.71 -9.74
CA LYS B 300 -5.40 -5.40 -9.10
C LYS B 300 -4.12 -4.59 -9.28
N ALA B 301 -2.94 -5.20 -9.10
CA ALA B 301 -1.72 -4.43 -9.33
C ALA B 301 -1.64 -3.96 -10.77
N ALA B 302 -1.99 -4.84 -11.72
CA ALA B 302 -1.97 -4.39 -13.11
C ALA B 302 -2.85 -3.16 -13.30
N ALA B 303 -4.06 -3.20 -12.75
CA ALA B 303 -4.98 -2.06 -12.89
C ALA B 303 -4.41 -0.81 -12.25
N VAL B 304 -3.87 -0.95 -11.03
CA VAL B 304 -3.28 0.18 -10.30
C VAL B 304 -2.15 0.81 -11.11
N LEU B 305 -1.26 -0.02 -11.62
CA LEU B 305 -0.03 0.49 -12.24
C LEU B 305 -0.26 1.08 -13.62
N GLY B 306 -1.50 1.11 -14.10
CA GLY B 306 -1.71 1.62 -15.46
C GLY B 306 -1.27 0.65 -16.53
N ILE B 307 -0.95 -0.58 -16.17
CA ILE B 307 -0.75 -1.62 -17.18
C ILE B 307 -2.12 -2.06 -17.71
N GLY B 308 -3.10 -2.21 -16.81
CA GLY B 308 -4.43 -2.70 -17.13
C GLY B 308 -4.58 -4.20 -16.98
N SER B 309 -5.65 -4.67 -16.33
CA SER B 309 -5.78 -6.12 -16.15
C SER B 309 -5.88 -6.89 -17.49
N ASP B 310 -6.27 -6.23 -18.59
CA ASP B 310 -6.23 -6.89 -19.90
C ASP B 310 -4.83 -7.34 -20.29
N ASN B 311 -3.80 -6.72 -19.70
CA ASN B 311 -2.42 -7.05 -20.03
C ASN B 311 -1.77 -7.89 -18.95
N LEU B 312 -2.54 -8.34 -17.98
CA LEU B 312 -2.19 -9.52 -17.18
C LEU B 312 -2.78 -10.71 -17.94
N ARG B 313 -1.95 -11.39 -18.70
CA ARG B 313 -2.40 -12.55 -19.49
C ARG B 313 -2.34 -13.81 -18.63
N ASN B 314 -3.50 -14.44 -18.46
CA ASN B 314 -3.62 -15.55 -17.54
C ASN B 314 -3.36 -16.87 -18.28
N VAL B 315 -2.50 -17.67 -17.69
CA VAL B 315 -2.06 -18.96 -18.23
C VAL B 315 -2.97 -20.04 -17.64
N PRO B 316 -3.61 -20.86 -18.47
CA PRO B 316 -4.45 -21.95 -17.92
C PRO B 316 -3.67 -22.89 -17.03
N VAL B 317 -4.41 -23.58 -16.17
CA VAL B 317 -3.81 -24.51 -15.22
C VAL B 317 -4.11 -25.93 -15.69
N ASP B 318 -3.37 -26.89 -15.11
CA ASP B 318 -3.56 -28.31 -15.40
C ASP B 318 -4.51 -28.91 -14.36
N ILE B 319 -4.67 -30.24 -14.39
CA ILE B 319 -5.70 -30.85 -13.54
C ILE B 319 -5.38 -30.79 -12.06
N GLN B 320 -4.17 -30.41 -11.65
CA GLN B 320 -3.91 -30.18 -10.24
C GLN B 320 -3.71 -28.69 -9.95
N ALA B 321 -4.22 -27.81 -10.81
CA ALA B 321 -4.24 -26.37 -10.62
C ALA B 321 -2.85 -25.75 -10.65
N HIS B 322 -1.88 -26.42 -11.24
CA HIS B 322 -0.57 -25.81 -11.48
C HIS B 322 -0.58 -25.10 -12.84
N MET B 323 0.11 -23.98 -12.91
CA MET B 323 0.29 -23.28 -14.18
C MET B 323 0.72 -24.28 -15.25
N ASP B 324 -0.03 -24.32 -16.36
CA ASP B 324 0.28 -25.31 -17.40
C ASP B 324 1.53 -24.88 -18.18
N ILE B 325 2.62 -25.65 -18.06
CA ILE B 325 3.90 -25.23 -18.65
C ILE B 325 3.81 -25.16 -20.18
N ASN B 326 3.12 -26.11 -20.82
CA ASN B 326 2.98 -26.06 -22.27
C ASN B 326 2.18 -24.84 -22.71
N GLU B 327 1.17 -24.46 -21.93
CA GLU B 327 0.43 -23.24 -22.24
C GLU B 327 1.31 -22.00 -22.06
N LEU B 328 2.11 -21.97 -20.99
CA LEU B 328 3.03 -20.84 -20.84
C LEU B 328 3.96 -20.74 -22.03
N ASP B 329 4.49 -21.90 -22.48
CA ASP B 329 5.34 -21.94 -23.65
C ASP B 329 4.63 -21.34 -24.85
N ARG B 330 3.40 -21.77 -25.10
CA ARG B 330 2.66 -21.29 -26.27
C ARG B 330 2.37 -19.79 -26.19
N MET B 331 2.11 -19.28 -24.99
CA MET B 331 1.82 -17.85 -24.87
C MET B 331 3.09 -17.00 -24.96
N LEU B 332 4.23 -17.53 -24.47
CA LEU B 332 5.51 -16.83 -24.68
C LEU B 332 5.85 -16.79 -26.16
N LYS B 333 5.55 -17.88 -26.89
CA LYS B 333 5.75 -17.87 -28.34
C LYS B 333 4.89 -16.80 -29.00
N ILE B 334 3.63 -16.68 -28.59
CA ILE B 334 2.79 -15.62 -29.15
C ILE B 334 3.43 -14.24 -28.90
N CYS B 335 3.91 -13.99 -27.67
CA CYS B 335 4.54 -12.70 -27.37
C CYS B 335 5.79 -12.46 -28.24
N LEU B 336 6.63 -13.48 -28.38
CA LEU B 336 7.81 -13.33 -29.22
C LEU B 336 7.42 -12.93 -30.64
N ASP B 337 6.49 -13.68 -31.22
CA ASP B 337 6.14 -13.48 -32.62
C ASP B 337 5.50 -12.11 -32.85
N GLU B 338 4.77 -11.59 -31.85
CA GLU B 338 4.10 -10.31 -31.98
C GLU B 338 4.92 -9.14 -31.42
N GLU B 339 6.14 -9.39 -30.95
CA GLU B 339 6.93 -8.37 -30.23
C GLU B 339 6.09 -7.69 -29.15
N THR B 340 5.48 -8.50 -28.29
CA THR B 340 4.83 -7.99 -27.09
C THR B 340 5.81 -8.24 -25.95
N PRO B 341 6.45 -7.21 -25.36
CA PRO B 341 7.41 -7.48 -24.28
C PRO B 341 6.70 -8.10 -23.10
N VAL B 342 7.45 -8.82 -22.28
CA VAL B 342 6.94 -9.47 -21.06
C VAL B 342 7.67 -8.84 -19.87
N TYR B 343 6.93 -8.09 -19.03
CA TYR B 343 7.53 -7.58 -17.79
C TYR B 343 8.01 -8.72 -16.89
N GLN B 344 7.20 -9.76 -16.77
CA GLN B 344 7.27 -10.58 -15.58
C GLN B 344 6.44 -11.82 -15.81
N VAL B 345 6.93 -12.96 -15.31
CA VAL B 345 6.17 -14.20 -15.20
C VAL B 345 6.07 -14.54 -13.73
N VAL B 346 4.85 -14.84 -13.27
CA VAL B 346 4.58 -15.11 -11.86
C VAL B 346 4.48 -16.63 -11.66
N ALA B 347 5.30 -17.16 -10.78
CA ALA B 347 5.19 -18.54 -10.29
C ALA B 347 4.55 -18.52 -8.92
N VAL B 348 3.40 -19.18 -8.77
CA VAL B 348 2.70 -19.18 -7.50
C VAL B 348 3.20 -20.38 -6.69
N ILE B 349 3.87 -20.08 -5.60
CA ILE B 349 4.45 -21.11 -4.75
C ILE B 349 3.59 -21.25 -3.51
N GLY B 350 2.58 -22.12 -3.60
CA GLY B 350 1.58 -22.24 -2.55
C GLY B 350 0.33 -21.46 -2.94
N THR B 351 -0.48 -22.03 -3.83
CA THR B 351 -1.64 -21.26 -4.33
C THR B 351 -2.60 -21.01 -3.18
N THR B 352 -3.32 -19.90 -3.24
CA THR B 352 -4.25 -19.60 -2.15
C THR B 352 -5.32 -20.67 -1.99
N GLU B 353 -5.93 -21.09 -3.10
N GLU B 353 -5.96 -21.06 -3.09
CA GLU B 353 -7.05 -22.03 -3.04
CA GLU B 353 -7.07 -22.02 -3.04
C GLU B 353 -6.80 -23.52 -2.82
C GLU B 353 -6.79 -23.51 -2.81
N GLU B 354 -5.60 -23.99 -3.13
CA GLU B 354 -5.28 -25.40 -2.98
C GLU B 354 -3.90 -25.66 -2.39
N GLY B 355 -3.10 -24.62 -2.12
CA GLY B 355 -1.74 -24.86 -1.65
C GLY B 355 -0.86 -25.60 -2.62
N GLY B 356 -1.10 -25.45 -3.91
CA GLY B 356 -0.24 -26.11 -4.88
C GLY B 356 1.00 -25.28 -5.18
N VAL B 357 1.99 -25.92 -5.78
CA VAL B 357 3.24 -25.28 -6.13
C VAL B 357 3.43 -25.34 -7.63
N ASP B 358 3.52 -24.19 -8.28
CA ASP B 358 3.90 -24.17 -9.69
C ASP B 358 5.32 -24.70 -9.88
N ARG B 359 5.57 -25.27 -11.06
CA ARG B 359 6.88 -25.84 -11.37
C ARG B 359 7.80 -24.74 -11.86
N ILE B 360 8.39 -24.02 -10.90
CA ILE B 360 9.30 -22.95 -11.29
C ILE B 360 10.53 -23.51 -11.98
N THR B 361 10.92 -24.77 -11.70
CA THR B 361 12.01 -25.37 -12.48
C THR B 361 11.71 -25.29 -13.97
N GLU B 362 10.48 -25.62 -14.35
CA GLU B 362 10.12 -25.59 -15.77
C GLU B 362 10.05 -24.17 -16.32
N ILE B 363 9.61 -23.22 -15.49
CA ILE B 363 9.58 -21.82 -15.92
C ILE B 363 10.98 -21.31 -16.20
N LEU B 364 11.95 -21.68 -15.35
CA LEU B 364 13.34 -21.31 -15.56
C LEU B 364 13.86 -21.91 -16.86
N LYS B 365 13.49 -23.15 -17.13
CA LYS B 365 13.91 -23.73 -18.42
C LYS B 365 13.32 -22.93 -19.59
N LEU B 366 12.05 -22.55 -19.48
CA LEU B 366 11.42 -21.76 -20.53
C LEU B 366 12.12 -20.42 -20.72
N ARG B 367 12.63 -19.86 -19.64
N ARG B 367 12.64 -19.87 -19.55
CA ARG B 367 13.34 -18.60 -19.76
CA ARG B 367 13.35 -18.61 -19.66
C ARG B 367 14.63 -18.80 -20.54
C ARG B 367 14.64 -18.82 -20.44
N GLN B 368 15.36 -19.85 -20.24
CA GLN B 368 16.56 -20.09 -21.04
C GLN B 368 16.20 -20.25 -22.51
N LYS B 369 15.16 -21.04 -22.78
CA LYS B 369 14.75 -21.26 -24.15
C LYS B 369 14.45 -19.94 -24.85
N TYR B 370 13.68 -19.07 -24.19
CA TYR B 370 13.22 -17.87 -24.87
C TYR B 370 14.32 -16.82 -24.94
N GLU B 371 15.25 -16.79 -23.98
CA GLU B 371 16.38 -15.87 -24.09
C GLU B 371 17.24 -16.21 -25.29
N ALA B 372 17.41 -17.49 -25.60
CA ALA B 372 18.12 -17.82 -26.83
C ALA B 372 17.39 -17.32 -28.08
N LEU B 373 16.09 -17.00 -27.98
CA LEU B 373 15.34 -16.48 -29.12
C LEU B 373 15.16 -14.96 -29.06
N GLY B 374 15.65 -14.32 -28.02
CA GLY B 374 15.57 -12.88 -27.92
C GLY B 374 14.45 -12.33 -27.06
N LEU B 375 13.80 -13.16 -26.26
CA LEU B 375 12.73 -12.72 -25.38
C LEU B 375 13.15 -12.92 -23.93
N SER B 376 12.98 -11.89 -23.10
CA SER B 376 13.42 -11.93 -21.71
C SER B 376 12.33 -11.39 -20.80
N PHE B 377 12.34 -11.84 -19.54
CA PHE B 377 11.36 -11.40 -18.55
C PHE B 377 11.89 -11.60 -17.14
N ALA B 378 11.40 -10.75 -16.23
CA ALA B 378 11.67 -11.05 -14.84
C ALA B 378 10.81 -12.23 -14.38
N ILE B 379 11.25 -12.91 -13.32
CA ILE B 379 10.45 -13.94 -12.67
C ILE B 379 10.20 -13.55 -11.22
N HIS B 380 8.93 -13.63 -10.83
CA HIS B 380 8.53 -13.37 -9.46
C HIS B 380 7.87 -14.60 -8.90
N ALA B 381 8.29 -14.98 -7.68
CA ALA B 381 7.67 -16.09 -6.93
C ALA B 381 6.71 -15.46 -5.96
N ASP B 382 5.40 -15.69 -6.18
CA ASP B 382 4.39 -15.31 -5.20
C ASP B 382 4.38 -16.43 -4.17
N ALA B 383 5.25 -16.31 -3.16
CA ALA B 383 5.33 -17.28 -2.07
C ALA B 383 4.73 -16.72 -0.78
N ALA B 384 3.74 -15.84 -0.94
CA ALA B 384 3.07 -15.25 0.20
C ALA B 384 2.71 -16.33 1.21
N TRP B 385 2.12 -17.44 0.74
CA TRP B 385 1.79 -18.58 1.59
C TRP B 385 2.95 -19.57 1.67
N GLY B 386 3.55 -19.94 0.52
CA GLY B 386 4.52 -21.03 0.52
C GLY B 386 5.90 -20.68 1.08
N GLY B 387 6.24 -19.38 1.18
CA GLY B 387 7.63 -19.00 1.45
C GLY B 387 8.21 -19.65 2.69
N TYR B 388 7.50 -19.59 3.81
CA TYR B 388 8.03 -20.12 5.08
C TYR B 388 8.24 -21.63 5.05
N PHE B 389 7.60 -22.34 4.12
CA PHE B 389 7.88 -23.78 4.06
C PHE B 389 9.28 -24.08 3.57
N ALA B 390 10.00 -23.08 3.04
CA ALA B 390 11.40 -23.34 2.71
C ALA B 390 12.23 -23.62 3.97
N THR B 391 11.72 -23.29 5.16
CA THR B 391 12.43 -23.72 6.37
C THR B 391 12.45 -25.23 6.53
N MET B 392 11.65 -25.98 5.75
CA MET B 392 11.66 -27.45 5.85
C MET B 392 12.64 -28.09 4.88
N LEU B 393 13.33 -27.32 4.07
CA LEU B 393 14.35 -27.89 3.18
C LEU B 393 15.50 -28.41 4.04
N PRO B 394 16.11 -29.55 3.65
CA PRO B 394 17.19 -30.11 4.48
C PRO B 394 18.42 -29.22 4.47
N LYS B 395 19.10 -29.17 5.61
CA LYS B 395 20.30 -28.36 5.76
C LYS B 395 21.42 -29.25 6.27
N ASP B 396 22.62 -28.92 5.86
CA ASP B 396 23.80 -29.68 6.27
C ASP B 396 23.94 -29.69 7.79
N THR B 397 23.85 -30.87 8.39
CA THR B 397 23.99 -31.04 9.84
C THR B 397 25.41 -31.38 10.27
N LEU B 398 26.33 -31.58 9.34
CA LEU B 398 27.69 -31.92 9.74
C LEU B 398 28.45 -30.72 10.32
N GLY B 399 27.81 -29.56 10.42
CA GLY B 399 28.45 -28.40 11.01
C GLY B 399 28.27 -28.31 12.51
N ARG B 400 27.30 -29.03 13.07
CA ARG B 400 27.00 -28.98 14.50
C ARG B 400 27.65 -30.16 15.21
N ASN B 401 28.47 -29.85 16.22
CA ASN B 401 29.24 -30.83 16.98
C ASN B 401 29.09 -30.66 18.49
N ARG B 402 28.16 -29.82 18.94
CA ARG B 402 28.03 -29.49 20.34
C ARG B 402 27.10 -30.48 21.04
N THR B 403 27.21 -30.53 22.36
CA THR B 403 26.30 -31.37 23.13
C THR B 403 24.86 -30.93 22.86
N ARG B 404 23.96 -31.92 22.76
CA ARG B 404 22.56 -31.68 22.51
C ARG B 404 21.75 -32.31 23.64
N LEU B 405 20.94 -31.48 24.31
CA LEU B 405 20.11 -32.00 25.38
C LEU B 405 19.19 -33.10 24.85
N PRO B 406 19.06 -34.21 25.57
CA PRO B 406 18.39 -35.39 25.00
C PRO B 406 16.93 -35.12 24.72
N LYS B 407 16.40 -35.88 23.76
CA LYS B 407 14.96 -35.91 23.45
C LYS B 407 14.43 -37.24 23.99
N GLU B 408 14.09 -37.28 25.26
CA GLU B 408 13.67 -38.54 25.86
C GLU B 408 12.34 -38.42 26.58
N ASP B 409 11.54 -37.39 26.28
CA ASP B 409 10.25 -37.25 26.92
C ASP B 409 9.19 -38.05 26.17
N THR B 410 8.36 -38.76 26.94
CA THR B 410 7.26 -39.55 26.36
C THR B 410 5.94 -39.23 27.05
N THR B 411 5.81 -38.03 27.61
CA THR B 411 4.55 -37.64 28.23
C THR B 411 3.46 -37.57 27.18
N SER B 412 2.22 -37.79 27.61
CA SER B 412 1.08 -37.63 26.72
C SER B 412 1.21 -36.29 26.00
N GLY B 413 1.15 -36.32 24.68
CA GLY B 413 1.38 -35.12 23.89
C GLY B 413 2.45 -35.33 22.84
N PHE B 414 2.35 -36.46 22.13
CA PHE B 414 3.21 -36.75 21.00
C PHE B 414 2.54 -36.26 19.72
N VAL B 415 3.22 -35.38 18.99
CA VAL B 415 2.79 -35.00 17.64
C VAL B 415 4.04 -35.00 16.79
N PRO B 416 4.15 -35.87 15.79
CA PRO B 416 5.36 -35.87 14.95
C PRO B 416 5.32 -34.76 13.92
N HIS B 417 6.52 -34.35 13.51
CA HIS B 417 6.61 -33.57 12.28
C HIS B 417 6.84 -34.55 11.15
N VAL B 418 6.51 -34.10 9.94
CA VAL B 418 6.80 -34.84 8.71
C VAL B 418 7.43 -33.86 7.74
N GLY B 419 7.95 -34.38 6.64
CA GLY B 419 8.70 -33.59 5.69
C GLY B 419 7.90 -33.24 4.45
N LEU B 420 8.48 -32.33 3.66
CA LEU B 420 7.89 -31.91 2.41
C LEU B 420 7.75 -33.07 1.43
N ARG B 421 6.72 -33.01 0.58
CA ARG B 421 6.71 -33.87 -0.57
C ARG B 421 7.88 -33.51 -1.49
N GLU B 422 8.37 -34.51 -2.21
CA GLU B 422 9.58 -34.33 -3.01
C GLU B 422 9.41 -33.18 -4.01
N GLU B 423 8.27 -33.14 -4.70
CA GLU B 423 8.03 -32.09 -5.68
C GLU B 423 8.00 -30.70 -5.02
N SER B 424 7.36 -30.61 -3.86
CA SER B 424 7.34 -29.33 -3.16
C SER B 424 8.75 -28.90 -2.79
N ALA B 425 9.58 -29.82 -2.30
CA ALA B 425 10.96 -29.47 -1.96
C ALA B 425 11.72 -29.00 -3.19
N LEU B 426 11.52 -29.69 -4.32
CA LEU B 426 12.23 -29.30 -5.54
C LEU B 426 11.90 -27.85 -5.92
N GLN B 427 10.61 -27.50 -5.93
CA GLN B 427 10.26 -26.13 -6.30
C GLN B 427 10.73 -25.11 -5.25
N LEU B 428 10.56 -25.45 -3.96
CA LEU B 428 10.98 -24.52 -2.91
C LEU B 428 12.48 -24.26 -2.99
N SER B 429 13.27 -25.28 -3.33
CA SER B 429 14.69 -25.06 -3.45
C SER B 429 15.06 -24.33 -4.74
N HIS B 430 14.13 -24.15 -5.70
CA HIS B 430 14.49 -23.32 -6.86
C HIS B 430 13.89 -21.91 -6.84
N ILE B 431 13.08 -21.57 -5.86
CA ILE B 431 12.62 -20.18 -5.87
C ILE B 431 13.76 -19.16 -5.71
N LYS B 432 14.93 -19.56 -5.22
CA LYS B 432 16.03 -18.62 -5.12
C LYS B 432 16.50 -18.09 -6.46
N TYR B 433 16.04 -18.68 -7.57
CA TYR B 433 16.40 -18.14 -8.87
C TYR B 433 15.37 -17.12 -9.37
N ALA B 434 14.26 -16.93 -8.69
CA ALA B 434 13.35 -15.86 -9.06
C ALA B 434 14.01 -14.52 -8.80
N ASP B 435 13.62 -13.51 -9.61
CA ASP B 435 14.19 -12.18 -9.38
C ASP B 435 13.61 -11.52 -8.16
N SER B 436 12.41 -11.93 -7.76
CA SER B 436 11.88 -11.39 -6.52
C SER B 436 10.93 -12.43 -5.93
N ILE B 437 10.68 -12.29 -4.63
CA ILE B 437 9.85 -13.23 -3.89
C ILE B 437 8.98 -12.48 -2.90
N THR B 438 7.68 -12.73 -2.95
CA THR B 438 6.76 -12.27 -1.92
C THR B 438 6.61 -13.38 -0.88
N ILE B 439 6.63 -13.00 0.40
CA ILE B 439 6.41 -13.98 1.47
C ILE B 439 5.74 -13.27 2.64
N ASP B 440 4.74 -13.92 3.25
CA ASP B 440 3.97 -13.24 4.30
C ASP B 440 4.32 -13.84 5.65
N PRO B 441 5.11 -13.18 6.49
CA PRO B 441 5.16 -13.59 7.89
C PRO B 441 3.77 -13.74 8.48
N HIS B 442 2.78 -12.95 8.04
CA HIS B 442 1.46 -13.01 8.69
C HIS B 442 0.56 -14.08 8.02
N1 LLP B 443 -0.63 -14.22 -3.10
C2 LLP B 443 -1.01 -15.37 -2.51
C2' LLP B 443 -0.67 -16.74 -3.18
C3 LLP B 443 -1.74 -15.31 -1.29
O3 LLP B 443 -2.17 -16.46 -0.65
C4 LLP B 443 -2.02 -14.10 -0.71
C4' LLP B 443 -2.83 -14.08 0.68
C5 LLP B 443 -1.60 -12.93 -1.31
C6 LLP B 443 -0.92 -12.99 -2.51
C5' LLP B 443 -1.95 -11.53 -0.69
OP4 LLP B 443 -1.46 -11.39 0.61
P LLP B 443 -2.10 -10.41 1.62
OP1 LLP B 443 -2.17 -8.97 1.08
OP2 LLP B 443 -3.41 -10.86 2.04
OP3 LLP B 443 -1.15 -10.42 2.78
N LLP B 443 1.17 -14.90 7.17
CA LLP B 443 0.54 -16.18 6.81
CB LLP B 443 0.59 -16.43 5.31
CG LLP B 443 -0.51 -15.53 4.69
CD LLP B 443 -0.69 -15.75 3.18
CE LLP B 443 -2.06 -15.23 2.66
NZ LLP B 443 -1.84 -14.12 1.73
C LLP B 443 1.28 -17.26 7.62
O LLP B 443 1.09 -17.37 8.84
N ALA B 444 2.15 -18.03 6.98
CA ALA B 444 2.73 -19.18 7.64
C ALA B 444 3.90 -18.87 8.56
N GLY B 445 4.15 -17.58 8.82
CA GLY B 445 5.15 -17.18 9.81
C GLY B 445 4.65 -17.08 11.24
N TYR B 446 3.34 -17.19 11.46
CA TYR B 446 2.71 -17.07 12.78
C TYR B 446 2.97 -15.69 13.43
N VAL B 447 3.05 -14.67 12.61
CA VAL B 447 3.15 -13.28 13.05
C VAL B 447 1.80 -12.61 12.84
N PRO B 448 1.26 -11.88 13.82
CA PRO B 448 -0.05 -11.24 13.58
C PRO B 448 0.03 -10.17 12.49
N TYR B 449 -1.11 -9.91 11.85
CA TYR B 449 -1.20 -8.81 10.92
C TYR B 449 -0.83 -7.53 11.65
N PRO B 450 -0.17 -6.57 10.98
CA PRO B 450 0.24 -6.65 9.57
C PRO B 450 1.72 -7.01 9.40
N ALA B 451 2.06 -7.91 8.48
CA ALA B 451 3.45 -8.24 8.21
C ALA B 451 3.56 -9.01 6.90
N GLY B 452 3.69 -8.29 5.77
CA GLY B 452 4.05 -8.90 4.51
C GLY B 452 5.52 -8.61 4.22
N ALA B 453 6.05 -9.23 3.15
CA ALA B 453 7.44 -8.97 2.87
C ALA B 453 7.75 -9.20 1.41
N LEU B 454 8.72 -8.43 0.93
CA LEU B 454 9.23 -8.61 -0.41
C LEU B 454 10.74 -8.71 -0.32
N CYS B 455 11.33 -9.70 -1.02
CA CYS B 455 12.77 -9.84 -1.14
C CYS B 455 13.16 -9.79 -2.61
N TYR B 456 14.22 -9.03 -2.93
CA TYR B 456 14.82 -8.99 -4.25
C TYR B 456 16.12 -9.79 -4.26
N ARG B 457 16.27 -10.64 -5.28
CA ARG B 457 17.50 -11.38 -5.49
C ARG B 457 18.68 -10.44 -5.60
N ASP B 458 18.52 -9.37 -6.38
CA ASP B 458 19.50 -8.29 -6.51
C ASP B 458 18.87 -7.03 -5.93
N GLY B 459 19.33 -6.64 -4.72
CA GLY B 459 18.74 -5.54 -3.98
C GLY B 459 18.72 -4.24 -4.74
N ARG B 460 19.61 -4.07 -5.73
CA ARG B 460 19.61 -2.84 -6.52
C ARG B 460 18.29 -2.63 -7.22
N MET B 461 17.51 -3.70 -7.40
CA MET B 461 16.19 -3.58 -8.03
C MET B 461 15.32 -2.56 -7.31
N ARG B 462 15.49 -2.40 -5.99
CA ARG B 462 14.58 -1.52 -5.27
C ARG B 462 14.74 -0.07 -5.71
N TYR B 463 15.91 0.29 -6.25
CA TYR B 463 16.05 1.67 -6.67
C TYR B 463 15.16 2.00 -7.88
N LEU B 464 14.60 1.00 -8.55
CA LEU B 464 13.66 1.32 -9.61
C LEU B 464 12.37 1.93 -9.09
N LEU B 465 12.09 1.77 -7.79
CA LEU B 465 10.84 2.29 -7.24
C LEU B 465 10.93 3.75 -6.88
N THR B 466 11.97 4.43 -7.36
CA THR B 466 12.29 5.78 -6.91
C THR B 466 12.77 6.59 -8.11
N TRP B 467 13.02 7.87 -7.88
CA TRP B 467 13.78 8.67 -8.85
C TRP B 467 15.27 8.70 -8.52
N SER B 468 15.74 7.82 -7.65
CA SER B 468 17.12 7.91 -7.16
C SER B 468 18.00 6.81 -7.73
N ALA B 469 19.31 7.05 -7.65
CA ALA B 469 20.40 6.15 -7.97
C ALA B 469 21.15 5.77 -6.69
N PRO B 470 21.62 4.53 -6.57
CA PRO B 470 22.31 4.12 -5.32
C PRO B 470 23.54 4.98 -5.05
N TYR B 471 23.65 5.46 -3.81
CA TYR B 471 24.83 6.15 -3.30
C TYR B 471 25.70 5.19 -2.50
N LEU B 472 26.98 5.55 -2.38
CA LEU B 472 27.83 4.86 -1.43
C LEU B 472 27.41 5.25 -0.01
N ALA B 473 27.15 4.25 0.83
CA ALA B 473 26.74 4.53 2.20
C ALA B 473 27.91 5.06 3.02
N GLN B 474 27.60 5.96 3.96
CA GLN B 474 28.57 6.52 4.88
C GLN B 474 28.19 6.15 6.31
N GLY B 475 29.22 5.91 7.14
CA GLY B 475 28.97 5.45 8.50
C GLY B 475 28.28 6.46 9.37
N ASN B 476 28.52 7.76 9.12
CA ASN B 476 27.96 8.83 9.93
C ASN B 476 26.52 9.19 9.54
N GLU B 477 25.88 8.42 8.66
CA GLU B 477 24.49 8.70 8.30
C GLU B 477 23.76 7.38 8.11
N GLY B 478 22.82 7.10 9.00
CA GLY B 478 22.03 5.90 8.86
C GLY B 478 21.09 6.00 7.66
N GLN B 479 21.01 4.90 6.91
CA GLN B 479 20.24 4.85 5.68
C GLN B 479 18.79 4.51 6.00
N SER B 480 17.87 5.24 5.39
CA SER B 480 16.46 4.95 5.61
C SER B 480 16.03 3.76 4.74
N ILE B 481 15.41 2.76 5.37
CA ILE B 481 14.93 1.57 4.69
C ILE B 481 13.47 1.70 4.28
N GLY B 482 12.93 2.91 4.34
CA GLY B 482 11.50 3.07 4.15
C GLY B 482 11.11 3.90 2.96
N ILE B 483 12.03 4.12 2.04
CA ILE B 483 11.75 4.94 0.86
C ILE B 483 11.81 4.11 -0.43
N TYR B 484 11.72 2.77 -0.34
CA TYR B 484 11.88 1.88 -1.48
C TYR B 484 10.61 1.06 -1.71
N GLY B 485 9.44 1.63 -1.47
CA GLY B 485 8.23 0.87 -1.66
C GLY B 485 7.01 1.76 -1.80
N ILE B 486 5.84 1.14 -1.66
CA ILE B 486 4.60 1.88 -1.80
C ILE B 486 4.35 2.81 -0.62
N GLU B 487 4.69 2.34 0.59
CA GLU B 487 4.16 2.97 1.79
C GLU B 487 5.06 4.11 2.27
N GLY B 488 4.57 4.86 3.27
CA GLY B 488 5.32 5.93 3.89
C GLY B 488 5.62 5.55 5.35
N SER B 489 5.03 6.25 6.32
CA SER B 489 5.10 5.81 7.71
C SER B 489 4.80 4.32 7.84
N LYS B 490 5.61 3.63 8.65
CA LYS B 490 5.41 2.20 8.85
C LYS B 490 5.90 1.81 10.24
N PRO B 491 5.26 0.83 10.87
CA PRO B 491 5.55 0.50 12.26
C PRO B 491 6.87 -0.25 12.36
N GLY B 492 7.87 0.33 13.01
CA GLY B 492 9.00 -0.50 13.38
C GLY B 492 8.57 -1.69 14.23
N ALA B 493 7.43 -1.56 14.95
CA ALA B 493 6.95 -2.68 15.75
C ALA B 493 6.72 -3.93 14.92
N ALA B 494 6.32 -3.77 13.64
CA ALA B 494 6.13 -4.94 12.80
C ALA B 494 7.45 -5.67 12.57
N ALA B 495 8.53 -4.89 12.37
CA ALA B 495 9.84 -5.50 12.22
C ALA B 495 10.26 -6.23 13.49
N SER B 496 10.04 -5.62 14.65
CA SER B 496 10.39 -6.29 15.91
C SER B 496 9.62 -7.60 16.07
N ALA B 497 8.33 -7.59 15.69
CA ALA B 497 7.51 -8.81 15.77
C ALA B 497 8.08 -9.92 14.91
N VAL B 498 8.34 -9.62 13.64
CA VAL B 498 8.87 -10.69 12.80
C VAL B 498 10.22 -11.15 13.35
N PHE B 499 11.05 -10.21 13.80
CA PHE B 499 12.37 -10.54 14.29
C PHE B 499 12.28 -11.45 15.50
N MET B 500 11.37 -11.15 16.42
CA MET B 500 11.20 -12.01 17.60
C MET B 500 10.77 -13.41 17.18
N ALA B 501 9.86 -13.51 16.22
CA ALA B 501 9.46 -14.82 15.72
C ALA B 501 10.64 -15.58 15.15
N HIS B 502 11.41 -14.93 14.27
CA HIS B 502 12.56 -15.59 13.66
C HIS B 502 13.58 -16.05 14.69
N GLU B 503 13.86 -15.21 15.70
CA GLU B 503 14.93 -15.55 16.63
C GLU B 503 14.49 -16.58 17.65
N THR B 504 13.21 -16.60 18.01
CA THR B 504 12.68 -17.53 18.99
C THR B 504 12.32 -18.88 18.36
N ILE B 505 11.65 -18.87 17.22
CA ILE B 505 11.24 -20.13 16.59
C ILE B 505 12.39 -20.75 15.81
N GLY B 506 13.14 -19.93 15.06
CA GLY B 506 14.32 -20.40 14.33
C GLY B 506 14.03 -20.71 12.86
N LEU B 507 14.70 -20.03 11.93
CA LEU B 507 14.46 -20.21 10.50
C LEU B 507 15.26 -21.40 9.99
N THR B 508 14.97 -22.57 10.54
CA THR B 508 15.75 -23.78 10.28
C THR B 508 14.78 -24.96 10.29
N PRO B 509 15.23 -26.13 9.83
CA PRO B 509 14.38 -27.34 9.95
C PRO B 509 13.99 -27.66 11.38
N SER B 510 14.85 -27.37 12.37
CA SER B 510 14.54 -27.75 13.74
C SER B 510 13.63 -26.75 14.44
N GLY B 511 13.41 -25.57 13.83
CA GLY B 511 12.55 -24.54 14.39
C GLY B 511 11.26 -24.42 13.64
N TYR B 512 11.16 -23.47 12.69
CA TYR B 512 9.97 -23.36 11.86
C TYR B 512 9.69 -24.67 11.14
N GLY B 513 10.75 -25.37 10.72
CA GLY B 513 10.55 -26.65 10.08
C GLY B 513 9.79 -27.62 10.97
N ASN B 514 10.10 -27.62 12.26
CA ASN B 514 9.39 -28.49 13.21
C ASN B 514 7.91 -28.07 13.34
N LEU B 515 7.65 -26.78 13.55
CA LEU B 515 6.27 -26.30 13.67
C LEU B 515 5.45 -26.60 12.41
N LEU B 516 5.98 -26.24 11.23
CA LEU B 516 5.22 -26.44 10.01
C LEU B 516 5.11 -27.92 9.66
N GLY B 517 6.10 -28.73 10.06
CA GLY B 517 6.00 -30.16 9.86
C GLY B 517 4.94 -30.80 10.72
N GLN B 518 4.71 -30.27 11.92
CA GLN B 518 3.59 -30.76 12.73
C GLN B 518 2.25 -30.33 12.13
N ALA B 519 2.17 -29.08 11.64
CA ALA B 519 0.96 -28.69 10.91
C ALA B 519 0.73 -29.59 9.71
N MET B 520 1.81 -30.01 9.04
CA MET B 520 1.65 -30.81 7.83
C MET B 520 1.22 -32.23 8.16
N PHE B 521 1.73 -32.79 9.25
CA PHE B 521 1.21 -34.06 9.71
C PHE B 521 -0.28 -33.94 10.02
N THR B 522 -0.67 -32.84 10.68
CA THR B 522 -2.09 -32.62 10.96
C THR B 522 -2.89 -32.52 9.68
N CYS B 523 -2.35 -31.83 8.70
CA CYS B 523 -3.00 -31.67 7.40
C CYS B 523 -3.23 -33.02 6.75
N ARG B 524 -2.23 -33.89 6.81
CA ARG B 524 -2.39 -35.20 6.19
C ARG B 524 -3.38 -36.07 6.97
N ARG B 525 -3.43 -35.91 8.30
CA ARG B 525 -4.44 -36.61 9.09
C ARG B 525 -5.86 -36.18 8.73
N TYR B 526 -6.07 -34.88 8.52
CA TYR B 526 -7.34 -34.40 7.98
C TYR B 526 -7.63 -35.03 6.62
N ALA B 527 -6.63 -34.98 5.72
CA ALA B 527 -6.79 -35.46 4.36
C ALA B 527 -7.15 -36.94 4.33
N ALA B 528 -6.65 -37.73 5.28
CA ALA B 528 -7.05 -39.13 5.33
C ALA B 528 -8.56 -39.26 5.52
N HIS B 529 -9.15 -38.42 6.39
CA HIS B 529 -10.59 -38.43 6.58
C HIS B 529 -11.32 -37.99 5.32
N TRP B 530 -10.88 -36.87 4.71
CA TRP B 530 -11.54 -36.46 3.47
C TRP B 530 -11.42 -37.56 2.41
N SER B 531 -10.35 -38.34 2.45
CA SER B 531 -10.06 -39.28 1.39
C SER B 531 -10.76 -40.61 1.57
N ALA B 532 -11.21 -40.93 2.77
CA ALA B 532 -11.77 -42.25 2.98
C ALA B 532 -13.08 -42.26 3.74
N MET B 533 -13.65 -41.09 4.03
CA MET B 533 -14.80 -41.04 4.92
C MET B 533 -16.02 -41.72 4.30
N SER B 534 -16.32 -41.43 3.04
CA SER B 534 -17.52 -41.93 2.39
C SER B 534 -17.25 -43.29 1.78
N THR B 535 -18.32 -44.08 1.64
CA THR B 535 -18.24 -45.43 1.12
C THR B 535 -19.15 -45.56 -0.11
N ASP B 536 -19.41 -46.83 -0.48
CA ASP B 536 -20.33 -47.10 -1.58
C ASP B 536 -21.77 -46.88 -1.17
N THR B 537 -22.07 -46.88 0.14
CA THR B 537 -23.45 -46.88 0.61
C THR B 537 -23.80 -45.75 1.56
N THR B 538 -22.87 -44.86 1.89
CA THR B 538 -23.23 -43.66 2.63
C THR B 538 -24.15 -42.78 1.76
N SER B 539 -24.91 -41.92 2.42
CA SER B 539 -25.81 -41.01 1.71
C SER B 539 -25.03 -39.91 1.00
N PHE B 540 -23.78 -39.71 1.39
CA PHE B 540 -22.93 -38.66 0.88
C PHE B 540 -21.68 -39.31 0.28
N THR B 541 -20.98 -38.54 -0.55
CA THR B 541 -19.63 -38.88 -0.97
C THR B 541 -18.74 -37.69 -0.67
N VAL B 542 -17.47 -37.97 -0.33
CA VAL B 542 -16.46 -36.92 -0.19
C VAL B 542 -15.35 -37.23 -1.18
N THR B 543 -14.98 -36.25 -1.99
CA THR B 543 -13.97 -36.46 -3.02
C THR B 543 -12.84 -35.47 -2.79
N PRO B 544 -11.62 -35.92 -2.49
CA PRO B 544 -10.52 -34.96 -2.31
C PRO B 544 -10.02 -34.42 -3.64
N PHE B 545 -9.58 -33.16 -3.61
CA PHE B 545 -9.00 -32.55 -4.79
C PHE B 545 -7.73 -33.26 -5.23
N ASN B 546 -6.93 -33.74 -4.27
CA ASN B 546 -5.73 -34.52 -4.55
C ASN B 546 -6.08 -35.98 -4.37
N PRO B 547 -6.16 -36.78 -5.43
CA PRO B 547 -6.56 -38.18 -5.27
C PRO B 547 -5.55 -38.97 -4.43
N ILE B 548 -6.01 -40.06 -3.84
CA ILE B 548 -5.10 -40.96 -3.11
C ILE B 548 -4.20 -41.66 -4.13
N PRO B 549 -3.01 -42.15 -3.74
CA PRO B 549 -2.06 -42.66 -4.75
C PRO B 549 -2.65 -43.62 -5.78
N ALA B 550 -3.42 -44.62 -5.34
CA ALA B 550 -4.00 -45.60 -6.23
C ALA B 550 -5.10 -45.03 -7.12
N ASP B 551 -5.56 -43.82 -6.83
CA ASP B 551 -6.66 -43.19 -7.53
C ASP B 551 -6.17 -42.13 -8.50
N ILE B 552 -4.87 -41.86 -8.54
CA ILE B 552 -4.35 -40.83 -9.44
C ILE B 552 -4.63 -41.19 -10.89
N ASP B 553 -4.39 -42.43 -11.26
CA ASP B 553 -4.69 -42.93 -12.60
C ASP B 553 -6.20 -42.93 -12.82
N PRO B 554 -6.73 -42.18 -13.80
CA PRO B 554 -8.17 -42.18 -14.03
C PRO B 554 -8.71 -43.52 -14.49
N ASN B 555 -7.87 -44.42 -14.98
CA ASN B 555 -8.29 -45.75 -15.38
C ASN B 555 -7.84 -46.82 -14.39
N ALA B 556 -7.56 -46.42 -13.15
CA ALA B 556 -7.09 -47.37 -12.15
C ALA B 556 -8.14 -48.45 -11.91
N ASP B 557 -7.65 -49.63 -11.51
CA ASP B 557 -8.51 -50.69 -11.03
C ASP B 557 -9.26 -50.17 -9.81
N PRO B 558 -10.58 -50.02 -9.89
CA PRO B 558 -11.32 -49.53 -8.71
C PRO B 558 -11.20 -50.44 -7.49
N ALA B 559 -10.90 -51.73 -7.67
CA ALA B 559 -10.66 -52.58 -6.52
C ALA B 559 -9.46 -52.08 -5.72
N LYS B 560 -8.38 -51.70 -6.40
CA LYS B 560 -7.20 -51.17 -5.71
C LYS B 560 -7.51 -49.84 -5.02
N VAL B 561 -8.34 -49.01 -5.64
CA VAL B 561 -8.73 -47.74 -5.01
C VAL B 561 -9.49 -48.01 -3.72
N GLU B 562 -10.48 -48.91 -3.78
CA GLU B 562 -11.27 -49.23 -2.60
C GLU B 562 -10.41 -49.90 -1.53
N GLU B 563 -9.45 -50.74 -1.95
CA GLU B 563 -8.52 -51.35 -1.02
C GLU B 563 -7.69 -50.31 -0.29
N GLN B 564 -7.26 -49.27 -1.01
CA GLN B 564 -6.44 -48.25 -0.34
C GLN B 564 -7.29 -47.39 0.60
N LYS B 565 -8.54 -47.09 0.21
CA LYS B 565 -9.45 -46.41 1.14
C LYS B 565 -9.66 -47.22 2.42
N GLN B 566 -9.86 -48.54 2.27
CA GLN B 566 -10.05 -49.37 3.45
C GLN B 566 -8.78 -49.46 4.28
N PHE B 567 -7.62 -49.50 3.61
CA PHE B 567 -6.37 -49.42 4.34
C PHE B 567 -6.32 -48.16 5.19
N ILE B 568 -6.76 -47.03 4.63
CA ILE B 568 -6.81 -45.79 5.40
C ILE B 568 -7.74 -45.94 6.61
N ARG B 569 -8.92 -46.54 6.41
CA ARG B 569 -9.88 -46.72 7.51
C ARG B 569 -9.30 -47.63 8.60
N ASP B 570 -8.54 -48.66 8.21
CA ASP B 570 -8.08 -49.64 9.18
C ASP B 570 -6.79 -49.22 9.87
N ARG B 571 -5.95 -48.40 9.23
CA ARG B 571 -4.58 -48.19 9.71
C ARG B 571 -4.27 -46.76 10.11
N ILE B 572 -5.12 -45.79 9.78
CA ILE B 572 -4.87 -44.38 10.03
C ILE B 572 -6.02 -43.76 10.83
N LEU B 573 -7.24 -43.80 10.27
CA LEU B 573 -8.35 -43.08 10.88
C LEU B 573 -8.61 -43.56 12.31
N PHE B 574 -8.76 -42.61 13.23
CA PHE B 574 -9.14 -42.88 14.61
C PHE B 574 -8.08 -43.66 15.39
N LYS B 575 -6.84 -43.72 14.89
CA LYS B 575 -5.74 -44.28 15.68
C LYS B 575 -4.97 -43.13 16.33
N SER B 576 -4.23 -43.45 17.37
CA SER B 576 -3.40 -42.42 17.97
C SER B 576 -2.18 -42.11 17.09
N ASN B 577 -1.60 -40.92 17.29
CA ASN B 577 -0.35 -40.60 16.60
C ASN B 577 0.70 -41.68 16.83
N GLU B 578 0.82 -42.20 18.05
CA GLU B 578 1.84 -43.21 18.35
C GLU B 578 1.63 -44.47 17.54
N GLU B 579 0.39 -44.96 17.46
CA GLU B 579 0.12 -46.17 16.69
C GLU B 579 0.46 -45.95 15.22
N ILE B 580 0.07 -44.78 14.69
CA ILE B 580 0.31 -44.52 13.27
C ILE B 580 1.80 -44.41 12.99
N TYR B 581 2.52 -43.65 13.83
CA TYR B 581 3.93 -43.41 13.55
C TYR B 581 4.75 -44.69 13.57
N ASN B 582 4.34 -45.68 14.37
CA ASN B 582 5.00 -46.97 14.44
C ASN B 582 4.64 -47.90 13.29
N ASP B 583 3.76 -47.48 12.41
CA ASP B 583 3.29 -48.30 11.29
C ASP B 583 3.92 -47.69 10.01
N SER B 584 5.04 -48.27 9.57
CA SER B 584 5.79 -47.69 8.44
C SER B 584 4.90 -47.52 7.21
N GLU B 585 4.14 -48.56 6.89
CA GLU B 585 3.27 -48.51 5.73
C GLU B 585 2.24 -47.38 5.88
N ALA B 586 1.67 -47.23 7.08
CA ALA B 586 0.70 -46.17 7.30
C ALA B 586 1.32 -44.79 7.09
N MET B 587 2.54 -44.57 7.59
CA MET B 587 3.20 -43.27 7.40
C MET B 587 3.50 -43.02 5.93
N GLU B 588 3.99 -44.04 5.23
CA GLU B 588 4.26 -43.87 3.80
C GLU B 588 3.00 -43.47 3.06
N LEU B 589 1.87 -44.11 3.36
CA LEU B 589 0.63 -43.71 2.68
C LEU B 589 0.20 -42.32 3.10
N LEU B 590 0.17 -42.06 4.42
CA LEU B 590 -0.25 -40.76 4.94
C LEU B 590 0.57 -39.64 4.31
N HIS B 591 1.85 -39.88 4.06
CA HIS B 591 2.72 -38.89 3.44
C HIS B 591 2.19 -38.41 2.10
N GLN B 592 1.38 -39.21 1.41
CA GLN B 592 0.96 -38.91 0.05
C GLN B 592 -0.46 -38.36 -0.04
N LEU B 593 -1.10 -38.08 1.09
CA LEU B 593 -2.49 -37.65 1.10
C LEU B 593 -2.58 -36.14 1.16
N GLY B 594 -3.53 -35.57 0.43
CA GLY B 594 -3.87 -34.17 0.61
C GLY B 594 -2.97 -33.20 -0.14
N SER B 595 -3.01 -31.95 0.33
CA SER B 595 -2.40 -30.80 -0.33
C SER B 595 -0.88 -30.87 -0.30
N ASP B 596 -0.25 -30.22 -1.30
CA ASP B 596 1.20 -30.07 -1.27
C ASP B 596 1.64 -29.24 -0.07
N LEU B 597 0.94 -28.13 0.21
CA LEU B 597 1.35 -27.23 1.27
C LEU B 597 0.16 -26.87 2.16
N ASN B 598 -0.45 -27.88 2.76
CA ASN B 598 -1.29 -27.72 3.94
C ASN B 598 -2.61 -27.02 3.65
N ILE B 599 -3.13 -27.08 2.43
CA ILE B 599 -4.44 -26.50 2.12
C ILE B 599 -5.25 -27.59 1.39
N ASN B 600 -6.01 -28.37 2.15
CA ASN B 600 -6.78 -29.46 1.57
C ASN B 600 -8.03 -28.93 0.90
N VAL B 601 -8.29 -29.38 -0.32
CA VAL B 601 -9.54 -29.06 -0.99
C VAL B 601 -10.32 -30.34 -1.21
N PHE B 602 -11.64 -30.26 -1.04
CA PHE B 602 -12.48 -31.45 -1.20
C PHE B 602 -13.91 -31.03 -1.43
N ALA B 603 -14.73 -31.97 -1.90
CA ALA B 603 -16.12 -31.57 -2.16
C ALA B 603 -17.06 -32.76 -2.00
N CYS B 604 -18.31 -32.47 -1.62
CA CYS B 604 -19.28 -33.50 -1.31
C CYS B 604 -20.27 -33.68 -2.46
N ASN B 605 -20.79 -34.89 -2.57
CA ASN B 605 -21.92 -35.14 -3.45
C ASN B 605 -22.89 -36.01 -2.65
N PHE B 606 -24.05 -36.29 -3.23
CA PHE B 606 -25.04 -37.08 -2.49
C PHE B 606 -25.68 -38.11 -3.41
N ARG B 607 -26.35 -39.08 -2.77
CA ARG B 607 -27.13 -40.08 -3.49
C ARG B 607 -28.59 -39.99 -3.03
N ASP B 608 -29.51 -40.40 -3.90
CA ASP B 608 -30.89 -40.52 -3.48
C ASP B 608 -31.05 -41.75 -2.57
N ARG B 609 -32.28 -42.01 -2.14
CA ARG B 609 -32.48 -43.09 -1.17
C ARG B 609 -32.38 -44.47 -1.79
N ASP B 610 -32.36 -44.58 -3.11
CA ASP B 610 -32.04 -45.84 -3.77
C ASP B 610 -30.56 -45.93 -4.11
N ASN B 611 -29.76 -44.99 -3.58
CA ASN B 611 -28.31 -45.03 -3.69
C ASN B 611 -27.82 -44.65 -5.08
N ASN B 612 -28.56 -43.83 -5.81
CA ASN B 612 -28.10 -43.32 -7.09
C ASN B 612 -27.44 -41.97 -6.90
N LEU B 613 -26.25 -41.81 -7.49
CA LEU B 613 -25.47 -40.61 -7.29
C LEU B 613 -26.09 -39.45 -8.06
N ASN B 614 -26.18 -38.29 -7.40
CA ASN B 614 -26.54 -37.07 -8.09
C ASN B 614 -25.48 -36.69 -9.12
N THR B 615 -25.92 -36.24 -10.29
CA THR B 615 -24.98 -35.79 -11.31
C THR B 615 -25.15 -34.31 -11.65
N ASP B 616 -26.09 -33.62 -11.02
CA ASP B 616 -26.40 -32.22 -11.30
C ASP B 616 -25.45 -31.32 -10.54
N VAL B 617 -24.65 -30.53 -11.27
CA VAL B 617 -23.61 -29.71 -10.63
C VAL B 617 -24.25 -28.71 -9.67
N GLU B 618 -25.41 -28.15 -10.04
CA GLU B 618 -26.04 -27.14 -9.20
C GLU B 618 -26.63 -27.75 -7.92
N GLU B 619 -27.02 -29.02 -7.92
CA GLU B 619 -27.45 -29.65 -6.67
C GLU B 619 -26.26 -29.98 -5.76
N ALA B 620 -25.14 -30.44 -6.32
CA ALA B 620 -23.91 -30.58 -5.52
C ALA B 620 -23.49 -29.23 -4.96
N ASN B 621 -23.61 -28.16 -5.77
CA ASN B 621 -23.27 -26.82 -5.28
C ASN B 621 -24.17 -26.43 -4.12
N TRP B 622 -25.49 -26.67 -4.25
CA TRP B 622 -26.40 -26.42 -3.14
C TRP B 622 -25.92 -27.11 -1.87
N LEU B 623 -25.62 -28.40 -1.97
CA LEU B 623 -25.16 -29.15 -0.80
C LEU B 623 -23.87 -28.56 -0.22
N ASN B 624 -22.85 -28.36 -1.06
CA ASN B 624 -21.57 -27.93 -0.52
C ASN B 624 -21.64 -26.53 0.06
N ASN B 625 -22.41 -25.63 -0.56
CA ASN B 625 -22.60 -24.31 0.03
C ASN B 625 -23.32 -24.39 1.38
N ARG B 626 -24.30 -25.30 1.51
CA ARG B 626 -24.96 -25.43 2.81
C ARG B 626 -24.02 -26.01 3.87
N ILE B 627 -23.16 -26.95 3.49
CA ILE B 627 -22.17 -27.47 4.45
C ILE B 627 -21.24 -26.34 4.91
N PHE B 628 -20.73 -25.57 3.95
CA PHE B 628 -19.93 -24.40 4.28
C PHE B 628 -20.65 -23.49 5.26
N GLN B 629 -21.91 -23.17 4.99
CA GLN B 629 -22.68 -22.31 5.90
C GLN B 629 -22.73 -22.88 7.32
N ARG B 630 -22.95 -24.20 7.44
CA ARG B 630 -22.94 -24.84 8.77
C ARG B 630 -21.58 -24.69 9.45
N PHE B 631 -20.49 -24.62 8.66
CA PHE B 631 -19.15 -24.59 9.24
C PHE B 631 -18.44 -23.27 8.94
N SER B 632 -19.11 -22.15 9.17
CA SER B 632 -18.53 -20.83 8.94
C SER B 632 -19.47 -19.80 9.56
N VAL B 633 -18.97 -18.57 9.66
CA VAL B 633 -19.74 -17.42 10.13
C VAL B 633 -19.74 -16.36 9.03
N THR B 634 -20.91 -16.11 8.44
CA THR B 634 -20.99 -15.16 7.34
C THR B 634 -21.97 -14.03 7.58
N SER B 635 -22.57 -13.95 8.76
CA SER B 635 -23.43 -12.82 9.09
C SER B 635 -23.23 -12.44 10.55
N ALA B 636 -23.61 -11.21 10.88
CA ALA B 636 -23.57 -10.74 12.25
C ALA B 636 -24.64 -11.39 13.11
N GLU B 637 -25.63 -12.05 12.50
CA GLU B 637 -26.70 -12.66 13.28
C GLU B 637 -26.22 -13.93 14.02
N GLU B 638 -25.31 -14.70 13.43
CA GLU B 638 -24.88 -15.95 14.04
C GLU B 638 -24.11 -15.71 15.33
N ASN B 639 -24.28 -16.63 16.27
CA ASN B 639 -23.38 -16.71 17.42
C ASN B 639 -22.20 -17.56 17.00
N PRO B 640 -21.00 -16.99 16.81
CA PRO B 640 -19.87 -17.80 16.31
C PRO B 640 -19.41 -18.84 17.30
N LEU B 641 -19.72 -18.70 18.59
CA LEU B 641 -19.28 -19.71 19.53
C LEU B 641 -20.08 -21.01 19.40
N GLU B 642 -21.18 -21.02 18.64
CA GLU B 642 -21.97 -22.23 18.41
C GLU B 642 -21.51 -23.02 17.20
N THR B 643 -20.61 -22.49 16.39
CA THR B 643 -20.06 -23.25 15.28
C THR B 643 -18.96 -24.17 15.80
N PRO B 644 -19.10 -25.50 15.64
CA PRO B 644 -18.14 -26.44 16.24
C PRO B 644 -16.91 -26.74 15.39
N PHE B 645 -16.84 -26.24 14.15
CA PHE B 645 -15.79 -26.58 13.19
C PHE B 645 -15.88 -25.58 12.05
N PHE B 646 -14.73 -25.09 11.56
CA PHE B 646 -14.73 -24.01 10.56
C PHE B 646 -13.98 -24.43 9.30
N LEU B 647 -14.64 -24.28 8.15
CA LEU B 647 -14.04 -24.49 6.84
C LEU B 647 -14.13 -23.20 6.05
N SER B 648 -13.42 -23.15 4.94
CA SER B 648 -13.70 -22.13 3.94
C SER B 648 -14.27 -22.80 2.69
N SER B 649 -14.47 -22.00 1.66
CA SER B 649 -15.15 -22.50 0.47
C SER B 649 -14.71 -21.66 -0.69
N THR B 650 -14.75 -22.24 -1.89
CA THR B 650 -14.47 -21.44 -3.07
C THR B 650 -15.23 -22.04 -4.24
N THR B 651 -15.35 -21.25 -5.31
CA THR B 651 -15.96 -21.68 -6.56
C THR B 651 -14.85 -21.84 -7.59
N LEU B 652 -14.73 -23.02 -8.17
CA LEU B 652 -13.83 -23.22 -9.29
C LEU B 652 -14.63 -22.85 -10.52
N LYS B 653 -14.36 -21.67 -11.06
CA LYS B 653 -15.03 -21.23 -12.27
C LYS B 653 -14.43 -21.97 -13.46
N GLN B 654 -15.31 -22.51 -14.32
CA GLN B 654 -14.83 -23.21 -15.51
C GLN B 654 -13.88 -22.35 -16.31
N SER B 655 -14.13 -21.04 -16.38
CA SER B 655 -13.35 -20.17 -17.25
C SER B 655 -11.95 -19.91 -16.72
N GLU B 656 -11.73 -20.10 -15.43
CA GLU B 656 -10.40 -19.92 -14.84
C GLU B 656 -9.70 -21.25 -14.56
N TYR B 657 -10.45 -22.28 -14.14
CA TYR B 657 -9.89 -23.57 -13.77
C TYR B 657 -10.04 -24.63 -14.86
N GLY B 658 -10.65 -24.31 -16.02
CA GLY B 658 -10.81 -25.23 -17.14
C GLY B 658 -10.69 -26.72 -16.83
N VAL B 659 -9.63 -27.36 -17.35
CA VAL B 659 -9.54 -28.82 -17.25
C VAL B 659 -9.51 -29.27 -15.79
N CYS B 660 -9.01 -28.44 -14.89
CA CYS B 660 -8.98 -28.82 -13.49
C CYS B 660 -10.38 -28.89 -12.91
N ALA B 661 -11.23 -27.91 -13.24
CA ALA B 661 -12.62 -27.96 -12.73
C ALA B 661 -13.40 -29.11 -13.37
N THR B 662 -13.16 -29.35 -14.66
CA THR B 662 -13.77 -30.51 -15.30
C THR B 662 -13.39 -31.80 -14.59
N GLU B 663 -12.12 -31.94 -14.19
CA GLU B 663 -11.70 -33.21 -13.57
C GLU B 663 -12.28 -33.34 -12.16
N VAL B 664 -12.31 -32.24 -11.40
CA VAL B 664 -12.99 -32.26 -10.11
C VAL B 664 -14.42 -32.75 -10.26
N LYS B 665 -15.16 -32.19 -11.22
CA LYS B 665 -16.55 -32.63 -11.43
C LYS B 665 -16.60 -34.09 -11.86
N ARG B 666 -15.67 -34.52 -12.71
CA ARG B 666 -15.69 -35.92 -13.13
C ARG B 666 -15.51 -36.83 -11.94
N ARG B 667 -14.56 -36.53 -11.06
CA ARG B 667 -14.30 -37.45 -9.97
C ARG B 667 -15.42 -37.40 -8.94
N MET B 668 -16.14 -36.28 -8.85
CA MET B 668 -17.34 -36.24 -8.02
C MET B 668 -18.51 -37.00 -8.63
N GLY B 669 -18.42 -37.41 -9.89
CA GLY B 669 -19.53 -38.06 -10.56
C GLY B 669 -20.53 -37.12 -11.20
N LEU B 670 -20.18 -35.86 -11.38
CA LEU B 670 -21.07 -34.85 -11.94
C LEU B 670 -20.91 -34.76 -13.45
N VAL B 671 -21.97 -34.28 -14.10
CA VAL B 671 -21.98 -34.00 -15.54
C VAL B 671 -22.50 -32.59 -15.77
N GLY B 672 -21.71 -31.75 -16.41
CA GLY B 672 -22.13 -30.40 -16.77
C GLY B 672 -20.96 -29.43 -16.83
N ASP B 673 -21.21 -28.28 -17.47
CA ASP B 673 -20.19 -27.25 -17.67
C ASP B 673 -20.17 -26.19 -16.57
N GLN B 674 -21.06 -26.28 -15.59
CA GLN B 674 -21.20 -25.21 -14.60
C GLN B 674 -20.00 -25.14 -13.66
N ASP B 675 -19.78 -23.96 -13.10
CA ASP B 675 -18.79 -23.73 -12.06
C ASP B 675 -19.11 -24.60 -10.84
N VAL B 676 -18.08 -25.10 -10.17
CA VAL B 676 -18.31 -26.06 -9.09
C VAL B 676 -17.83 -25.47 -7.77
N ILE B 677 -18.68 -25.60 -6.72
CA ILE B 677 -18.30 -25.15 -5.37
C ILE B 677 -17.55 -26.28 -4.66
N VAL B 678 -16.45 -25.95 -3.99
CA VAL B 678 -15.66 -26.90 -3.20
C VAL B 678 -15.38 -26.30 -1.83
N LEU B 679 -15.02 -27.16 -0.91
CA LEU B 679 -14.66 -26.83 0.46
C LEU B 679 -13.15 -26.82 0.60
N ARG B 680 -12.68 -25.96 1.47
CA ARG B 680 -11.28 -25.69 1.67
C ARG B 680 -10.91 -25.75 3.14
N ASN B 681 -9.83 -26.45 3.43
CA ASN B 681 -9.43 -26.77 4.80
C ASN B 681 -7.93 -26.43 4.92
N VAL B 682 -7.65 -25.15 5.18
CA VAL B 682 -6.28 -24.70 5.48
C VAL B 682 -5.90 -25.21 6.87
N VAL B 683 -4.73 -25.82 6.98
CA VAL B 683 -4.29 -26.42 8.24
C VAL B 683 -3.03 -25.73 8.74
N MET B 684 -3.16 -24.96 9.82
CA MET B 684 -2.01 -24.35 10.47
C MET B 684 -1.80 -24.79 11.91
N SER B 685 -2.74 -25.55 12.46
CA SER B 685 -2.69 -25.89 13.87
C SER B 685 -1.75 -27.06 14.06
N PRO B 686 -0.83 -27.00 15.03
CA PRO B 686 -0.09 -28.18 15.44
C PRO B 686 -0.77 -29.02 16.50
N PHE B 687 -1.98 -28.63 16.95
CA PHE B 687 -2.60 -29.26 18.13
C PHE B 687 -3.72 -30.25 17.82
N THR B 688 -4.27 -30.24 16.60
CA THR B 688 -5.53 -30.93 16.34
C THR B 688 -5.41 -32.43 16.51
N THR B 689 -4.23 -33.02 16.30
CA THR B 689 -4.17 -34.48 16.41
C THR B 689 -4.01 -34.96 17.83
N THR B 690 -3.77 -34.06 18.78
CA THR B 690 -3.67 -34.45 20.18
C THR B 690 -4.95 -35.18 20.59
N ASN B 691 -4.79 -36.37 21.21
CA ASN B 691 -5.92 -37.20 21.62
C ASN B 691 -6.88 -37.47 20.46
N ASP B 692 -6.33 -37.47 19.25
CA ASP B 692 -7.11 -37.69 18.03
C ASP B 692 -8.31 -36.74 17.95
N PHE B 693 -8.11 -35.49 18.39
CA PHE B 693 -9.21 -34.54 18.28
C PHE B 693 -9.71 -34.43 16.83
N VAL B 694 -8.82 -34.58 15.86
CA VAL B 694 -9.21 -34.55 14.45
C VAL B 694 -10.35 -35.51 14.17
N GLY B 695 -10.28 -36.73 14.74
CA GLY B 695 -11.35 -37.67 14.56
C GLY B 695 -12.69 -37.11 14.99
N THR B 696 -12.73 -36.49 16.17
CA THR B 696 -13.95 -35.81 16.59
C THR B 696 -14.43 -34.84 15.50
N LEU B 697 -13.52 -34.02 14.98
CA LEU B 697 -13.93 -33.07 13.95
C LEU B 697 -14.47 -33.81 12.74
N ALA B 698 -13.77 -34.87 12.32
CA ALA B 698 -14.28 -35.64 11.21
C ALA B 698 -15.71 -36.09 11.49
N ASN B 699 -15.94 -36.66 12.68
CA ASN B 699 -17.29 -37.14 12.99
C ASN B 699 -18.27 -36.00 13.00
N THR B 700 -17.89 -34.85 13.58
CA THR B 700 -18.78 -33.69 13.52
C THR B 700 -19.12 -33.35 12.07
N PHE B 701 -18.09 -33.23 11.21
CA PHE B 701 -18.35 -32.96 9.80
C PHE B 701 -19.37 -33.95 9.26
N GLN B 702 -19.13 -35.25 9.48
CA GLN B 702 -20.00 -36.26 8.89
C GLN B 702 -21.42 -36.07 9.37
N LYS B 703 -21.61 -35.85 10.67
CA LYS B 703 -22.98 -35.67 11.15
C LYS B 703 -23.68 -34.57 10.36
N ILE B 704 -23.04 -33.40 10.26
CA ILE B 704 -23.68 -32.28 9.58
C ILE B 704 -23.95 -32.63 8.12
N VAL B 705 -22.98 -33.28 7.46
CA VAL B 705 -23.20 -33.60 6.05
C VAL B 705 -24.44 -34.45 5.92
N GLU B 706 -24.59 -35.43 6.81
CA GLU B 706 -25.75 -36.31 6.75
C GLU B 706 -27.03 -35.50 6.89
N GLU B 707 -27.08 -34.55 7.84
CA GLU B 707 -28.26 -33.70 7.92
C GLU B 707 -28.52 -33.02 6.58
N GLU B 708 -27.51 -32.35 6.02
CA GLU B 708 -27.78 -31.59 4.82
C GLU B 708 -28.17 -32.51 3.68
N VAL B 709 -27.60 -33.73 3.65
CA VAL B 709 -27.97 -34.64 2.57
C VAL B 709 -29.45 -35.01 2.64
N GLU B 710 -29.97 -35.14 3.85
CA GLU B 710 -31.40 -35.42 3.96
C GLU B 710 -32.19 -34.31 3.28
N TYR B 711 -31.82 -33.04 3.53
CA TYR B 711 -32.48 -31.93 2.84
C TYR B 711 -32.34 -32.08 1.33
N ALA B 712 -31.13 -32.40 0.87
CA ALA B 712 -30.93 -32.56 -0.57
C ALA B 712 -31.84 -33.62 -1.11
N ARG B 713 -31.99 -34.72 -0.36
CA ARG B 713 -32.85 -35.80 -0.82
C ARG B 713 -34.30 -35.34 -0.88
N ILE B 714 -34.72 -34.53 0.09
CA ILE B 714 -36.09 -34.05 0.00
C ILE B 714 -36.20 -33.11 -1.17
N ARG B 715 -35.17 -32.30 -1.40
CA ARG B 715 -35.22 -31.33 -2.47
C ARG B 715 -35.42 -32.00 -3.81
N ASN B 716 -34.83 -33.18 -3.99
CA ASN B 716 -34.75 -33.79 -5.30
C ASN B 716 -35.60 -35.02 -5.45
N ASP B 717 -36.53 -35.25 -4.53
CA ASP B 717 -37.42 -36.41 -4.59
C ASP B 717 -38.48 -36.18 -5.65
N MET B 718 -38.56 -37.08 -6.64
CA MET B 718 -39.51 -36.94 -7.74
C MET B 718 -40.81 -37.71 -7.50
N LYS B 719 -41.10 -38.10 -6.26
CA LYS B 719 -42.36 -38.79 -6.01
C LYS B 719 -43.53 -37.91 -6.42
N PRO B 720 -44.70 -38.49 -6.69
CA PRO B 720 -45.88 -37.67 -7.00
C PRO B 720 -46.16 -36.68 -5.88
N SER B 721 -46.65 -35.51 -6.25
CA SER B 721 -46.85 -34.45 -5.28
C SER B 721 -47.95 -33.53 -5.79
N ILE B 722 -48.13 -32.42 -5.08
CA ILE B 722 -49.18 -31.45 -5.36
C ILE B 722 -48.56 -30.28 -6.10
N HIS B 723 -49.17 -29.88 -7.21
CA HIS B 723 -48.65 -28.82 -8.05
C HIS B 723 -49.67 -27.70 -8.19
N THR B 724 -49.17 -26.50 -8.48
CA THR B 724 -49.97 -25.29 -8.62
C THR B 724 -49.99 -24.84 -10.07
N PHE B 725 -51.16 -24.36 -10.51
CA PHE B 725 -51.33 -23.86 -11.86
C PHE B 725 -52.14 -22.58 -11.84
N LEU B 726 -51.70 -21.61 -12.62
CA LEU B 726 -52.51 -20.45 -12.97
C LEU B 726 -53.52 -20.84 -14.04
N LEU B 727 -54.70 -20.23 -13.97
CA LEU B 727 -55.75 -20.40 -14.96
C LEU B 727 -55.81 -19.18 -15.87
N HIS B 728 -55.74 -19.42 -17.17
CA HIS B 728 -55.92 -18.38 -18.18
C HIS B 728 -57.15 -18.71 -19.02
N GLY B 729 -57.83 -17.67 -19.48
CA GLY B 729 -58.92 -17.80 -20.42
C GLY B 729 -60.28 -17.65 -19.76
N SER B 730 -61.32 -17.87 -20.57
CA SER B 730 -62.71 -17.77 -20.17
C SER B 730 -63.42 -19.08 -20.44
N GLY B 731 -64.72 -19.11 -20.17
CA GLY B 731 -65.50 -20.33 -20.38
C GLY B 731 -65.32 -20.91 -21.77
N GLU B 732 -65.07 -20.06 -22.76
CA GLU B 732 -64.82 -20.52 -24.12
C GLU B 732 -63.73 -21.59 -24.14
N GLN B 733 -62.52 -21.25 -23.71
CA GLN B 733 -61.47 -22.23 -23.57
C GLN B 733 -60.51 -21.81 -22.47
N TYR B 734 -60.07 -22.79 -21.70
CA TYR B 734 -59.20 -22.55 -20.56
C TYR B 734 -57.82 -23.13 -20.83
N TYR B 735 -56.82 -22.51 -20.21
CA TYR B 735 -55.45 -22.96 -20.22
C TYR B 735 -54.95 -23.01 -18.78
N LEU B 736 -54.11 -23.99 -18.49
CA LEU B 736 -53.37 -24.05 -17.24
C LEU B 736 -51.91 -23.74 -17.52
N VAL B 737 -51.33 -22.89 -16.68
CA VAL B 737 -49.91 -22.53 -16.73
C VAL B 737 -49.30 -22.98 -15.40
N HIS B 738 -48.47 -23.99 -15.43
CA HIS B 738 -47.81 -24.43 -14.22
C HIS B 738 -46.95 -23.30 -13.65
N THR B 739 -46.91 -23.20 -12.33
CA THR B 739 -45.96 -22.25 -11.70
C THR B 739 -44.70 -23.01 -11.30
N PRO B 740 -43.67 -23.01 -12.14
CA PRO B 740 -42.49 -23.83 -11.85
C PRO B 740 -41.71 -23.29 -10.65
N THR B 741 -40.89 -24.16 -10.08
CA THR B 741 -39.97 -23.74 -9.04
C THR B 741 -38.66 -24.49 -9.21
N ILE B 742 -37.58 -23.88 -8.73
CA ILE B 742 -36.35 -24.63 -8.62
C ILE B 742 -36.10 -25.11 -7.21
N HIS B 743 -36.99 -24.80 -6.26
CA HIS B 743 -36.82 -25.27 -4.89
C HIS B 743 -37.15 -26.73 -4.73
N MET B 744 -37.78 -27.34 -5.74
CA MET B 744 -38.09 -28.76 -5.76
C MET B 744 -37.84 -29.28 -7.16
N ALA B 745 -37.06 -30.37 -7.24
CA ALA B 745 -36.78 -31.00 -8.53
C ALA B 745 -38.05 -31.34 -9.28
N SER B 746 -39.11 -31.72 -8.54
CA SER B 746 -40.36 -32.12 -9.15
C SER B 746 -41.14 -30.94 -9.72
N GLY B 747 -40.73 -29.70 -9.43
CA GLY B 747 -41.35 -28.52 -9.99
C GLY B 747 -40.58 -27.88 -11.12
N ARG B 748 -39.47 -28.48 -11.55
CA ARG B 748 -38.59 -27.84 -12.55
C ARG B 748 -39.06 -28.20 -13.97
N ARG B 749 -40.28 -27.78 -14.28
CA ARG B 749 -40.88 -27.98 -15.59
C ARG B 749 -41.68 -26.74 -15.98
N GLN B 750 -41.56 -26.33 -17.24
CA GLN B 750 -42.42 -25.28 -17.78
C GLN B 750 -43.54 -25.96 -18.57
N ILE B 751 -44.78 -25.79 -18.12
CA ILE B 751 -45.90 -26.54 -18.69
C ILE B 751 -47.08 -25.62 -18.92
N ILE B 752 -47.61 -25.65 -20.13
CA ILE B 752 -48.82 -24.95 -20.54
C ILE B 752 -49.70 -25.94 -21.25
N LEU B 753 -50.96 -26.06 -20.81
CA LEU B 753 -51.91 -26.99 -21.39
C LEU B 753 -53.21 -26.27 -21.70
N SER B 754 -53.86 -26.66 -22.80
CA SER B 754 -55.27 -26.31 -22.98
C SER B 754 -56.08 -27.42 -22.35
N VAL B 755 -57.18 -27.04 -21.70
CA VAL B 755 -57.95 -27.99 -20.91
C VAL B 755 -59.42 -27.64 -20.94
N ASN B 756 -60.25 -28.59 -20.54
CA ASN B 756 -61.62 -28.32 -20.16
C ASN B 756 -61.69 -28.32 -18.63
N VAL B 757 -62.51 -27.43 -18.09
CA VAL B 757 -62.72 -27.31 -16.65
C VAL B 757 -64.16 -27.70 -16.36
N GLU B 758 -64.36 -28.87 -15.76
CA GLU B 758 -65.68 -29.29 -15.29
C GLU B 758 -65.85 -28.80 -13.86
N GLY B 759 -66.86 -27.97 -13.62
CA GLY B 759 -67.09 -27.44 -12.29
C GLY B 759 -67.95 -26.21 -12.35
N GLN B 760 -68.20 -25.67 -11.16
CA GLN B 760 -69.06 -24.49 -11.01
C GLN B 760 -68.22 -23.24 -10.73
N VAL B 761 -67.42 -22.87 -11.73
CA VAL B 761 -66.54 -21.72 -11.63
C VAL B 761 -66.88 -20.75 -12.76
N ARG B 762 -67.08 -19.47 -12.41
CA ARG B 762 -67.42 -18.47 -13.42
C ARG B 762 -67.47 -17.08 -12.81
N GLN B 763 -66.39 -16.30 -12.99
CA GLN B 763 -66.28 -14.97 -12.41
C GLN B 763 -65.50 -14.10 -13.40
N ALA B 764 -66.18 -13.09 -13.95
CA ALA B 764 -65.58 -12.22 -14.94
C ALA B 764 -65.09 -10.91 -14.32
N VAL B 771 -57.09 -8.88 -11.95
CA VAL B 771 -57.40 -8.45 -10.59
C VAL B 771 -56.78 -9.39 -9.53
N GLU B 772 -57.29 -10.62 -9.48
CA GLU B 772 -56.84 -11.61 -8.52
C GLU B 772 -56.58 -12.94 -9.21
N ALA B 773 -55.58 -13.65 -8.72
CA ALA B 773 -55.13 -14.86 -9.40
C ALA B 773 -56.09 -16.02 -9.14
N VAL B 774 -56.38 -16.76 -10.21
CA VAL B 774 -57.15 -17.99 -10.13
C VAL B 774 -56.16 -19.14 -10.22
N ILE B 775 -56.15 -20.00 -9.21
CA ILE B 775 -55.12 -21.02 -9.04
C ILE B 775 -55.76 -22.39 -8.87
N VAL B 776 -55.18 -23.39 -9.51
CA VAL B 776 -55.68 -24.75 -9.46
C VAL B 776 -54.57 -25.67 -8.94
N HIS B 777 -54.91 -26.50 -7.96
N HIS B 777 -54.91 -26.54 -8.01
CA HIS B 777 -54.05 -27.56 -7.45
CA HIS B 777 -54.00 -27.54 -7.47
C HIS B 777 -54.67 -28.90 -7.81
C HIS B 777 -54.61 -28.92 -7.65
N ASN B 778 -53.83 -29.86 -8.18
CA ASN B 778 -54.30 -31.23 -8.30
C ASN B 778 -54.52 -31.79 -6.91
N THR B 779 -55.59 -32.57 -6.74
CA THR B 779 -55.91 -33.14 -5.43
C THR B 779 -55.24 -34.50 -5.20
N VAL B 780 -54.99 -35.26 -6.25
CA VAL B 780 -54.29 -36.54 -6.16
C VAL B 780 -52.83 -36.34 -6.57
N PRO B 781 -51.86 -36.76 -5.77
CA PRO B 781 -50.46 -36.52 -6.12
C PRO B 781 -50.15 -37.10 -7.49
N LEU B 782 -49.35 -36.36 -8.26
CA LEU B 782 -49.00 -36.79 -9.60
C LEU B 782 -47.61 -36.26 -9.94
N ARG B 783 -47.01 -36.85 -10.96
CA ARG B 783 -45.75 -36.39 -11.53
C ARG B 783 -46.05 -35.56 -12.77
N LEU B 784 -45.43 -34.38 -12.86
CA LEU B 784 -45.67 -33.51 -14.00
C LEU B 784 -45.40 -34.23 -15.31
N ASP B 785 -44.35 -35.08 -15.34
CA ASP B 785 -43.98 -35.75 -16.57
C ASP B 785 -45.05 -36.72 -17.05
N GLU B 786 -45.97 -37.12 -16.18
CA GLU B 786 -47.02 -38.04 -16.57
C GLU B 786 -48.21 -37.34 -17.21
N ILE B 787 -48.23 -36.01 -17.23
CA ILE B 787 -49.31 -35.29 -17.88
C ILE B 787 -49.11 -35.39 -19.39
N VAL B 788 -50.02 -36.09 -20.06
CA VAL B 788 -49.92 -36.34 -21.50
C VAL B 788 -51.26 -35.99 -22.17
N ASP B 789 -51.22 -35.87 -23.49
CA ASP B 789 -52.43 -35.57 -24.24
C ASP B 789 -53.54 -36.55 -23.88
N GLY B 790 -54.73 -36.01 -23.63
CA GLY B 790 -55.88 -36.81 -23.28
C GLY B 790 -56.10 -37.00 -21.80
N GLY B 791 -55.10 -36.73 -20.96
CA GLY B 791 -55.21 -36.96 -19.54
C GLY B 791 -56.26 -36.07 -18.88
N SER B 792 -56.40 -36.29 -17.57
CA SER B 792 -57.33 -35.55 -16.73
C SER B 792 -56.89 -35.69 -15.29
N PHE B 793 -57.43 -34.83 -14.43
CA PHE B 793 -57.19 -34.95 -13.00
C PHE B 793 -58.13 -33.99 -12.27
N ASP B 794 -58.44 -34.33 -11.03
CA ASP B 794 -59.30 -33.49 -10.20
C ASP B 794 -58.48 -32.41 -9.50
N GLY B 795 -59.14 -31.29 -9.21
CA GLY B 795 -58.44 -30.17 -8.60
C GLY B 795 -59.34 -29.29 -7.76
N ILE B 796 -58.74 -28.23 -7.25
CA ILE B 796 -59.36 -27.30 -6.32
C ILE B 796 -58.98 -25.89 -6.75
N LEU B 797 -59.98 -25.02 -6.91
CA LEU B 797 -59.78 -23.64 -7.29
C LEU B 797 -59.76 -22.72 -6.07
N THR B 798 -58.95 -21.67 -6.17
CA THR B 798 -58.82 -20.70 -5.08
C THR B 798 -58.69 -19.33 -5.71
N ILE B 799 -59.75 -18.52 -5.62
CA ILE B 799 -59.73 -17.18 -6.19
C ILE B 799 -58.93 -16.29 -5.23
N GLY B 800 -57.72 -15.93 -5.65
CA GLY B 800 -56.82 -15.11 -4.84
C GLY B 800 -56.82 -15.48 -3.37
N LYS B 801 -57.19 -14.54 -2.51
CA LYS B 801 -57.18 -14.75 -1.07
C LYS B 801 -58.55 -15.13 -0.52
N ARG B 802 -59.50 -15.47 -1.39
CA ARG B 802 -60.85 -15.80 -0.92
C ARG B 802 -60.84 -17.09 -0.10
N LYS B 803 -61.43 -17.04 1.11
CA LYS B 803 -61.44 -18.19 2.00
C LYS B 803 -62.21 -19.36 1.41
N THR B 804 -63.17 -19.08 0.53
CA THR B 804 -63.96 -20.13 -0.08
C THR B 804 -63.18 -20.76 -1.23
N SER B 805 -63.43 -22.05 -1.45
CA SER B 805 -62.76 -22.82 -2.49
C SER B 805 -63.79 -23.49 -3.39
N PHE B 806 -63.31 -24.07 -4.48
CA PHE B 806 -64.16 -24.72 -5.46
C PHE B 806 -63.51 -26.00 -5.95
N LYS B 807 -64.26 -27.10 -5.91
CA LYS B 807 -63.80 -28.37 -6.47
C LYS B 807 -64.04 -28.39 -7.97
N VAL B 808 -63.11 -28.99 -8.71
CA VAL B 808 -63.10 -28.90 -10.17
C VAL B 808 -62.45 -30.15 -10.76
N LYS B 809 -62.78 -30.42 -12.02
CA LYS B 809 -62.22 -31.53 -12.78
C LYS B 809 -61.55 -30.99 -14.05
N ILE B 810 -60.25 -31.23 -14.17
CA ILE B 810 -59.48 -30.84 -15.36
C ILE B 810 -59.48 -32.02 -16.32
N SER B 811 -60.04 -31.80 -17.51
CA SER B 811 -60.15 -32.89 -18.47
C SER B 811 -59.74 -32.40 -19.85
N ASN B 812 -59.61 -33.35 -20.76
CA ASN B 812 -59.31 -33.06 -22.15
C ASN B 812 -58.03 -32.23 -22.28
N ILE B 813 -56.98 -32.70 -21.60
CA ILE B 813 -55.72 -31.97 -21.56
C ILE B 813 -55.03 -32.09 -22.92
N LYS B 814 -54.51 -30.98 -23.39
CA LYS B 814 -53.72 -30.97 -24.62
C LYS B 814 -52.48 -30.16 -24.25
N VAL B 815 -51.32 -30.78 -24.41
CA VAL B 815 -50.05 -30.17 -24.01
C VAL B 815 -49.64 -29.15 -25.07
N VAL B 816 -49.68 -27.87 -24.71
CA VAL B 816 -49.18 -26.85 -25.63
C VAL B 816 -47.66 -26.73 -25.51
N LYS B 817 -47.15 -26.70 -24.28
CA LYS B 817 -45.71 -26.71 -24.03
C LYS B 817 -45.43 -27.56 -22.79
N LYS B 818 -44.41 -28.40 -22.88
CA LYS B 818 -43.87 -29.09 -21.71
C LYS B 818 -42.36 -29.17 -21.93
N ARG B 819 -41.61 -28.33 -21.20
CA ARG B 819 -40.17 -28.25 -21.32
C ARG B 819 -39.50 -28.50 -19.96
N SER B 820 -38.27 -28.98 -20.00
CA SER B 820 -37.51 -29.26 -18.79
C SER B 820 -36.77 -28.02 -18.34
N LEU B 821 -36.89 -27.69 -17.05
CA LEU B 821 -36.09 -26.66 -16.42
C LEU B 821 -34.94 -27.26 -15.58
N MET B 822 -34.52 -28.46 -15.93
CA MET B 822 -33.40 -29.09 -15.24
C MET B 822 -32.12 -28.40 -15.71
N THR B 823 -31.08 -28.41 -14.88
CA THR B 823 -29.83 -27.76 -15.22
C THR B 823 -29.35 -28.17 -16.61
N GLU B 824 -29.37 -29.47 -16.87
CA GLU B 824 -28.82 -30.00 -18.11
C GLU B 824 -29.56 -29.52 -19.35
N ASP B 825 -30.79 -29.04 -19.19
CA ASP B 825 -31.60 -28.62 -20.34
C ASP B 825 -31.74 -27.12 -20.47
N LEU B 826 -31.09 -26.33 -19.63
CA LEU B 826 -31.16 -24.88 -19.68
C LEU B 826 -29.91 -24.31 -20.33
N GLU B 827 -29.98 -23.02 -20.65
N GLU B 827 -30.00 -23.03 -20.69
CA GLU B 827 -28.85 -22.32 -21.22
CA GLU B 827 -28.88 -22.28 -21.24
C GLU B 827 -28.08 -21.60 -20.13
C GLU B 827 -28.00 -21.77 -20.10
N SER B 828 -26.86 -21.18 -20.46
CA SER B 828 -26.07 -20.44 -19.49
C SER B 828 -26.10 -18.94 -19.75
N ALA B 829 -26.48 -18.51 -20.94
CA ALA B 829 -26.54 -17.10 -21.28
C ALA B 829 -27.99 -16.67 -21.48
N TYR B 830 -28.34 -15.55 -20.87
CA TYR B 830 -29.69 -15.02 -20.96
C TYR B 830 -29.97 -14.49 -22.36
N PRO B 831 -31.23 -14.51 -22.81
CA PRO B 831 -31.56 -13.86 -24.08
C PRO B 831 -31.44 -12.34 -23.97
N SER B 832 -30.98 -11.72 -25.06
CA SER B 832 -30.85 -10.27 -25.10
C SER B 832 -32.23 -9.60 -25.02
N LEU B 833 -33.18 -10.11 -25.80
CA LEU B 833 -34.55 -9.63 -25.81
C LEU B 833 -35.42 -10.70 -25.18
N MET B 834 -36.42 -10.30 -24.39
CA MET B 834 -37.18 -11.26 -23.58
C MET B 834 -38.17 -12.06 -24.43
N PRO B 835 -38.13 -13.40 -24.37
CA PRO B 835 -39.10 -14.22 -25.12
C PRO B 835 -40.29 -14.69 -24.30
N PHE B 836 -41.46 -14.78 -24.93
CA PHE B 836 -42.68 -15.24 -24.28
C PHE B 836 -43.35 -16.30 -25.14
N TYR B 837 -43.94 -17.30 -24.49
CA TYR B 837 -44.89 -18.14 -25.20
C TYR B 837 -46.17 -17.34 -25.42
N PHE B 838 -46.73 -17.47 -26.62
CA PHE B 838 -47.87 -16.71 -27.08
C PHE B 838 -48.89 -17.71 -27.60
N TYR B 839 -49.98 -17.90 -26.86
CA TYR B 839 -50.91 -19.00 -27.10
C TYR B 839 -52.32 -18.55 -26.82
N GLY B 840 -53.28 -19.33 -27.32
CA GLY B 840 -54.68 -19.09 -27.06
C GLY B 840 -55.53 -19.18 -28.31
N THR B 841 -56.59 -18.37 -28.37
CA THR B 841 -57.50 -18.31 -29.50
C THR B 841 -57.53 -16.90 -30.08
N GLN B 842 -58.13 -16.76 -31.26
CA GLN B 842 -58.12 -15.47 -31.93
C GLN B 842 -58.86 -14.43 -31.09
N GLY B 843 -58.19 -13.33 -30.79
CA GLY B 843 -58.75 -12.30 -29.93
C GLY B 843 -58.63 -12.57 -28.45
N HIS B 844 -58.15 -13.76 -28.03
CA HIS B 844 -58.00 -14.11 -26.62
C HIS B 844 -56.69 -14.89 -26.44
N ALA B 845 -55.57 -14.18 -26.54
CA ALA B 845 -54.26 -14.79 -26.41
C ALA B 845 -53.70 -14.58 -25.00
N HIS B 846 -52.59 -15.26 -24.72
CA HIS B 846 -52.00 -15.27 -23.39
C HIS B 846 -50.49 -15.33 -23.53
N LEU B 847 -49.79 -14.87 -22.47
CA LEU B 847 -48.35 -14.75 -22.45
C LEU B 847 -47.75 -15.48 -21.27
N ASP B 848 -46.60 -16.10 -21.48
CA ASP B 848 -45.85 -16.71 -20.40
C ASP B 848 -44.37 -16.65 -20.76
N HIS B 849 -43.58 -15.95 -19.94
CA HIS B 849 -42.15 -15.84 -20.14
C HIS B 849 -41.50 -17.22 -20.24
N VAL B 850 -40.70 -17.41 -21.28
CA VAL B 850 -39.94 -18.65 -21.46
C VAL B 850 -38.75 -18.64 -20.52
N ILE B 851 -38.62 -19.69 -19.71
CA ILE B 851 -37.52 -19.81 -18.75
C ILE B 851 -36.38 -20.54 -19.46
N THR B 852 -35.37 -19.81 -19.92
CA THR B 852 -34.23 -20.40 -20.62
C THR B 852 -32.99 -20.52 -19.75
N VAL B 853 -32.98 -19.88 -18.58
CA VAL B 853 -31.82 -19.82 -17.69
C VAL B 853 -32.37 -19.64 -16.28
N VAL B 854 -31.66 -20.18 -15.29
CA VAL B 854 -32.01 -19.80 -13.92
C VAL B 854 -30.74 -19.21 -13.30
N PRO B 855 -30.86 -18.23 -12.39
CA PRO B 855 -32.15 -17.77 -11.86
C PRO B 855 -32.99 -16.99 -12.89
N ASN B 856 -34.29 -16.91 -12.66
CA ASN B 856 -35.14 -16.17 -13.58
C ASN B 856 -36.37 -15.66 -12.85
N ILE B 857 -37.33 -15.16 -13.60
CA ILE B 857 -38.54 -14.57 -13.06
C ILE B 857 -39.72 -15.12 -13.85
N HIS B 858 -40.75 -15.56 -13.14
CA HIS B 858 -42.00 -15.97 -13.75
C HIS B 858 -42.83 -14.74 -14.08
N LEU B 859 -43.23 -14.62 -15.34
CA LEU B 859 -44.09 -13.54 -15.81
C LEU B 859 -45.17 -14.14 -16.69
N SER B 860 -46.43 -13.98 -16.29
CA SER B 860 -47.57 -14.43 -17.08
C SER B 860 -48.61 -13.32 -17.19
N ALA B 861 -49.31 -13.28 -18.33
CA ALA B 861 -50.40 -12.33 -18.52
C ALA B 861 -51.53 -13.07 -19.21
N GLY B 862 -52.66 -13.25 -18.52
CA GLY B 862 -53.81 -13.94 -19.05
C GLY B 862 -54.64 -13.08 -20.00
N GLU B 863 -54.84 -11.81 -19.66
CA GLU B 863 -55.60 -10.89 -20.50
C GLU B 863 -54.62 -9.92 -21.15
N ILE B 864 -54.54 -9.97 -22.49
CA ILE B 864 -53.69 -9.08 -23.27
C ILE B 864 -54.48 -8.68 -24.52
N GLN B 865 -53.97 -7.64 -25.20
CA GLN B 865 -54.51 -7.19 -26.47
C GLN B 865 -53.37 -7.19 -27.47
N TYR B 866 -53.48 -7.97 -28.54
CA TYR B 866 -52.40 -8.01 -29.51
C TYR B 866 -52.86 -7.39 -30.83
N LYS B 867 -51.92 -6.77 -31.53
CA LYS B 867 -52.16 -6.22 -32.87
C LYS B 867 -50.91 -6.45 -33.70
N PHE B 868 -51.03 -7.24 -34.77
CA PHE B 868 -49.94 -7.56 -35.67
C PHE B 868 -50.29 -7.11 -37.09
N ASP B 869 -49.25 -6.90 -37.90
CA ASP B 869 -49.44 -6.52 -39.31
C ASP B 869 -50.01 -7.65 -40.14
N ASP B 870 -50.08 -8.87 -39.59
CA ASP B 870 -50.67 -10.03 -40.27
C ASP B 870 -51.45 -10.82 -39.25
N GLU B 871 -52.72 -11.12 -39.52
CA GLU B 871 -53.48 -11.95 -38.61
C GLU B 871 -52.88 -13.36 -38.52
N VAL B 872 -52.76 -13.87 -37.32
CA VAL B 872 -52.18 -15.20 -37.09
C VAL B 872 -53.30 -16.22 -37.04
N SER B 873 -53.03 -17.42 -37.54
CA SER B 873 -54.05 -18.43 -37.71
C SER B 873 -54.35 -19.12 -36.38
N SER B 874 -55.55 -19.70 -36.29
CA SER B 874 -55.92 -20.43 -35.08
C SER B 874 -54.97 -21.60 -34.82
N GLU B 875 -54.42 -22.20 -35.88
CA GLU B 875 -53.46 -23.27 -35.72
C GLU B 875 -52.20 -22.78 -35.03
N ASP B 876 -51.67 -21.64 -35.48
CA ASP B 876 -50.47 -21.09 -34.85
C ASP B 876 -50.73 -20.73 -33.40
N LEU B 877 -51.84 -20.04 -33.12
CA LEU B 877 -52.16 -19.68 -31.75
C LEU B 877 -52.33 -20.91 -30.87
N ALA B 878 -52.99 -21.96 -31.37
CA ALA B 878 -53.16 -23.17 -30.57
C ALA B 878 -51.82 -23.85 -30.32
N LYS B 879 -50.97 -23.91 -31.33
CA LYS B 879 -49.69 -24.60 -31.18
C LYS B 879 -48.74 -23.85 -30.26
N GLY B 880 -48.91 -22.53 -30.14
CA GLY B 880 -48.08 -21.76 -29.24
C GLY B 880 -46.88 -21.16 -29.95
N LEU B 881 -46.90 -19.85 -30.16
CA LEU B 881 -45.83 -19.14 -30.84
C LEU B 881 -44.86 -18.61 -29.80
N ILE B 882 -43.75 -18.07 -30.29
CA ILE B 882 -42.77 -17.41 -29.43
C ILE B 882 -42.67 -15.96 -29.90
N VAL B 883 -42.99 -15.03 -29.02
CA VAL B 883 -42.91 -13.60 -29.33
C VAL B 883 -41.74 -13.01 -28.54
N VAL B 884 -40.92 -12.19 -29.22
CA VAL B 884 -39.72 -11.62 -28.62
C VAL B 884 -39.92 -10.11 -28.50
N ALA B 885 -39.80 -9.59 -27.27
CA ALA B 885 -40.05 -8.17 -27.01
C ALA B 885 -38.79 -7.36 -27.28
N GLU B 886 -38.82 -6.59 -28.38
CA GLU B 886 -37.73 -5.70 -28.74
C GLU B 886 -37.43 -4.67 -27.66
N ASN B 887 -38.40 -4.35 -26.80
CA ASN B 887 -38.20 -3.28 -25.82
C ASN B 887 -38.04 -3.82 -24.40
N VAL B 888 -37.77 -5.12 -24.26
CA VAL B 888 -37.50 -5.73 -22.94
C VAL B 888 -36.18 -6.47 -23.04
N HIS B 889 -35.13 -5.91 -22.44
CA HIS B 889 -33.77 -6.44 -22.56
C HIS B 889 -33.53 -7.33 -21.35
N GLU B 890 -33.87 -8.61 -21.51
CA GLU B 890 -33.92 -9.50 -20.36
C GLU B 890 -32.56 -9.61 -19.68
N ALA B 891 -31.52 -9.96 -20.43
CA ALA B 891 -30.21 -10.17 -19.81
C ALA B 891 -29.76 -8.97 -18.98
N SER B 892 -30.06 -7.75 -19.46
CA SER B 892 -29.62 -6.54 -18.79
C SER B 892 -30.25 -6.37 -17.42
N MET B 893 -31.38 -7.05 -17.16
CA MET B 893 -32.07 -6.97 -15.87
C MET B 893 -31.75 -8.13 -14.94
N GLN B 894 -30.98 -9.10 -15.40
CA GLN B 894 -30.78 -10.29 -14.56
C GLN B 894 -29.59 -10.09 -13.64
N PRO B 895 -29.65 -10.65 -12.41
CA PRO B 895 -30.83 -11.35 -11.88
C PRO B 895 -31.82 -10.35 -11.36
N PHE B 896 -33.11 -10.70 -11.42
CA PHE B 896 -34.14 -9.83 -10.92
C PHE B 896 -34.11 -9.81 -9.39
N PRO B 897 -34.31 -8.66 -8.76
CA PRO B 897 -34.41 -8.61 -7.29
C PRO B 897 -35.52 -9.53 -6.75
N LEU B 898 -35.31 -10.00 -5.53
CA LEU B 898 -36.30 -10.85 -4.87
C LEU B 898 -37.56 -10.05 -4.55
N MET B 899 -38.67 -10.76 -4.37
CA MET B 899 -39.96 -10.09 -4.24
C MET B 899 -39.94 -9.10 -3.08
N LYS B 900 -39.27 -9.46 -1.97
CA LYS B 900 -39.25 -8.54 -0.85
C LYS B 900 -38.44 -7.28 -1.14
N ASP B 901 -37.69 -7.22 -2.22
CA ASP B 901 -36.78 -6.11 -2.44
C ASP B 901 -37.19 -5.15 -3.55
N PHE B 902 -38.35 -5.35 -4.19
CA PHE B 902 -38.81 -4.37 -5.15
C PHE B 902 -40.33 -4.32 -5.11
N LYS B 903 -40.88 -3.15 -5.42
CA LYS B 903 -42.32 -2.92 -5.41
C LYS B 903 -42.83 -2.80 -6.84
N ILE B 904 -43.86 -3.59 -7.16
CA ILE B 904 -44.48 -3.51 -8.48
C ILE B 904 -45.38 -2.29 -8.50
N THR B 905 -45.14 -1.39 -9.46
CA THR B 905 -46.03 -0.27 -9.74
C THR B 905 -46.43 -0.36 -11.21
N ASN B 906 -47.20 0.63 -11.67
CA ASN B 906 -47.52 0.68 -13.09
C ASN B 906 -46.32 1.02 -13.96
N GLN B 907 -45.18 1.41 -13.37
CA GLN B 907 -43.96 1.64 -14.13
C GLN B 907 -43.17 0.36 -14.39
N PHE B 908 -43.38 -0.68 -13.59
CA PHE B 908 -42.74 -1.97 -13.86
C PHE B 908 -43.02 -2.40 -15.29
N PHE B 909 -41.98 -2.88 -15.96
CA PHE B 909 -42.11 -3.19 -17.38
C PHE B 909 -43.17 -4.26 -17.66
N PHE B 910 -43.49 -5.13 -16.69
CA PHE B 910 -44.50 -6.15 -16.91
C PHE B 910 -45.70 -5.87 -16.02
N SER B 911 -46.43 -4.80 -16.35
CA SER B 911 -47.59 -4.41 -15.58
C SER B 911 -48.70 -3.94 -16.51
N SER B 912 -49.89 -3.87 -15.94
CA SER B 912 -51.08 -3.49 -16.67
C SER B 912 -50.85 -2.16 -17.36
N GLY B 913 -51.13 -2.10 -18.66
CA GLY B 913 -50.95 -0.91 -19.44
C GLY B 913 -49.65 -0.87 -20.22
N GLN B 914 -48.67 -1.65 -19.84
CA GLN B 914 -47.40 -1.68 -20.56
C GLN B 914 -47.59 -2.29 -21.94
N ILE B 915 -46.83 -1.77 -22.91
CA ILE B 915 -46.89 -2.24 -24.28
C ILE B 915 -45.56 -2.89 -24.65
N LEU B 916 -45.63 -4.12 -25.14
CA LEU B 916 -44.49 -4.87 -25.66
C LEU B 916 -44.50 -4.76 -27.19
N ARG B 917 -43.38 -4.35 -27.76
CA ARG B 917 -43.21 -4.37 -29.20
C ARG B 917 -42.47 -5.66 -29.57
N VAL B 918 -43.08 -6.50 -30.39
CA VAL B 918 -42.65 -7.89 -30.52
C VAL B 918 -42.47 -8.28 -31.99
N LYS B 919 -41.55 -9.21 -32.20
CA LYS B 919 -41.50 -10.05 -33.39
C LYS B 919 -42.05 -11.42 -33.03
N VAL B 920 -42.71 -12.07 -33.99
CA VAL B 920 -43.42 -13.32 -33.76
C VAL B 920 -42.72 -14.42 -34.55
N TYR B 921 -42.49 -15.57 -33.91
CA TYR B 921 -41.81 -16.70 -34.51
C TYR B 921 -42.57 -17.98 -34.19
N ARG B 922 -42.42 -18.97 -35.06
CA ARG B 922 -42.91 -20.30 -34.75
C ARG B 922 -41.89 -21.00 -33.86
N ASP B 923 -42.38 -21.77 -32.91
CA ASP B 923 -41.53 -22.54 -32.00
C ASP B 923 -40.90 -23.68 -32.79
N PRO B 924 -39.57 -23.74 -32.91
CA PRO B 924 -38.93 -24.79 -33.71
C PRO B 924 -38.78 -26.13 -32.99
N TYR B 925 -39.22 -26.25 -31.75
CA TYR B 925 -39.10 -27.51 -31.01
C TYR B 925 -40.48 -28.11 -30.75
N PRO B 926 -40.57 -29.42 -30.56
CA PRO B 926 -41.89 -30.04 -30.38
C PRO B 926 -42.56 -29.59 -29.09
N ALA B 927 -43.87 -29.79 -29.06
CA ALA B 927 -44.67 -29.41 -27.89
C ALA B 927 -44.03 -29.93 -26.59
N SER B 928 -43.79 -31.23 -26.50
CA SER B 928 -43.18 -31.82 -25.31
C SER B 928 -41.76 -32.25 -25.60
N THR B 929 -40.84 -31.86 -24.71
CA THR B 929 -39.44 -32.17 -24.92
C THR B 929 -38.75 -32.15 -23.57
N MET B 930 -37.92 -33.16 -23.32
CA MET B 930 -37.03 -33.16 -22.17
C MET B 930 -35.60 -32.79 -22.56
N ASP B 931 -35.41 -32.28 -23.76
CA ASP B 931 -34.12 -31.83 -24.25
C ASP B 931 -34.03 -30.31 -24.26
N PRO B 932 -32.81 -29.76 -24.42
CA PRO B 932 -32.66 -28.31 -24.47
C PRO B 932 -33.43 -27.72 -25.64
N ILE B 933 -33.77 -26.44 -25.52
CA ILE B 933 -34.47 -25.69 -26.56
C ILE B 933 -33.77 -24.36 -26.74
N PRO B 934 -32.52 -24.36 -27.21
CA PRO B 934 -31.78 -23.09 -27.31
C PRO B 934 -32.49 -22.10 -28.22
N LEU B 935 -32.62 -20.85 -27.73
CA LEU B 935 -33.27 -19.78 -28.48
C LEU B 935 -32.34 -18.59 -28.72
N HIS B 936 -31.04 -18.76 -28.47
CA HIS B 936 -30.09 -17.66 -28.60
C HIS B 936 -30.21 -16.97 -29.96
N ASP B 937 -30.31 -17.76 -31.04
CA ASP B 937 -30.42 -17.24 -32.39
C ASP B 937 -31.84 -17.27 -32.92
N ILE B 938 -32.83 -17.10 -32.04
CA ILE B 938 -34.22 -17.07 -32.51
C ILE B 938 -34.40 -15.99 -33.56
N LYS B 939 -33.60 -14.91 -33.50
CA LYS B 939 -33.72 -13.81 -34.44
C LYS B 939 -33.41 -14.23 -35.87
N ASN B 940 -32.77 -15.38 -36.07
CA ASN B 940 -32.49 -15.90 -37.40
C ASN B 940 -33.57 -16.85 -37.88
N GLN B 941 -34.62 -17.03 -37.13
CA GLN B 941 -35.70 -17.84 -37.57
C GLN B 941 -36.62 -17.00 -38.45
N PRO B 942 -37.40 -17.63 -39.31
CA PRO B 942 -38.32 -16.83 -40.13
C PRO B 942 -39.28 -16.04 -39.26
N VAL B 943 -39.47 -14.77 -39.61
CA VAL B 943 -40.38 -13.90 -38.87
C VAL B 943 -41.79 -14.06 -39.42
N VAL B 944 -42.72 -14.50 -38.57
CA VAL B 944 -44.12 -14.65 -38.99
C VAL B 944 -44.78 -13.29 -39.22
N THR B 945 -44.67 -12.40 -38.24
CA THR B 945 -45.23 -11.05 -38.31
C THR B 945 -44.65 -10.28 -37.12
N GLN B 946 -45.12 -9.06 -36.91
CA GLN B 946 -44.61 -8.20 -35.86
C GLN B 946 -45.71 -7.24 -35.44
N GLY B 947 -45.57 -6.66 -34.26
CA GLY B 947 -46.61 -5.74 -33.81
C GLY B 947 -46.47 -5.47 -32.32
N THR B 948 -47.62 -5.26 -31.66
CA THR B 948 -47.60 -4.84 -30.27
C THR B 948 -48.56 -5.69 -29.46
N ILE B 949 -48.26 -5.78 -28.16
CA ILE B 949 -49.09 -6.47 -27.18
C ILE B 949 -49.23 -5.56 -25.98
N THR B 950 -50.46 -5.28 -25.59
CA THR B 950 -50.72 -4.47 -24.44
C THR B 950 -51.17 -5.43 -23.35
N LEU B 951 -50.66 -5.23 -22.15
CA LEU B 951 -51.00 -6.07 -21.05
C LEU B 951 -52.17 -5.48 -20.36
N VAL B 952 -53.18 -6.29 -20.14
CA VAL B 952 -54.37 -5.81 -19.50
C VAL B 952 -54.54 -6.31 -18.12
N GLY B 953 -54.54 -7.61 -17.98
CA GLY B 953 -54.79 -8.16 -16.68
C GLY B 953 -54.49 -9.60 -16.47
N ASN B 954 -54.94 -10.11 -15.33
CA ASN B 954 -54.59 -11.47 -14.91
C ASN B 954 -53.09 -11.69 -15.03
N ILE B 955 -52.34 -10.84 -14.33
CA ILE B 955 -50.88 -10.78 -14.45
C ILE B 955 -50.27 -11.41 -13.20
N TYR B 956 -49.26 -12.26 -13.39
CA TYR B 956 -48.60 -13.01 -12.33
C TYR B 956 -47.10 -12.77 -12.43
N VAL B 957 -46.50 -12.31 -11.34
CA VAL B 957 -45.09 -11.93 -11.29
C VAL B 957 -44.45 -12.58 -10.07
N ASP B 958 -43.36 -13.31 -10.26
CA ASP B 958 -42.73 -13.99 -9.12
C ASP B 958 -41.25 -14.15 -9.45
N SER B 959 -40.40 -13.39 -8.77
CA SER B 959 -38.96 -13.47 -8.93
C SER B 959 -38.30 -14.38 -7.91
N ASP B 960 -39.07 -14.99 -7.01
CA ASP B 960 -38.52 -15.84 -5.96
C ASP B 960 -38.49 -17.31 -6.33
N ALA B 961 -39.49 -17.77 -7.09
CA ALA B 961 -39.68 -19.21 -7.28
C ALA B 961 -38.54 -19.84 -8.07
N LEU B 962 -37.92 -19.07 -8.96
CA LEU B 962 -36.84 -19.54 -9.82
C LEU B 962 -35.49 -18.95 -9.43
N ASN B 963 -35.27 -18.77 -8.14
CA ASN B 963 -34.02 -18.20 -7.66
C ASN B 963 -33.69 -18.76 -6.28
N VAL B 964 -32.58 -19.48 -6.17
CA VAL B 964 -32.20 -20.07 -4.88
C VAL B 964 -31.95 -19.01 -3.81
N ALA B 965 -31.63 -17.78 -4.20
CA ALA B 965 -31.36 -16.75 -3.21
C ALA B 965 -32.54 -16.48 -2.28
N SER B 966 -33.77 -16.85 -2.67
CA SER B 966 -34.89 -16.64 -1.75
C SER B 966 -35.01 -17.75 -0.69
N GLU B 967 -34.18 -18.79 -0.71
CA GLU B 967 -34.38 -19.89 0.24
C GLU B 967 -33.74 -19.59 1.59
N PRO B 968 -34.22 -20.24 2.64
CA PRO B 968 -33.51 -20.15 3.92
C PRO B 968 -32.10 -20.72 3.78
N THR B 969 -31.17 -20.15 4.55
CA THR B 969 -29.82 -20.67 4.63
C THR B 969 -29.79 -21.90 5.55
N ALA B 970 -28.67 -22.64 5.47
CA ALA B 970 -28.51 -23.75 6.41
C ALA B 970 -28.48 -23.26 7.85
N ASP B 971 -27.96 -22.06 8.10
CA ASP B 971 -28.01 -21.55 9.46
C ASP B 971 -29.44 -21.39 9.96
N GLU B 972 -30.32 -20.83 9.11
CA GLU B 972 -31.70 -20.60 9.52
C GLU B 972 -32.45 -21.93 9.72
N ASP B 973 -32.29 -22.86 8.78
CA ASP B 973 -32.91 -24.17 8.96
C ASP B 973 -32.41 -24.84 10.23
N ALA B 974 -31.09 -24.83 10.46
CA ALA B 974 -30.57 -25.48 11.67
C ALA B 974 -31.10 -24.82 12.93
N ALA B 975 -31.32 -23.51 12.89
CA ALA B 975 -31.89 -22.81 14.04
C ALA B 975 -33.35 -23.14 14.24
N HIS B 976 -34.07 -23.55 13.20
CA HIS B 976 -35.48 -23.91 13.31
C HIS B 976 -35.72 -25.36 13.70
N VAL B 977 -34.69 -26.10 14.11
CA VAL B 977 -34.85 -27.48 14.57
C VAL B 977 -34.78 -27.56 16.10
C1 GOL C . -9.73 -31.97 23.29
O1 GOL C . -10.49 -32.06 24.48
C2 GOL C . -8.49 -32.96 23.31
O2 GOL C . -7.50 -32.56 24.21
C3 GOL C . -9.08 -34.38 23.60
O3 GOL C . -9.56 -34.98 22.34
H11 GOL C . -10.27 -32.17 22.51
H12 GOL C . -9.41 -31.07 23.15
HO1 GOL C . -11.30 -32.14 24.24
H2 GOL C . -8.06 -32.95 22.44
HO2 GOL C . -6.74 -32.76 23.88
H31 GOL C . -9.76 -34.30 24.28
H32 GOL C . -8.39 -34.93 24.01
HO3 GOL C . -9.01 -35.59 22.13
C1 GOL D . -6.21 33.54 15.56
O1 GOL D . -4.86 33.52 15.90
C2 GOL D . -6.65 34.89 15.90
O2 GOL D . -6.10 35.77 15.04
C3 GOL D . -8.17 34.83 15.83
O3 GOL D . -8.64 36.12 16.13
H11 GOL D . -6.37 33.37 14.62
H12 GOL D . -6.73 32.89 16.06
HO1 GOL D . -4.59 34.32 15.89
H2 GOL D . -6.34 35.15 16.78
HO2 GOL D . -6.68 35.94 14.44
H31 GOL D . -8.43 34.51 14.96
H32 GOL D . -8.49 34.18 16.47
HO3 GOL D . -9.02 36.40 15.42
C1 GOL E . 31.02 34.65 -19.99
O1 GOL E . 32.06 34.03 -20.73
C2 GOL E . 29.76 33.73 -20.07
O2 GOL E . 30.06 32.41 -19.84
C3 GOL E . 28.77 34.24 -18.98
O3 GOL E . 28.49 35.60 -19.27
H11 GOL E . 31.25 34.79 -19.05
H12 GOL E . 30.81 35.52 -20.34
HO1 GOL E . 32.65 34.63 -20.84
H2 GOL E . 29.36 33.76 -20.95
HO2 GOL E . 29.47 32.09 -19.33
H31 GOL E . 29.16 34.10 -18.11
H32 GOL E . 27.97 33.70 -19.00
HO3 GOL E . 28.17 35.93 -18.56
C FMT F . 45.36 27.54 2.51
O1 FMT F . 45.24 26.34 2.77
O2 FMT F . 44.49 28.38 2.77
H FMT F . 46.28 27.91 2.04
HO2 FMT F . 43.64 28.10 3.18
C FMT G . -19.33 29.86 3.86
O1 FMT G . -19.94 30.89 3.56
O2 FMT G . -19.87 28.77 3.75
H FMT G . -18.30 29.90 4.24
HO2 FMT G . -20.79 28.72 3.42
C FMT H . -29.69 14.42 -16.45
O1 FMT H . -29.67 14.31 -15.23
O2 FMT H . -30.68 14.10 -17.07
H FMT H . -28.83 14.79 -17.00
HO2 FMT H . -31.47 13.76 -16.61
C FMT I . -23.39 16.08 -3.97
O1 FMT I . -24.55 15.90 -3.61
O2 FMT I . -23.04 17.08 -4.63
H FMT I . -22.62 15.36 -3.73
HO2 FMT I . -23.71 17.75 -4.88
C FMT J . -22.14 7.24 -32.98
O1 FMT J . -23.05 7.73 -32.28
O2 FMT J . -20.96 7.63 -32.91
H FMT J . -22.36 6.44 -33.67
HO2 FMT J . -20.72 8.35 -32.30
C FMT K . 18.02 37.28 -0.95
O1 FMT K . 17.40 36.30 -0.51
O2 FMT K . 17.60 38.44 -0.78
H FMT K . 18.95 37.16 -1.52
HO2 FMT K . 16.77 38.59 -0.28
NA NA L . 23.18 13.79 16.81
NA NA M . 32.32 39.18 -4.36
C1 GOL N . 10.79 17.62 35.70
O1 GOL N . 12.07 18.09 35.32
C2 GOL N . 9.68 18.64 35.26
O2 GOL N . 8.39 18.34 35.78
C3 GOL N . 10.19 19.98 35.73
O3 GOL N . 10.24 19.88 37.11
H11 GOL N . 10.58 16.75 35.31
H12 GOL N . 10.73 17.48 36.65
HO1 GOL N . 12.53 18.13 36.03
H2 GOL N . 9.58 18.64 34.29
HO2 GOL N . 7.98 17.88 35.20
H31 GOL N . 11.04 20.18 35.31
H32 GOL N . 9.58 20.68 35.43
HO3 GOL N . 9.68 19.29 37.34
C1 GOL O . 5.95 -37.46 -1.63
O1 GOL O . 5.37 -37.98 -2.79
C2 GOL O . 7.28 -38.07 -1.58
O2 GOL O . 7.79 -38.15 -2.82
C3 GOL O . 8.14 -37.19 -0.66
O3 GOL O . 8.83 -38.07 0.25
H11 GOL O . 6.03 -36.50 -1.64
H12 GOL O . 5.44 -37.69 -0.84
HO1 GOL O . 5.48 -37.40 -3.39
H2 GOL O . 7.22 -38.98 -1.24
HO2 GOL O . 7.41 -37.56 -3.29
H31 GOL O . 8.73 -36.64 -1.19
H32 GOL O . 7.57 -36.56 -0.18
HO3 GOL O . 9.52 -37.66 0.50
C FMT P . -45.54 -26.54 -8.19
O1 FMT P . -45.35 -25.70 -7.32
O2 FMT P . -44.77 -27.49 -8.39
H FMT P . -46.42 -26.48 -8.85
HO2 FMT P . -43.97 -27.59 -7.82
C FMT Q . 28.78 -4.85 -22.14
O1 FMT Q . 29.40 -5.05 -23.16
O2 FMT Q . 28.50 -5.78 -21.41
H FMT Q . 28.45 -3.84 -21.86
HO2 FMT Q . 28.77 -6.69 -21.64
C FMT R . 22.89 -12.72 -12.36
O1 FMT R . 23.65 -12.29 -11.49
O2 FMT R . 23.18 -12.66 -13.55
H FMT R . 21.94 -13.18 -12.09
HO2 FMT R . 24.02 -12.25 -13.84
C FMT S . 21.11 8.32 -33.80
O1 FMT S . 20.19 8.20 -32.99
O2 FMT S . 22.01 7.47 -33.89
H FMT S . 21.15 9.17 -34.48
HO2 FMT S . 22.01 6.68 -33.30
C FMT T . -28.27 -44.14 2.72
O1 FMT T . -29.47 -43.93 2.97
O2 FMT T . -27.85 -44.21 1.55
H FMT T . -27.55 -44.24 3.52
HO2 FMT T . -28.47 -44.12 0.79
C FMT U . -18.78 -33.34 -17.96
O1 FMT U . -19.48 -32.49 -17.43
O2 FMT U . -17.59 -33.46 -17.66
H FMT U . -19.20 -34.03 -18.70
HO2 FMT U . -17.19 -32.87 -17.00
NA NA V . -22.87 -20.28 9.72
NA NA W . -32.62 -33.60 -20.74
#